data_1CTO
# 
_entry.id   1CTO 
# 
_audit_conform.dict_name       mmcif_pdbx.dic 
_audit_conform.dict_version    5.397 
_audit_conform.dict_location   http://mmcif.pdb.org/dictionaries/ascii/mmcif_pdbx.dic 
# 
loop_
_database_2.database_id 
_database_2.database_code 
_database_2.pdbx_database_accession 
_database_2.pdbx_DOI 
PDB   1CTO         pdb_00001cto 10.2210/pdb1cto/pdb 
WWPDB D_1000172525 ?            ?                   
# 
loop_
_pdbx_audit_revision_history.ordinal 
_pdbx_audit_revision_history.data_content_type 
_pdbx_audit_revision_history.major_revision 
_pdbx_audit_revision_history.minor_revision 
_pdbx_audit_revision_history.revision_date 
1 'Structure model' 1 0 1997-10-22 
2 'Structure model' 1 1 2008-03-24 
3 'Structure model' 1 2 2011-07-13 
4 'Structure model' 1 3 2018-03-14 
5 'Structure model' 1 4 2024-10-23 
# 
_pdbx_audit_revision_details.ordinal             1 
_pdbx_audit_revision_details.revision_ordinal    1 
_pdbx_audit_revision_details.data_content_type   'Structure model' 
_pdbx_audit_revision_details.provider            repository 
_pdbx_audit_revision_details.type                'Initial release' 
_pdbx_audit_revision_details.description         ? 
_pdbx_audit_revision_details.details             ? 
# 
loop_
_pdbx_audit_revision_group.ordinal 
_pdbx_audit_revision_group.revision_ordinal 
_pdbx_audit_revision_group.data_content_type 
_pdbx_audit_revision_group.group 
1 2 'Structure model' 'Version format compliance' 
2 3 'Structure model' 'Version format compliance' 
3 4 'Structure model' 'Data collection'           
4 4 'Structure model' 'Derived calculations'      
5 4 'Structure model' Other                       
6 5 'Structure model' 'Data collection'           
7 5 'Structure model' 'Database references'       
8 5 'Structure model' 'Structure summary'         
# 
loop_
_pdbx_audit_revision_category.ordinal 
_pdbx_audit_revision_category.revision_ordinal 
_pdbx_audit_revision_category.data_content_type 
_pdbx_audit_revision_category.category 
1  4 'Structure model' pdbx_database_status      
2  4 'Structure model' pdbx_nmr_software         
3  4 'Structure model' pdbx_nmr_spectrometer     
4  4 'Structure model' pdbx_struct_assembly      
5  4 'Structure model' pdbx_struct_assembly_prop 
6  4 'Structure model' pdbx_struct_oper_list     
7  5 'Structure model' chem_comp_atom            
8  5 'Structure model' chem_comp_bond            
9  5 'Structure model' database_2                
10 5 'Structure model' pdbx_entry_details        
11 5 'Structure model' pdbx_modification_feature 
12 5 'Structure model' struct_ref_seq_dif        
# 
loop_
_pdbx_audit_revision_item.ordinal 
_pdbx_audit_revision_item.revision_ordinal 
_pdbx_audit_revision_item.data_content_type 
_pdbx_audit_revision_item.item 
1 4 'Structure model' '_pdbx_database_status.process_site'    
2 4 'Structure model' '_pdbx_nmr_software.authors'            
3 4 'Structure model' '_pdbx_nmr_software.name'               
4 4 'Structure model' '_pdbx_nmr_software.version'            
5 4 'Structure model' '_pdbx_nmr_spectrometer.field_strength' 
6 5 'Structure model' '_database_2.pdbx_DOI'                  
7 5 'Structure model' '_database_2.pdbx_database_accession'   
8 5 'Structure model' '_struct_ref_seq_dif.details'           
# 
_pdbx_database_status.status_code                     REL 
_pdbx_database_status.entry_id                        1CTO 
_pdbx_database_status.recvd_initial_deposition_date   1996-09-25 
_pdbx_database_status.deposit_site                    ? 
_pdbx_database_status.process_site                    BNL 
_pdbx_database_status.SG_entry                        . 
_pdbx_database_status.pdb_format_compatible           Y 
_pdbx_database_status.status_code_mr                  ? 
_pdbx_database_status.status_code_sf                  ? 
_pdbx_database_status.status_code_cs                  ? 
_pdbx_database_status.methods_development_category    ? 
_pdbx_database_status.status_code_nmr_data            ? 
# 
loop_
_audit_author.name 
_audit_author.pdbx_ordinal 
'Yamasaki, K.' 1 
'Naito, S.'    2 
'Anaguchi, H.' 3 
'Ohkubo, T.'   4 
'Ota, Y.'      5 
# 
loop_
_citation.id 
_citation.title 
_citation.journal_abbrev 
_citation.journal_volume 
_citation.page_first 
_citation.page_last 
_citation.year 
_citation.journal_id_ASTM 
_citation.country 
_citation.journal_id_ISSN 
_citation.journal_id_CSD 
_citation.book_publisher 
_citation.pdbx_database_id_PubMed 
_citation.pdbx_database_id_DOI 
primary 
;Solution structure of an extracellular domain containing the WSxWS motif of the granulocyte colony-stimulating factor receptor and its interaction with ligand.
;
Nat.Struct.Biol. 4   498   504 1997 NSBIEW US 1072-8368 2024 ? 9187659 10.1038/nsb0697-498 
1       
;Ligand Binding Characteristics of the Carboxyl-Terminal Domain of the Cytokine Receptor Homologous Region of the Granulocyte Colony-Stimulating Factor Receptor
;
J.Biol.Chem.     270 27845 ?   1995 JBCHA3 US 0021-9258 0071 ? ?       ?                   
# 
loop_
_citation_author.citation_id 
_citation_author.name 
_citation_author.ordinal 
_citation_author.identifier_ORCID 
primary 'Yamasaki, K.' 1  ? 
primary 'Naito, S.'    2  ? 
primary 'Anaguchi, H.' 3  ? 
primary 'Ohkubo, T.'   4  ? 
primary 'Ota, Y.'      5  ? 
1       'Anaguchi, H.' 6  ? 
1       'Hiraoka, O.'  7  ? 
1       'Yamasaki, K.' 8  ? 
1       'Naito, S.'    9  ? 
1       'Ota, Y.'      10 ? 
# 
_entity.id                         1 
_entity.type                       polymer 
_entity.src_method                 man 
_entity.pdbx_description           'GRANULOCYTE COLONY-STIMULATING FACTOR RECEPTOR' 
_entity.formula_weight             12536.452 
_entity.pdbx_number_of_molecules   1 
_entity.pdbx_ec                    ? 
_entity.pdbx_mutation              'INS(G1,S2,S3)' 
_entity.pdbx_fragment              'C-TERMINAL DOMAIN OF THE LIGAND-BINDING REGION' 
_entity.details                    ? 
# 
_entity_poly.entity_id                      1 
_entity_poly.type                           'polypeptide(L)' 
_entity_poly.nstd_linkage                   no 
_entity_poly.nstd_monomer                   no 
_entity_poly.pdbx_seq_one_letter_code       
;GSSLEPPMLQALDIGPDVVSHQPGCLWLSWKPWKPSEYMEQECELRYQPQLKGANWTLVFHLPSSKDQFELCGLHQAPVY
TLQMRCIRSSLPGFWSPWSPGLQLRPTMK
;
_entity_poly.pdbx_seq_one_letter_code_can   
;GSSLEPPMLQALDIGPDVVSHQPGCLWLSWKPWKPSEYMEQECELRYQPQLKGANWTLVFHLPSSKDQFELCGLHQAPVY
TLQMRCIRSSLPGFWSPWSPGLQLRPTMK
;
_entity_poly.pdbx_strand_id                 A 
_entity_poly.pdbx_target_identifier         ? 
# 
loop_
_entity_poly_seq.entity_id 
_entity_poly_seq.num 
_entity_poly_seq.mon_id 
_entity_poly_seq.hetero 
1 1   GLY n 
1 2   SER n 
1 3   SER n 
1 4   LEU n 
1 5   GLU n 
1 6   PRO n 
1 7   PRO n 
1 8   MET n 
1 9   LEU n 
1 10  GLN n 
1 11  ALA n 
1 12  LEU n 
1 13  ASP n 
1 14  ILE n 
1 15  GLY n 
1 16  PRO n 
1 17  ASP n 
1 18  VAL n 
1 19  VAL n 
1 20  SER n 
1 21  HIS n 
1 22  GLN n 
1 23  PRO n 
1 24  GLY n 
1 25  CYS n 
1 26  LEU n 
1 27  TRP n 
1 28  LEU n 
1 29  SER n 
1 30  TRP n 
1 31  LYS n 
1 32  PRO n 
1 33  TRP n 
1 34  LYS n 
1 35  PRO n 
1 36  SER n 
1 37  GLU n 
1 38  TYR n 
1 39  MET n 
1 40  GLU n 
1 41  GLN n 
1 42  GLU n 
1 43  CYS n 
1 44  GLU n 
1 45  LEU n 
1 46  ARG n 
1 47  TYR n 
1 48  GLN n 
1 49  PRO n 
1 50  GLN n 
1 51  LEU n 
1 52  LYS n 
1 53  GLY n 
1 54  ALA n 
1 55  ASN n 
1 56  TRP n 
1 57  THR n 
1 58  LEU n 
1 59  VAL n 
1 60  PHE n 
1 61  HIS n 
1 62  LEU n 
1 63  PRO n 
1 64  SER n 
1 65  SER n 
1 66  LYS n 
1 67  ASP n 
1 68  GLN n 
1 69  PHE n 
1 70  GLU n 
1 71  LEU n 
1 72  CYS n 
1 73  GLY n 
1 74  LEU n 
1 75  HIS n 
1 76  GLN n 
1 77  ALA n 
1 78  PRO n 
1 79  VAL n 
1 80  TYR n 
1 81  THR n 
1 82  LEU n 
1 83  GLN n 
1 84  MET n 
1 85  ARG n 
1 86  CYS n 
1 87  ILE n 
1 88  ARG n 
1 89  SER n 
1 90  SER n 
1 91  LEU n 
1 92  PRO n 
1 93  GLY n 
1 94  PHE n 
1 95  TRP n 
1 96  SER n 
1 97  PRO n 
1 98  TRP n 
1 99  SER n 
1 100 PRO n 
1 101 GLY n 
1 102 LEU n 
1 103 GLN n 
1 104 LEU n 
1 105 ARG n 
1 106 PRO n 
1 107 THR n 
1 108 MET n 
1 109 LYS n 
# 
_entity_src_gen.entity_id                          1 
_entity_src_gen.pdbx_src_id                        1 
_entity_src_gen.pdbx_alt_source_flag               sample 
_entity_src_gen.pdbx_seq_type                      ? 
_entity_src_gen.pdbx_beg_seq_num                   ? 
_entity_src_gen.pdbx_end_seq_num                   ? 
_entity_src_gen.gene_src_common_name               'house mouse' 
_entity_src_gen.gene_src_genus                     Mus 
_entity_src_gen.pdbx_gene_src_gene                 ? 
_entity_src_gen.gene_src_species                   ? 
_entity_src_gen.gene_src_strain                    ? 
_entity_src_gen.gene_src_tissue                    ? 
_entity_src_gen.gene_src_tissue_fraction           ? 
_entity_src_gen.gene_src_details                   ? 
_entity_src_gen.pdbx_gene_src_fragment             ? 
_entity_src_gen.pdbx_gene_src_scientific_name      'Mus musculus' 
_entity_src_gen.pdbx_gene_src_ncbi_taxonomy_id     10090 
_entity_src_gen.pdbx_gene_src_variant              ? 
_entity_src_gen.pdbx_gene_src_cell_line            ? 
_entity_src_gen.pdbx_gene_src_atcc                 ? 
_entity_src_gen.pdbx_gene_src_organ                ? 
_entity_src_gen.pdbx_gene_src_organelle            ? 
_entity_src_gen.pdbx_gene_src_cell                 ? 
_entity_src_gen.pdbx_gene_src_cellular_location    ? 
_entity_src_gen.host_org_common_name               ? 
_entity_src_gen.pdbx_host_org_scientific_name      'Escherichia coli' 
_entity_src_gen.pdbx_host_org_ncbi_taxonomy_id     562 
_entity_src_gen.host_org_genus                     Escherichia 
_entity_src_gen.pdbx_host_org_gene                 ? 
_entity_src_gen.pdbx_host_org_organ                ? 
_entity_src_gen.host_org_species                   ? 
_entity_src_gen.pdbx_host_org_tissue               ? 
_entity_src_gen.pdbx_host_org_tissue_fraction      ? 
_entity_src_gen.pdbx_host_org_strain               ? 
_entity_src_gen.pdbx_host_org_variant              ? 
_entity_src_gen.pdbx_host_org_cell_line            ? 
_entity_src_gen.pdbx_host_org_atcc                 ? 
_entity_src_gen.pdbx_host_org_culture_collection   ? 
_entity_src_gen.pdbx_host_org_cell                 ? 
_entity_src_gen.pdbx_host_org_organelle            ? 
_entity_src_gen.pdbx_host_org_cellular_location    ? 
_entity_src_gen.pdbx_host_org_vector_type          ? 
_entity_src_gen.pdbx_host_org_vector               ? 
_entity_src_gen.host_org_details                   ? 
_entity_src_gen.expression_system_id               ? 
_entity_src_gen.plasmid_name                       PMAL-P 
_entity_src_gen.plasmid_details                    ? 
_entity_src_gen.pdbx_description                   'EXPRESSED AS A FUSION PROTEIN WITH MALTOSE BINDING PROTEIN' 
# 
loop_
_chem_comp.id 
_chem_comp.type 
_chem_comp.mon_nstd_flag 
_chem_comp.name 
_chem_comp.pdbx_synonyms 
_chem_comp.formula 
_chem_comp.formula_weight 
ALA 'L-peptide linking' y ALANINE         ? 'C3 H7 N O2'     89.093  
ARG 'L-peptide linking' y ARGININE        ? 'C6 H15 N4 O2 1' 175.209 
ASN 'L-peptide linking' y ASPARAGINE      ? 'C4 H8 N2 O3'    132.118 
ASP 'L-peptide linking' y 'ASPARTIC ACID' ? 'C4 H7 N O4'     133.103 
CYS 'L-peptide linking' y CYSTEINE        ? 'C3 H7 N O2 S'   121.158 
GLN 'L-peptide linking' y GLUTAMINE       ? 'C5 H10 N2 O3'   146.144 
GLU 'L-peptide linking' y 'GLUTAMIC ACID' ? 'C5 H9 N O4'     147.129 
GLY 'peptide linking'   y GLYCINE         ? 'C2 H5 N O2'     75.067  
HIS 'L-peptide linking' y HISTIDINE       ? 'C6 H10 N3 O2 1' 156.162 
ILE 'L-peptide linking' y ISOLEUCINE      ? 'C6 H13 N O2'    131.173 
LEU 'L-peptide linking' y LEUCINE         ? 'C6 H13 N O2'    131.173 
LYS 'L-peptide linking' y LYSINE          ? 'C6 H15 N2 O2 1' 147.195 
MET 'L-peptide linking' y METHIONINE      ? 'C5 H11 N O2 S'  149.211 
PHE 'L-peptide linking' y PHENYLALANINE   ? 'C9 H11 N O2'    165.189 
PRO 'L-peptide linking' y PROLINE         ? 'C5 H9 N O2'     115.130 
SER 'L-peptide linking' y SERINE          ? 'C3 H7 N O3'     105.093 
THR 'L-peptide linking' y THREONINE       ? 'C4 H9 N O3'     119.119 
TRP 'L-peptide linking' y TRYPTOPHAN      ? 'C11 H12 N2 O2'  204.225 
TYR 'L-peptide linking' y TYROSINE        ? 'C9 H11 N O3'    181.189 
VAL 'L-peptide linking' y VALINE          ? 'C5 H11 N O2'    117.146 
# 
loop_
_pdbx_poly_seq_scheme.asym_id 
_pdbx_poly_seq_scheme.entity_id 
_pdbx_poly_seq_scheme.seq_id 
_pdbx_poly_seq_scheme.mon_id 
_pdbx_poly_seq_scheme.ndb_seq_num 
_pdbx_poly_seq_scheme.pdb_seq_num 
_pdbx_poly_seq_scheme.auth_seq_num 
_pdbx_poly_seq_scheme.pdb_mon_id 
_pdbx_poly_seq_scheme.auth_mon_id 
_pdbx_poly_seq_scheme.pdb_strand_id 
_pdbx_poly_seq_scheme.pdb_ins_code 
_pdbx_poly_seq_scheme.hetero 
A 1 1   GLY 1   1   1   GLY GLY A . n 
A 1 2   SER 2   2   2   SER SER A . n 
A 1 3   SER 3   3   3   SER SER A . n 
A 1 4   LEU 4   4   4   LEU LEU A . n 
A 1 5   GLU 5   5   5   GLU GLU A . n 
A 1 6   PRO 6   6   6   PRO PRO A . n 
A 1 7   PRO 7   7   7   PRO PRO A . n 
A 1 8   MET 8   8   8   MET MET A . n 
A 1 9   LEU 9   9   9   LEU LEU A . n 
A 1 10  GLN 10  10  10  GLN GLN A . n 
A 1 11  ALA 11  11  11  ALA ALA A . n 
A 1 12  LEU 12  12  12  LEU LEU A . n 
A 1 13  ASP 13  13  13  ASP ASP A . n 
A 1 14  ILE 14  14  14  ILE ILE A . n 
A 1 15  GLY 15  15  15  GLY GLY A . n 
A 1 16  PRO 16  16  16  PRO PRO A . n 
A 1 17  ASP 17  17  17  ASP ASP A . n 
A 1 18  VAL 18  18  18  VAL VAL A . n 
A 1 19  VAL 19  19  19  VAL VAL A . n 
A 1 20  SER 20  20  20  SER SER A . n 
A 1 21  HIS 21  21  21  HIS HIS A . n 
A 1 22  GLN 22  22  22  GLN GLN A . n 
A 1 23  PRO 23  23  23  PRO PRO A . n 
A 1 24  GLY 24  24  24  GLY GLY A . n 
A 1 25  CYS 25  25  25  CYS CYS A . n 
A 1 26  LEU 26  26  26  LEU LEU A . n 
A 1 27  TRP 27  27  27  TRP TRP A . n 
A 1 28  LEU 28  28  28  LEU LEU A . n 
A 1 29  SER 29  29  29  SER SER A . n 
A 1 30  TRP 30  30  30  TRP TRP A . n 
A 1 31  LYS 31  31  31  LYS LYS A . n 
A 1 32  PRO 32  32  32  PRO PRO A . n 
A 1 33  TRP 33  33  33  TRP TRP A . n 
A 1 34  LYS 34  34  34  LYS LYS A . n 
A 1 35  PRO 35  35  35  PRO PRO A . n 
A 1 36  SER 36  36  36  SER SER A . n 
A 1 37  GLU 37  37  37  GLU GLU A . n 
A 1 38  TYR 38  38  38  TYR TYR A . n 
A 1 39  MET 39  39  39  MET MET A . n 
A 1 40  GLU 40  40  40  GLU GLU A . n 
A 1 41  GLN 41  41  41  GLN GLN A . n 
A 1 42  GLU 42  42  42  GLU GLU A . n 
A 1 43  CYS 43  43  43  CYS CYS A . n 
A 1 44  GLU 44  44  44  GLU GLU A . n 
A 1 45  LEU 45  45  45  LEU LEU A . n 
A 1 46  ARG 46  46  46  ARG ARG A . n 
A 1 47  TYR 47  47  47  TYR TYR A . n 
A 1 48  GLN 48  48  48  GLN GLN A . n 
A 1 49  PRO 49  49  49  PRO PRO A . n 
A 1 50  GLN 50  50  50  GLN GLN A . n 
A 1 51  LEU 51  51  51  LEU LEU A . n 
A 1 52  LYS 52  52  52  LYS LYS A . n 
A 1 53  GLY 53  53  53  GLY GLY A . n 
A 1 54  ALA 54  54  54  ALA ALA A . n 
A 1 55  ASN 55  55  55  ASN ASN A . n 
A 1 56  TRP 56  56  56  TRP TRP A . n 
A 1 57  THR 57  57  57  THR THR A . n 
A 1 58  LEU 58  58  58  LEU LEU A . n 
A 1 59  VAL 59  59  59  VAL VAL A . n 
A 1 60  PHE 60  60  60  PHE PHE A . n 
A 1 61  HIS 61  61  61  HIS HIS A . n 
A 1 62  LEU 62  62  62  LEU LEU A . n 
A 1 63  PRO 63  63  63  PRO PRO A . n 
A 1 64  SER 64  64  64  SER SER A . n 
A 1 65  SER 65  65  65  SER SER A . n 
A 1 66  LYS 66  66  66  LYS LYS A . n 
A 1 67  ASP 67  67  67  ASP ASP A . n 
A 1 68  GLN 68  68  68  GLN GLN A . n 
A 1 69  PHE 69  69  69  PHE PHE A . n 
A 1 70  GLU 70  70  70  GLU GLU A . n 
A 1 71  LEU 71  71  71  LEU LEU A . n 
A 1 72  CYS 72  72  72  CYS CYS A . n 
A 1 73  GLY 73  73  73  GLY GLY A . n 
A 1 74  LEU 74  74  74  LEU LEU A . n 
A 1 75  HIS 75  75  75  HIS HIS A . n 
A 1 76  GLN 76  76  76  GLN GLN A . n 
A 1 77  ALA 77  77  77  ALA ALA A . n 
A 1 78  PRO 78  78  78  PRO PRO A . n 
A 1 79  VAL 79  79  79  VAL VAL A . n 
A 1 80  TYR 80  80  80  TYR TYR A . n 
A 1 81  THR 81  81  81  THR THR A . n 
A 1 82  LEU 82  82  82  LEU LEU A . n 
A 1 83  GLN 83  83  83  GLN GLN A . n 
A 1 84  MET 84  84  84  MET MET A . n 
A 1 85  ARG 85  85  85  ARG ARG A . n 
A 1 86  CYS 86  86  86  CYS CYS A . n 
A 1 87  ILE 87  87  87  ILE ILE A . n 
A 1 88  ARG 88  88  88  ARG ARG A . n 
A 1 89  SER 89  89  89  SER SER A . n 
A 1 90  SER 90  90  90  SER SER A . n 
A 1 91  LEU 91  91  91  LEU LEU A . n 
A 1 92  PRO 92  92  92  PRO PRO A . n 
A 1 93  GLY 93  93  93  GLY GLY A . n 
A 1 94  PHE 94  94  94  PHE PHE A . n 
A 1 95  TRP 95  95  95  TRP TRP A . n 
A 1 96  SER 96  96  96  SER SER A . n 
A 1 97  PRO 97  97  97  PRO PRO A . n 
A 1 98  TRP 98  98  98  TRP TRP A . n 
A 1 99  SER 99  99  99  SER SER A . n 
A 1 100 PRO 100 100 100 PRO PRO A . n 
A 1 101 GLY 101 101 101 GLY GLY A . n 
A 1 102 LEU 102 102 102 LEU LEU A . n 
A 1 103 GLN 103 103 103 GLN GLN A . n 
A 1 104 LEU 104 104 104 LEU LEU A . n 
A 1 105 ARG 105 105 105 ARG ARG A . n 
A 1 106 PRO 106 106 106 PRO PRO A . n 
A 1 107 THR 107 107 107 THR THR A . n 
A 1 108 MET 108 108 108 MET MET A . n 
A 1 109 LYS 109 109 109 LYS LYS A . n 
# 
loop_
_software.name 
_software.classification 
_software.version 
_software.citation_id 
_software.pdbx_ordinal 
X-PLOR 'model building' 3.1 ? 1 
X-PLOR refinement       3.1 ? 2 
X-PLOR phasing          3.1 ? 3 
# 
_cell.entry_id           1CTO 
_cell.length_a           1.000 
_cell.length_b           1.000 
_cell.length_c           1.000 
_cell.angle_alpha        90.00 
_cell.angle_beta         90.00 
_cell.angle_gamma        90.00 
_cell.Z_PDB              1 
_cell.pdbx_unique_axis   ? 
# 
_symmetry.entry_id                         1CTO 
_symmetry.space_group_name_H-M             'P 1' 
_symmetry.pdbx_full_space_group_name_H-M   ? 
_symmetry.cell_setting                     ? 
_symmetry.Int_Tables_number                1 
# 
_exptl.entry_id          1CTO 
_exptl.method            'SOLUTION NMR' 
_exptl.crystals_number   ? 
# 
_struct.entry_id                  1CTO 
_struct.title                     
;NMR STRUCTURE OF THE C-TERMINAL DOMAIN OF THE LIGAND-BINDING REGION OF MURINE GRANULOCYTE COLONY-STIMULATING FACTOR RECEPTOR, MINIMIZED AVERAGE STRUCTURE
;
_struct.pdbx_model_details        ? 
_struct.pdbx_CASP_flag            ? 
_struct.pdbx_model_type_details   ? 
# 
_struct_keywords.entry_id        1CTO 
_struct_keywords.pdbx_keywords   'BINDING PROTEIN' 
_struct_keywords.text            'BINDING PROTEIN, CYTOKINE RECEPTOR' 
# 
_struct_asym.id                            A 
_struct_asym.pdbx_blank_PDB_chainid_flag   Y 
_struct_asym.pdbx_modified                 N 
_struct_asym.entity_id                     1 
_struct_asym.details                       ? 
# 
_struct_ref.id                         1 
_struct_ref.db_name                    UNP 
_struct_ref.db_code                    CSF3R_MOUSE 
_struct_ref.entity_id                  1 
_struct_ref.pdbx_db_accession          P40223 
_struct_ref.pdbx_align_begin           1 
_struct_ref.pdbx_seq_one_letter_code   
;MVGLGACTLTGVTLIFLLLPRSLESCGHIEISPPVVRLGDPVLASCTISPNCSKLDQQAKILWRLQDEPIQPGDRQHHLP
DGTQESLITLPHLNYTQAFLFCLVPWEDSVQLLDQAELHAGYPPASPSNLSCLMHLTTNSLVCQWEPGPETHLPTSFILK
SFRSRADCQYQGDTIPDCVAKKRQNNCSIPRKNLLLYQYMAIWVQAENMLGSSESPKLCLDPMDVVKLEPPMLQALDIGP
DVVSHQPGCLWLSWKPWKPSEYMEQECELRYQPQLKGANWTLVFHLPSSKDQFELCGLHQAPVYTLQMRCIRSSLPGFWS
PWSPGLQLRPTMKAPTIRLDTWCQKKQLDPGTVSVQLFWKPTPLQEDSGQIQGYLLSWNSPDHQGQDIHLCNTTQLSCIF
LLPSEAQNVTLVAYNKAGTSSPTTVVFLENEGPAVTGLHAMAQDLNTIWVDWEAPSLLPQGYLIEWEMSSPSYNNSYKSW
MIEPNGNITGILLKDNINPFQLYRITVAPLYPGIVGPPVNVYTFAGERAPPHAPALHLKHVGTTWAQLEWVPEAPRLGMI
PLTHYTIFWADAGDHSFSVTLNISLHDFVLKHLEPASLYHVYLMATSRAGSTNSTGLTLRTLDPSDLNIFLGILCLVLLS
TTCVVTWLCCKRRGKTSFWSDVPDPAHSSLSSWLPTIMTEETFQLPSFWDSSVPSITKITELEEDKKPTHWDSESSGNGS
LPALVQAYVLQGDPREISNQSQPPSRTGDQVLYGQVLESPTSPGVMQYIRSDSTQPLLGGPTPSPKSYENIWFHSRPQET
FVPQPPNQEDDCVFGPPFDFPLFQGLQVHGVEEQGGF
;
_struct_ref.pdbx_db_isoform            ? 
# 
_struct_ref_seq.align_id                      1 
_struct_ref_seq.ref_id                        1 
_struct_ref_seq.pdbx_PDB_id_code              1CTO 
_struct_ref_seq.pdbx_strand_id                A 
_struct_ref_seq.seq_align_beg                 1 
_struct_ref_seq.pdbx_seq_align_beg_ins_code   ? 
_struct_ref_seq.seq_align_end                 109 
_struct_ref_seq.pdbx_seq_align_end_ins_code   ? 
_struct_ref_seq.pdbx_db_accession             P40223 
_struct_ref_seq.db_align_beg                  211 
_struct_ref_seq.pdbx_db_align_beg_ins_code    ? 
_struct_ref_seq.db_align_end                  333 
_struct_ref_seq.pdbx_db_align_end_ins_code    ? 
_struct_ref_seq.pdbx_auth_seq_align_beg       1 
_struct_ref_seq.pdbx_auth_seq_align_end       109 
# 
loop_
_struct_ref_seq_dif.align_id 
_struct_ref_seq_dif.pdbx_pdb_id_code 
_struct_ref_seq_dif.mon_id 
_struct_ref_seq_dif.pdbx_pdb_strand_id 
_struct_ref_seq_dif.seq_num 
_struct_ref_seq_dif.pdbx_pdb_ins_code 
_struct_ref_seq_dif.pdbx_seq_db_name 
_struct_ref_seq_dif.pdbx_seq_db_accession_code 
_struct_ref_seq_dif.db_mon_id 
_struct_ref_seq_dif.pdbx_seq_db_seq_num 
_struct_ref_seq_dif.details 
_struct_ref_seq_dif.pdbx_auth_seq_num 
_struct_ref_seq_dif.pdbx_ordinal 
1 1CTO ? A ? ? UNP P40223 GLU 214 deletion ? 1  
1 1CTO ? A ? ? UNP P40223 SER 215 deletion ? 2  
1 1CTO ? A ? ? UNP P40223 PRO 216 deletion ? 3  
1 1CTO ? A ? ? UNP P40223 LYS 217 deletion ? 4  
1 1CTO ? A ? ? UNP P40223 LEU 218 deletion ? 5  
1 1CTO ? A ? ? UNP P40223 CYS 219 deletion ? 6  
1 1CTO ? A ? ? UNP P40223 LEU 220 deletion ? 7  
1 1CTO ? A ? ? UNP P40223 ASP 221 deletion ? 8  
1 1CTO ? A ? ? UNP P40223 PRO 222 deletion ? 9  
1 1CTO ? A ? ? UNP P40223 MET 223 deletion ? 10 
1 1CTO ? A ? ? UNP P40223 ASP 224 deletion ? 11 
1 1CTO ? A ? ? UNP P40223 VAL 225 deletion ? 12 
1 1CTO ? A ? ? UNP P40223 VAL 226 deletion ? 13 
1 1CTO ? A ? ? UNP P40223 LYS 227 deletion ? 14 
# 
_pdbx_struct_assembly.id                   1 
_pdbx_struct_assembly.details              author_defined_assembly 
_pdbx_struct_assembly.method_details       ? 
_pdbx_struct_assembly.oligomeric_details   monomeric 
_pdbx_struct_assembly.oligomeric_count     1 
# 
loop_
_pdbx_struct_assembly_prop.biol_id 
_pdbx_struct_assembly_prop.type 
_pdbx_struct_assembly_prop.value 
_pdbx_struct_assembly_prop.details 
1 'ABSA (A^2)' 0    ? 
1 MORE         0    ? 
1 'SSA (A^2)'  8010 ? 
# 
_pdbx_struct_assembly_gen.assembly_id       1 
_pdbx_struct_assembly_gen.oper_expression   1 
_pdbx_struct_assembly_gen.asym_id_list      A 
# 
_pdbx_struct_oper_list.id                   1 
_pdbx_struct_oper_list.type                 'identity operation' 
_pdbx_struct_oper_list.name                 1_555 
_pdbx_struct_oper_list.symmetry_operation   ? 
_pdbx_struct_oper_list.matrix[1][1]         1.0000000000 
_pdbx_struct_oper_list.matrix[1][2]         0.0000000000 
_pdbx_struct_oper_list.matrix[1][3]         0.0000000000 
_pdbx_struct_oper_list.vector[1]            0.0000000000 
_pdbx_struct_oper_list.matrix[2][1]         0.0000000000 
_pdbx_struct_oper_list.matrix[2][2]         1.0000000000 
_pdbx_struct_oper_list.matrix[2][3]         0.0000000000 
_pdbx_struct_oper_list.vector[2]            0.0000000000 
_pdbx_struct_oper_list.matrix[3][1]         0.0000000000 
_pdbx_struct_oper_list.matrix[3][2]         0.0000000000 
_pdbx_struct_oper_list.matrix[3][3]         1.0000000000 
_pdbx_struct_oper_list.vector[3]            0.0000000000 
# 
loop_
_struct_conn.id 
_struct_conn.conn_type_id 
_struct_conn.pdbx_leaving_atom_flag 
_struct_conn.pdbx_PDB_id 
_struct_conn.ptnr1_label_asym_id 
_struct_conn.ptnr1_label_comp_id 
_struct_conn.ptnr1_label_seq_id 
_struct_conn.ptnr1_label_atom_id 
_struct_conn.pdbx_ptnr1_label_alt_id 
_struct_conn.pdbx_ptnr1_PDB_ins_code 
_struct_conn.pdbx_ptnr1_standard_comp_id 
_struct_conn.ptnr1_symmetry 
_struct_conn.ptnr2_label_asym_id 
_struct_conn.ptnr2_label_comp_id 
_struct_conn.ptnr2_label_seq_id 
_struct_conn.ptnr2_label_atom_id 
_struct_conn.pdbx_ptnr2_label_alt_id 
_struct_conn.pdbx_ptnr2_PDB_ins_code 
_struct_conn.ptnr1_auth_asym_id 
_struct_conn.ptnr1_auth_comp_id 
_struct_conn.ptnr1_auth_seq_id 
_struct_conn.ptnr2_auth_asym_id 
_struct_conn.ptnr2_auth_comp_id 
_struct_conn.ptnr2_auth_seq_id 
_struct_conn.ptnr2_symmetry 
_struct_conn.pdbx_ptnr3_label_atom_id 
_struct_conn.pdbx_ptnr3_label_seq_id 
_struct_conn.pdbx_ptnr3_label_comp_id 
_struct_conn.pdbx_ptnr3_label_asym_id 
_struct_conn.pdbx_ptnr3_label_alt_id 
_struct_conn.pdbx_ptnr3_PDB_ins_code 
_struct_conn.details 
_struct_conn.pdbx_dist_value 
_struct_conn.pdbx_value_order 
_struct_conn.pdbx_role 
disulf1 disulf ? ? A CYS 25 SG ? ? ? 1_555 A CYS 72 SG ? ? A CYS 25 A CYS 72 1_555 ? ? ? ? ? ? ? 2.020 ? ? 
disulf2 disulf ? ? A CYS 43 SG ? ? ? 1_555 A CYS 86 SG ? ? A CYS 43 A CYS 86 1_555 ? ? ? ? ? ? ? 2.020 ? ? 
# 
_struct_conn_type.id          disulf 
_struct_conn_type.criteria    ? 
_struct_conn_type.reference   ? 
# 
loop_
_pdbx_modification_feature.ordinal 
_pdbx_modification_feature.label_comp_id 
_pdbx_modification_feature.label_asym_id 
_pdbx_modification_feature.label_seq_id 
_pdbx_modification_feature.label_alt_id 
_pdbx_modification_feature.modified_residue_label_comp_id 
_pdbx_modification_feature.modified_residue_label_asym_id 
_pdbx_modification_feature.modified_residue_label_seq_id 
_pdbx_modification_feature.modified_residue_label_alt_id 
_pdbx_modification_feature.auth_comp_id 
_pdbx_modification_feature.auth_asym_id 
_pdbx_modification_feature.auth_seq_id 
_pdbx_modification_feature.PDB_ins_code 
_pdbx_modification_feature.symmetry 
_pdbx_modification_feature.modified_residue_auth_comp_id 
_pdbx_modification_feature.modified_residue_auth_asym_id 
_pdbx_modification_feature.modified_residue_auth_seq_id 
_pdbx_modification_feature.modified_residue_PDB_ins_code 
_pdbx_modification_feature.modified_residue_symmetry 
_pdbx_modification_feature.comp_id_linking_atom 
_pdbx_modification_feature.modified_residue_id_linking_atom 
_pdbx_modification_feature.modified_residue_id 
_pdbx_modification_feature.ref_pcm_id 
_pdbx_modification_feature.ref_comp_id 
_pdbx_modification_feature.type 
_pdbx_modification_feature.category 
1 CYS A 25 ? CYS A 72 ? CYS A 25 ? 1_555 CYS A 72 ? 1_555 SG SG . . . None 'Disulfide bridge' 
2 CYS A 43 ? CYS A 86 ? CYS A 43 ? 1_555 CYS A 86 ? 1_555 SG SG . . . None 'Disulfide bridge' 
# 
loop_
_struct_sheet.id 
_struct_sheet.type 
_struct_sheet.number_strands 
_struct_sheet.details 
1 ? 3 ? 
2 ? 4 ? 
# 
loop_
_struct_sheet_order.sheet_id 
_struct_sheet_order.range_id_1 
_struct_sheet_order.range_id_2 
_struct_sheet_order.offset 
_struct_sheet_order.sense 
1 1 2 ? anti-parallel 
1 2 3 ? anti-parallel 
2 1 2 ? anti-parallel 
2 2 3 ? anti-parallel 
2 3 4 ? anti-parallel 
# 
loop_
_struct_sheet_range.sheet_id 
_struct_sheet_range.id 
_struct_sheet_range.beg_label_comp_id 
_struct_sheet_range.beg_label_asym_id 
_struct_sheet_range.beg_label_seq_id 
_struct_sheet_range.pdbx_beg_PDB_ins_code 
_struct_sheet_range.end_label_comp_id 
_struct_sheet_range.end_label_asym_id 
_struct_sheet_range.end_label_seq_id 
_struct_sheet_range.pdbx_end_PDB_ins_code 
_struct_sheet_range.beg_auth_comp_id 
_struct_sheet_range.beg_auth_asym_id 
_struct_sheet_range.beg_auth_seq_id 
_struct_sheet_range.end_auth_comp_id 
_struct_sheet_range.end_auth_asym_id 
_struct_sheet_range.end_auth_seq_id 
1 1 MET A 8   ? ALA A 11  ? MET A 8   ALA A 11  
1 2 CYS A 25  ? LYS A 31  ? CYS A 25  LYS A 31  
1 3 PHE A 69  ? CYS A 72  ? PHE A 69  CYS A 72  
2 1 TRP A 56  ? PHE A 60  ? TRP A 56  PHE A 60  
2 2 CYS A 43  ? PRO A 49  ? CYS A 43  PRO A 49  
2 3 VAL A 79  ? CYS A 86  ? VAL A 79  CYS A 86  
2 4 LEU A 102 ? ARG A 105 ? LEU A 102 ARG A 105 
# 
loop_
_pdbx_struct_sheet_hbond.sheet_id 
_pdbx_struct_sheet_hbond.range_id_1 
_pdbx_struct_sheet_hbond.range_id_2 
_pdbx_struct_sheet_hbond.range_1_label_atom_id 
_pdbx_struct_sheet_hbond.range_1_label_comp_id 
_pdbx_struct_sheet_hbond.range_1_label_asym_id 
_pdbx_struct_sheet_hbond.range_1_label_seq_id 
_pdbx_struct_sheet_hbond.range_1_PDB_ins_code 
_pdbx_struct_sheet_hbond.range_1_auth_atom_id 
_pdbx_struct_sheet_hbond.range_1_auth_comp_id 
_pdbx_struct_sheet_hbond.range_1_auth_asym_id 
_pdbx_struct_sheet_hbond.range_1_auth_seq_id 
_pdbx_struct_sheet_hbond.range_2_label_atom_id 
_pdbx_struct_sheet_hbond.range_2_label_comp_id 
_pdbx_struct_sheet_hbond.range_2_label_asym_id 
_pdbx_struct_sheet_hbond.range_2_label_seq_id 
_pdbx_struct_sheet_hbond.range_2_PDB_ins_code 
_pdbx_struct_sheet_hbond.range_2_auth_atom_id 
_pdbx_struct_sheet_hbond.range_2_auth_comp_id 
_pdbx_struct_sheet_hbond.range_2_auth_asym_id 
_pdbx_struct_sheet_hbond.range_2_auth_seq_id 
1 1 2 O GLN A 10 ? O GLN A 10 H SER A 29  ? H SER A 29  
1 2 3 O LEU A 26 ? O LEU A 26 H LEU A 71  ? H LEU A 71  
2 1 2 O VAL A 59 ? O VAL A 59 H LEU A 45  ? H LEU A 45  
2 2 3 O GLU A 44 ? O GLU A 44 H ARG A 85  ? H ARG A 85  
2 3 4 O LEU A 82 ? O LEU A 82 H LEU A 102 ? H LEU A 102 
# 
_pdbx_entry_details.entry_id                   1CTO 
_pdbx_entry_details.compound_details           ? 
_pdbx_entry_details.source_details             ? 
_pdbx_entry_details.nonpolymer_details         ? 
_pdbx_entry_details.sequence_details           ? 
_pdbx_entry_details.has_ligand_of_interest     ? 
_pdbx_entry_details.has_protein_modification   Y 
# 
loop_
_pdbx_validate_torsion.id 
_pdbx_validate_torsion.PDB_model_num 
_pdbx_validate_torsion.auth_comp_id 
_pdbx_validate_torsion.auth_asym_id 
_pdbx_validate_torsion.auth_seq_id 
_pdbx_validate_torsion.PDB_ins_code 
_pdbx_validate_torsion.label_alt_id 
_pdbx_validate_torsion.phi 
_pdbx_validate_torsion.psi 
1  1 SER A 2   ? ? 52.77   -144.20 
2  1 SER A 3   ? ? -53.40  -171.00 
3  1 GLU A 5   ? ? 56.16   102.89  
4  1 ASP A 13  ? ? -69.29  95.57   
5  1 VAL A 18  ? ? -108.47 44.27   
6  1 VAL A 19  ? ? 64.22   -87.45  
7  1 SER A 20  ? ? -85.77  -93.03  
8  1 HIS A 21  ? ? 161.01  49.75   
9  1 SER A 29  ? ? 170.61  128.64  
10 1 LYS A 31  ? ? -179.30 136.94  
11 1 PRO A 32  ? ? -77.80  -162.16 
12 1 LYS A 34  ? ? 43.73   165.01  
13 1 SER A 36  ? ? 36.56   -156.57 
14 1 GLU A 37  ? ? -133.02 -92.61  
15 1 TYR A 38  ? ? -83.44  -129.22 
16 1 MET A 39  ? ? 176.30  -140.68 
17 1 GLU A 40  ? ? 71.90   54.36   
18 1 GLU A 42  ? ? 112.47  134.45  
19 1 TYR A 47  ? ? -163.11 116.42  
20 1 LEU A 51  ? ? -160.94 -155.92 
21 1 ALA A 54  ? ? 163.83  159.16  
22 1 TRP A 56  ? ? 63.18   119.08  
23 1 PHE A 60  ? ? -110.48 -166.65 
24 1 CYS A 72  ? ? -170.30 128.62  
25 1 GLN A 76  ? ? 179.77  -36.84  
26 1 ILE A 87  ? ? -158.68 -142.52 
27 1 LEU A 91  ? ? -175.65 62.94   
28 1 SER A 96  ? ? 52.57   172.04  
29 1 TRP A 98  ? ? -49.09  96.22   
30 1 LEU A 102 ? ? -170.10 -174.52 
31 1 PRO A 106 ? ? -77.67  -159.27 
32 1 THR A 107 ? ? -40.19  150.06  
# 
loop_
_pdbx_validate_planes.id 
_pdbx_validate_planes.PDB_model_num 
_pdbx_validate_planes.auth_comp_id 
_pdbx_validate_planes.auth_asym_id 
_pdbx_validate_planes.auth_seq_id 
_pdbx_validate_planes.PDB_ins_code 
_pdbx_validate_planes.label_alt_id 
_pdbx_validate_planes.rmsd 
_pdbx_validate_planes.type 
1 1 ARG A 46 ? ? 0.310 'SIDE CHAIN' 
2 1 ARG A 85 ? ? 0.201 'SIDE CHAIN' 
# 
_pdbx_nmr_ensemble.entry_id                             1CTO 
_pdbx_nmr_ensemble.conformers_calculated_total_number   100 
_pdbx_nmr_ensemble.conformers_submitted_total_number    1 
_pdbx_nmr_ensemble.conformer_selection_criteria         'MINIMIZED AVERAGE' 
# 
_pdbx_nmr_exptl_sample_conditions.conditions_id          1 
_pdbx_nmr_exptl_sample_conditions.temperature            303 
_pdbx_nmr_exptl_sample_conditions.pressure               ? 
_pdbx_nmr_exptl_sample_conditions.pH                     5.5 
_pdbx_nmr_exptl_sample_conditions.ionic_strength         ? 
_pdbx_nmr_exptl_sample_conditions.pressure_units         ? 
_pdbx_nmr_exptl_sample_conditions.temperature_units      K 
_pdbx_nmr_exptl_sample_conditions.label                  ? 
_pdbx_nmr_exptl_sample_conditions.pH_units               ? 
_pdbx_nmr_exptl_sample_conditions.ionic_strength_units   ? 
# 
loop_
_pdbx_nmr_exptl.experiment_id 
_pdbx_nmr_exptl.conditions_id 
_pdbx_nmr_exptl.type 
_pdbx_nmr_exptl.solution_id 
1 1 'TRIPLE RESONANCE 2D' 1 
2 1 '3D NMR'              1 
# 
_pdbx_nmr_refine.entry_id           1CTO 
_pdbx_nmr_refine.method             'RANDOM.INP/DGSA.INP/ REFINE.INP' 
_pdbx_nmr_refine.details            ? 
_pdbx_nmr_refine.software_ordinal   1 
# 
loop_
_pdbx_nmr_software.classification 
_pdbx_nmr_software.name 
_pdbx_nmr_software.version 
_pdbx_nmr_software.authors 
_pdbx_nmr_software.ordinal 
refinement           X-PLOR 3.1 BRUNGER 1 
'structure solution' X-PLOR 3.1 BRUNGER 2 
# 
loop_
_chem_comp_atom.comp_id 
_chem_comp_atom.atom_id 
_chem_comp_atom.type_symbol 
_chem_comp_atom.pdbx_aromatic_flag 
_chem_comp_atom.pdbx_stereo_config 
_chem_comp_atom.pdbx_ordinal 
ALA N    N N N 1   
ALA CA   C N S 2   
ALA C    C N N 3   
ALA O    O N N 4   
ALA CB   C N N 5   
ALA OXT  O N N 6   
ALA H    H N N 7   
ALA H2   H N N 8   
ALA HA   H N N 9   
ALA HB1  H N N 10  
ALA HB2  H N N 11  
ALA HB3  H N N 12  
ALA HXT  H N N 13  
ARG N    N N N 14  
ARG CA   C N S 15  
ARG C    C N N 16  
ARG O    O N N 17  
ARG CB   C N N 18  
ARG CG   C N N 19  
ARG CD   C N N 20  
ARG NE   N N N 21  
ARG CZ   C N N 22  
ARG NH1  N N N 23  
ARG NH2  N N N 24  
ARG OXT  O N N 25  
ARG H    H N N 26  
ARG H2   H N N 27  
ARG HA   H N N 28  
ARG HB2  H N N 29  
ARG HB3  H N N 30  
ARG HG2  H N N 31  
ARG HG3  H N N 32  
ARG HD2  H N N 33  
ARG HD3  H N N 34  
ARG HE   H N N 35  
ARG HH11 H N N 36  
ARG HH12 H N N 37  
ARG HH21 H N N 38  
ARG HH22 H N N 39  
ARG HXT  H N N 40  
ASN N    N N N 41  
ASN CA   C N S 42  
ASN C    C N N 43  
ASN O    O N N 44  
ASN CB   C N N 45  
ASN CG   C N N 46  
ASN OD1  O N N 47  
ASN ND2  N N N 48  
ASN OXT  O N N 49  
ASN H    H N N 50  
ASN H2   H N N 51  
ASN HA   H N N 52  
ASN HB2  H N N 53  
ASN HB3  H N N 54  
ASN HD21 H N N 55  
ASN HD22 H N N 56  
ASN HXT  H N N 57  
ASP N    N N N 58  
ASP CA   C N S 59  
ASP C    C N N 60  
ASP O    O N N 61  
ASP CB   C N N 62  
ASP CG   C N N 63  
ASP OD1  O N N 64  
ASP OD2  O N N 65  
ASP OXT  O N N 66  
ASP H    H N N 67  
ASP H2   H N N 68  
ASP HA   H N N 69  
ASP HB2  H N N 70  
ASP HB3  H N N 71  
ASP HD2  H N N 72  
ASP HXT  H N N 73  
CYS N    N N N 74  
CYS CA   C N R 75  
CYS C    C N N 76  
CYS O    O N N 77  
CYS CB   C N N 78  
CYS SG   S N N 79  
CYS OXT  O N N 80  
CYS H    H N N 81  
CYS H2   H N N 82  
CYS HA   H N N 83  
CYS HB2  H N N 84  
CYS HB3  H N N 85  
CYS HG   H N N 86  
CYS HXT  H N N 87  
GLN N    N N N 88  
GLN CA   C N S 89  
GLN C    C N N 90  
GLN O    O N N 91  
GLN CB   C N N 92  
GLN CG   C N N 93  
GLN CD   C N N 94  
GLN OE1  O N N 95  
GLN NE2  N N N 96  
GLN OXT  O N N 97  
GLN H    H N N 98  
GLN H2   H N N 99  
GLN HA   H N N 100 
GLN HB2  H N N 101 
GLN HB3  H N N 102 
GLN HG2  H N N 103 
GLN HG3  H N N 104 
GLN HE21 H N N 105 
GLN HE22 H N N 106 
GLN HXT  H N N 107 
GLU N    N N N 108 
GLU CA   C N S 109 
GLU C    C N N 110 
GLU O    O N N 111 
GLU CB   C N N 112 
GLU CG   C N N 113 
GLU CD   C N N 114 
GLU OE1  O N N 115 
GLU OE2  O N N 116 
GLU OXT  O N N 117 
GLU H    H N N 118 
GLU H2   H N N 119 
GLU HA   H N N 120 
GLU HB2  H N N 121 
GLU HB3  H N N 122 
GLU HG2  H N N 123 
GLU HG3  H N N 124 
GLU HE2  H N N 125 
GLU HXT  H N N 126 
GLY N    N N N 127 
GLY CA   C N N 128 
GLY C    C N N 129 
GLY O    O N N 130 
GLY OXT  O N N 131 
GLY H    H N N 132 
GLY H2   H N N 133 
GLY HA2  H N N 134 
GLY HA3  H N N 135 
GLY HXT  H N N 136 
HIS N    N N N 137 
HIS CA   C N S 138 
HIS C    C N N 139 
HIS O    O N N 140 
HIS CB   C N N 141 
HIS CG   C Y N 142 
HIS ND1  N Y N 143 
HIS CD2  C Y N 144 
HIS CE1  C Y N 145 
HIS NE2  N Y N 146 
HIS OXT  O N N 147 
HIS H    H N N 148 
HIS H2   H N N 149 
HIS HA   H N N 150 
HIS HB2  H N N 151 
HIS HB3  H N N 152 
HIS HD1  H N N 153 
HIS HD2  H N N 154 
HIS HE1  H N N 155 
HIS HE2  H N N 156 
HIS HXT  H N N 157 
ILE N    N N N 158 
ILE CA   C N S 159 
ILE C    C N N 160 
ILE O    O N N 161 
ILE CB   C N S 162 
ILE CG1  C N N 163 
ILE CG2  C N N 164 
ILE CD1  C N N 165 
ILE OXT  O N N 166 
ILE H    H N N 167 
ILE H2   H N N 168 
ILE HA   H N N 169 
ILE HB   H N N 170 
ILE HG12 H N N 171 
ILE HG13 H N N 172 
ILE HG21 H N N 173 
ILE HG22 H N N 174 
ILE HG23 H N N 175 
ILE HD11 H N N 176 
ILE HD12 H N N 177 
ILE HD13 H N N 178 
ILE HXT  H N N 179 
LEU N    N N N 180 
LEU CA   C N S 181 
LEU C    C N N 182 
LEU O    O N N 183 
LEU CB   C N N 184 
LEU CG   C N N 185 
LEU CD1  C N N 186 
LEU CD2  C N N 187 
LEU OXT  O N N 188 
LEU H    H N N 189 
LEU H2   H N N 190 
LEU HA   H N N 191 
LEU HB2  H N N 192 
LEU HB3  H N N 193 
LEU HG   H N N 194 
LEU HD11 H N N 195 
LEU HD12 H N N 196 
LEU HD13 H N N 197 
LEU HD21 H N N 198 
LEU HD22 H N N 199 
LEU HD23 H N N 200 
LEU HXT  H N N 201 
LYS N    N N N 202 
LYS CA   C N S 203 
LYS C    C N N 204 
LYS O    O N N 205 
LYS CB   C N N 206 
LYS CG   C N N 207 
LYS CD   C N N 208 
LYS CE   C N N 209 
LYS NZ   N N N 210 
LYS OXT  O N N 211 
LYS H    H N N 212 
LYS H2   H N N 213 
LYS HA   H N N 214 
LYS HB2  H N N 215 
LYS HB3  H N N 216 
LYS HG2  H N N 217 
LYS HG3  H N N 218 
LYS HD2  H N N 219 
LYS HD3  H N N 220 
LYS HE2  H N N 221 
LYS HE3  H N N 222 
LYS HZ1  H N N 223 
LYS HZ2  H N N 224 
LYS HZ3  H N N 225 
LYS HXT  H N N 226 
MET N    N N N 227 
MET CA   C N S 228 
MET C    C N N 229 
MET O    O N N 230 
MET CB   C N N 231 
MET CG   C N N 232 
MET SD   S N N 233 
MET CE   C N N 234 
MET OXT  O N N 235 
MET H    H N N 236 
MET H2   H N N 237 
MET HA   H N N 238 
MET HB2  H N N 239 
MET HB3  H N N 240 
MET HG2  H N N 241 
MET HG3  H N N 242 
MET HE1  H N N 243 
MET HE2  H N N 244 
MET HE3  H N N 245 
MET HXT  H N N 246 
PHE N    N N N 247 
PHE CA   C N S 248 
PHE C    C N N 249 
PHE O    O N N 250 
PHE CB   C N N 251 
PHE CG   C Y N 252 
PHE CD1  C Y N 253 
PHE CD2  C Y N 254 
PHE CE1  C Y N 255 
PHE CE2  C Y N 256 
PHE CZ   C Y N 257 
PHE OXT  O N N 258 
PHE H    H N N 259 
PHE H2   H N N 260 
PHE HA   H N N 261 
PHE HB2  H N N 262 
PHE HB3  H N N 263 
PHE HD1  H N N 264 
PHE HD2  H N N 265 
PHE HE1  H N N 266 
PHE HE2  H N N 267 
PHE HZ   H N N 268 
PHE HXT  H N N 269 
PRO N    N N N 270 
PRO CA   C N S 271 
PRO C    C N N 272 
PRO O    O N N 273 
PRO CB   C N N 274 
PRO CG   C N N 275 
PRO CD   C N N 276 
PRO OXT  O N N 277 
PRO H    H N N 278 
PRO HA   H N N 279 
PRO HB2  H N N 280 
PRO HB3  H N N 281 
PRO HG2  H N N 282 
PRO HG3  H N N 283 
PRO HD2  H N N 284 
PRO HD3  H N N 285 
PRO HXT  H N N 286 
SER N    N N N 287 
SER CA   C N S 288 
SER C    C N N 289 
SER O    O N N 290 
SER CB   C N N 291 
SER OG   O N N 292 
SER OXT  O N N 293 
SER H    H N N 294 
SER H2   H N N 295 
SER HA   H N N 296 
SER HB2  H N N 297 
SER HB3  H N N 298 
SER HG   H N N 299 
SER HXT  H N N 300 
THR N    N N N 301 
THR CA   C N S 302 
THR C    C N N 303 
THR O    O N N 304 
THR CB   C N R 305 
THR OG1  O N N 306 
THR CG2  C N N 307 
THR OXT  O N N 308 
THR H    H N N 309 
THR H2   H N N 310 
THR HA   H N N 311 
THR HB   H N N 312 
THR HG1  H N N 313 
THR HG21 H N N 314 
THR HG22 H N N 315 
THR HG23 H N N 316 
THR HXT  H N N 317 
TRP N    N N N 318 
TRP CA   C N S 319 
TRP C    C N N 320 
TRP O    O N N 321 
TRP CB   C N N 322 
TRP CG   C Y N 323 
TRP CD1  C Y N 324 
TRP CD2  C Y N 325 
TRP NE1  N Y N 326 
TRP CE2  C Y N 327 
TRP CE3  C Y N 328 
TRP CZ2  C Y N 329 
TRP CZ3  C Y N 330 
TRP CH2  C Y N 331 
TRP OXT  O N N 332 
TRP H    H N N 333 
TRP H2   H N N 334 
TRP HA   H N N 335 
TRP HB2  H N N 336 
TRP HB3  H N N 337 
TRP HD1  H N N 338 
TRP HE1  H N N 339 
TRP HE3  H N N 340 
TRP HZ2  H N N 341 
TRP HZ3  H N N 342 
TRP HH2  H N N 343 
TRP HXT  H N N 344 
TYR N    N N N 345 
TYR CA   C N S 346 
TYR C    C N N 347 
TYR O    O N N 348 
TYR CB   C N N 349 
TYR CG   C Y N 350 
TYR CD1  C Y N 351 
TYR CD2  C Y N 352 
TYR CE1  C Y N 353 
TYR CE2  C Y N 354 
TYR CZ   C Y N 355 
TYR OH   O N N 356 
TYR OXT  O N N 357 
TYR H    H N N 358 
TYR H2   H N N 359 
TYR HA   H N N 360 
TYR HB2  H N N 361 
TYR HB3  H N N 362 
TYR HD1  H N N 363 
TYR HD2  H N N 364 
TYR HE1  H N N 365 
TYR HE2  H N N 366 
TYR HH   H N N 367 
TYR HXT  H N N 368 
VAL N    N N N 369 
VAL CA   C N S 370 
VAL C    C N N 371 
VAL O    O N N 372 
VAL CB   C N N 373 
VAL CG1  C N N 374 
VAL CG2  C N N 375 
VAL OXT  O N N 376 
VAL H    H N N 377 
VAL H2   H N N 378 
VAL HA   H N N 379 
VAL HB   H N N 380 
VAL HG11 H N N 381 
VAL HG12 H N N 382 
VAL HG13 H N N 383 
VAL HG21 H N N 384 
VAL HG22 H N N 385 
VAL HG23 H N N 386 
VAL HXT  H N N 387 
# 
loop_
_chem_comp_bond.comp_id 
_chem_comp_bond.atom_id_1 
_chem_comp_bond.atom_id_2 
_chem_comp_bond.value_order 
_chem_comp_bond.pdbx_aromatic_flag 
_chem_comp_bond.pdbx_stereo_config 
_chem_comp_bond.pdbx_ordinal 
ALA N   CA   sing N N 1   
ALA N   H    sing N N 2   
ALA N   H2   sing N N 3   
ALA CA  C    sing N N 4   
ALA CA  CB   sing N N 5   
ALA CA  HA   sing N N 6   
ALA C   O    doub N N 7   
ALA C   OXT  sing N N 8   
ALA CB  HB1  sing N N 9   
ALA CB  HB2  sing N N 10  
ALA CB  HB3  sing N N 11  
ALA OXT HXT  sing N N 12  
ARG N   CA   sing N N 13  
ARG N   H    sing N N 14  
ARG N   H2   sing N N 15  
ARG CA  C    sing N N 16  
ARG CA  CB   sing N N 17  
ARG CA  HA   sing N N 18  
ARG C   O    doub N N 19  
ARG C   OXT  sing N N 20  
ARG CB  CG   sing N N 21  
ARG CB  HB2  sing N N 22  
ARG CB  HB3  sing N N 23  
ARG CG  CD   sing N N 24  
ARG CG  HG2  sing N N 25  
ARG CG  HG3  sing N N 26  
ARG CD  NE   sing N N 27  
ARG CD  HD2  sing N N 28  
ARG CD  HD3  sing N N 29  
ARG NE  CZ   sing N N 30  
ARG NE  HE   sing N N 31  
ARG CZ  NH1  sing N N 32  
ARG CZ  NH2  doub N N 33  
ARG NH1 HH11 sing N N 34  
ARG NH1 HH12 sing N N 35  
ARG NH2 HH21 sing N N 36  
ARG NH2 HH22 sing N N 37  
ARG OXT HXT  sing N N 38  
ASN N   CA   sing N N 39  
ASN N   H    sing N N 40  
ASN N   H2   sing N N 41  
ASN CA  C    sing N N 42  
ASN CA  CB   sing N N 43  
ASN CA  HA   sing N N 44  
ASN C   O    doub N N 45  
ASN C   OXT  sing N N 46  
ASN CB  CG   sing N N 47  
ASN CB  HB2  sing N N 48  
ASN CB  HB3  sing N N 49  
ASN CG  OD1  doub N N 50  
ASN CG  ND2  sing N N 51  
ASN ND2 HD21 sing N N 52  
ASN ND2 HD22 sing N N 53  
ASN OXT HXT  sing N N 54  
ASP N   CA   sing N N 55  
ASP N   H    sing N N 56  
ASP N   H2   sing N N 57  
ASP CA  C    sing N N 58  
ASP CA  CB   sing N N 59  
ASP CA  HA   sing N N 60  
ASP C   O    doub N N 61  
ASP C   OXT  sing N N 62  
ASP CB  CG   sing N N 63  
ASP CB  HB2  sing N N 64  
ASP CB  HB3  sing N N 65  
ASP CG  OD1  doub N N 66  
ASP CG  OD2  sing N N 67  
ASP OD2 HD2  sing N N 68  
ASP OXT HXT  sing N N 69  
CYS N   CA   sing N N 70  
CYS N   H    sing N N 71  
CYS N   H2   sing N N 72  
CYS CA  C    sing N N 73  
CYS CA  CB   sing N N 74  
CYS CA  HA   sing N N 75  
CYS C   O    doub N N 76  
CYS C   OXT  sing N N 77  
CYS CB  SG   sing N N 78  
CYS CB  HB2  sing N N 79  
CYS CB  HB3  sing N N 80  
CYS SG  HG   sing N N 81  
CYS OXT HXT  sing N N 82  
GLN N   CA   sing N N 83  
GLN N   H    sing N N 84  
GLN N   H2   sing N N 85  
GLN CA  C    sing N N 86  
GLN CA  CB   sing N N 87  
GLN CA  HA   sing N N 88  
GLN C   O    doub N N 89  
GLN C   OXT  sing N N 90  
GLN CB  CG   sing N N 91  
GLN CB  HB2  sing N N 92  
GLN CB  HB3  sing N N 93  
GLN CG  CD   sing N N 94  
GLN CG  HG2  sing N N 95  
GLN CG  HG3  sing N N 96  
GLN CD  OE1  doub N N 97  
GLN CD  NE2  sing N N 98  
GLN NE2 HE21 sing N N 99  
GLN NE2 HE22 sing N N 100 
GLN OXT HXT  sing N N 101 
GLU N   CA   sing N N 102 
GLU N   H    sing N N 103 
GLU N   H2   sing N N 104 
GLU CA  C    sing N N 105 
GLU CA  CB   sing N N 106 
GLU CA  HA   sing N N 107 
GLU C   O    doub N N 108 
GLU C   OXT  sing N N 109 
GLU CB  CG   sing N N 110 
GLU CB  HB2  sing N N 111 
GLU CB  HB3  sing N N 112 
GLU CG  CD   sing N N 113 
GLU CG  HG2  sing N N 114 
GLU CG  HG3  sing N N 115 
GLU CD  OE1  doub N N 116 
GLU CD  OE2  sing N N 117 
GLU OE2 HE2  sing N N 118 
GLU OXT HXT  sing N N 119 
GLY N   CA   sing N N 120 
GLY N   H    sing N N 121 
GLY N   H2   sing N N 122 
GLY CA  C    sing N N 123 
GLY CA  HA2  sing N N 124 
GLY CA  HA3  sing N N 125 
GLY C   O    doub N N 126 
GLY C   OXT  sing N N 127 
GLY OXT HXT  sing N N 128 
HIS N   CA   sing N N 129 
HIS N   H    sing N N 130 
HIS N   H2   sing N N 131 
HIS CA  C    sing N N 132 
HIS CA  CB   sing N N 133 
HIS CA  HA   sing N N 134 
HIS C   O    doub N N 135 
HIS C   OXT  sing N N 136 
HIS CB  CG   sing N N 137 
HIS CB  HB2  sing N N 138 
HIS CB  HB3  sing N N 139 
HIS CG  ND1  sing Y N 140 
HIS CG  CD2  doub Y N 141 
HIS ND1 CE1  doub Y N 142 
HIS ND1 HD1  sing N N 143 
HIS CD2 NE2  sing Y N 144 
HIS CD2 HD2  sing N N 145 
HIS CE1 NE2  sing Y N 146 
HIS CE1 HE1  sing N N 147 
HIS NE2 HE2  sing N N 148 
HIS OXT HXT  sing N N 149 
ILE N   CA   sing N N 150 
ILE N   H    sing N N 151 
ILE N   H2   sing N N 152 
ILE CA  C    sing N N 153 
ILE CA  CB   sing N N 154 
ILE CA  HA   sing N N 155 
ILE C   O    doub N N 156 
ILE C   OXT  sing N N 157 
ILE CB  CG1  sing N N 158 
ILE CB  CG2  sing N N 159 
ILE CB  HB   sing N N 160 
ILE CG1 CD1  sing N N 161 
ILE CG1 HG12 sing N N 162 
ILE CG1 HG13 sing N N 163 
ILE CG2 HG21 sing N N 164 
ILE CG2 HG22 sing N N 165 
ILE CG2 HG23 sing N N 166 
ILE CD1 HD11 sing N N 167 
ILE CD1 HD12 sing N N 168 
ILE CD1 HD13 sing N N 169 
ILE OXT HXT  sing N N 170 
LEU N   CA   sing N N 171 
LEU N   H    sing N N 172 
LEU N   H2   sing N N 173 
LEU CA  C    sing N N 174 
LEU CA  CB   sing N N 175 
LEU CA  HA   sing N N 176 
LEU C   O    doub N N 177 
LEU C   OXT  sing N N 178 
LEU CB  CG   sing N N 179 
LEU CB  HB2  sing N N 180 
LEU CB  HB3  sing N N 181 
LEU CG  CD1  sing N N 182 
LEU CG  CD2  sing N N 183 
LEU CG  HG   sing N N 184 
LEU CD1 HD11 sing N N 185 
LEU CD1 HD12 sing N N 186 
LEU CD1 HD13 sing N N 187 
LEU CD2 HD21 sing N N 188 
LEU CD2 HD22 sing N N 189 
LEU CD2 HD23 sing N N 190 
LEU OXT HXT  sing N N 191 
LYS N   CA   sing N N 192 
LYS N   H    sing N N 193 
LYS N   H2   sing N N 194 
LYS CA  C    sing N N 195 
LYS CA  CB   sing N N 196 
LYS CA  HA   sing N N 197 
LYS C   O    doub N N 198 
LYS C   OXT  sing N N 199 
LYS CB  CG   sing N N 200 
LYS CB  HB2  sing N N 201 
LYS CB  HB3  sing N N 202 
LYS CG  CD   sing N N 203 
LYS CG  HG2  sing N N 204 
LYS CG  HG3  sing N N 205 
LYS CD  CE   sing N N 206 
LYS CD  HD2  sing N N 207 
LYS CD  HD3  sing N N 208 
LYS CE  NZ   sing N N 209 
LYS CE  HE2  sing N N 210 
LYS CE  HE3  sing N N 211 
LYS NZ  HZ1  sing N N 212 
LYS NZ  HZ2  sing N N 213 
LYS NZ  HZ3  sing N N 214 
LYS OXT HXT  sing N N 215 
MET N   CA   sing N N 216 
MET N   H    sing N N 217 
MET N   H2   sing N N 218 
MET CA  C    sing N N 219 
MET CA  CB   sing N N 220 
MET CA  HA   sing N N 221 
MET C   O    doub N N 222 
MET C   OXT  sing N N 223 
MET CB  CG   sing N N 224 
MET CB  HB2  sing N N 225 
MET CB  HB3  sing N N 226 
MET CG  SD   sing N N 227 
MET CG  HG2  sing N N 228 
MET CG  HG3  sing N N 229 
MET SD  CE   sing N N 230 
MET CE  HE1  sing N N 231 
MET CE  HE2  sing N N 232 
MET CE  HE3  sing N N 233 
MET OXT HXT  sing N N 234 
PHE N   CA   sing N N 235 
PHE N   H    sing N N 236 
PHE N   H2   sing N N 237 
PHE CA  C    sing N N 238 
PHE CA  CB   sing N N 239 
PHE CA  HA   sing N N 240 
PHE C   O    doub N N 241 
PHE C   OXT  sing N N 242 
PHE CB  CG   sing N N 243 
PHE CB  HB2  sing N N 244 
PHE CB  HB3  sing N N 245 
PHE CG  CD1  doub Y N 246 
PHE CG  CD2  sing Y N 247 
PHE CD1 CE1  sing Y N 248 
PHE CD1 HD1  sing N N 249 
PHE CD2 CE2  doub Y N 250 
PHE CD2 HD2  sing N N 251 
PHE CE1 CZ   doub Y N 252 
PHE CE1 HE1  sing N N 253 
PHE CE2 CZ   sing Y N 254 
PHE CE2 HE2  sing N N 255 
PHE CZ  HZ   sing N N 256 
PHE OXT HXT  sing N N 257 
PRO N   CA   sing N N 258 
PRO N   CD   sing N N 259 
PRO N   H    sing N N 260 
PRO CA  C    sing N N 261 
PRO CA  CB   sing N N 262 
PRO CA  HA   sing N N 263 
PRO C   O    doub N N 264 
PRO C   OXT  sing N N 265 
PRO CB  CG   sing N N 266 
PRO CB  HB2  sing N N 267 
PRO CB  HB3  sing N N 268 
PRO CG  CD   sing N N 269 
PRO CG  HG2  sing N N 270 
PRO CG  HG3  sing N N 271 
PRO CD  HD2  sing N N 272 
PRO CD  HD3  sing N N 273 
PRO OXT HXT  sing N N 274 
SER N   CA   sing N N 275 
SER N   H    sing N N 276 
SER N   H2   sing N N 277 
SER CA  C    sing N N 278 
SER CA  CB   sing N N 279 
SER CA  HA   sing N N 280 
SER C   O    doub N N 281 
SER C   OXT  sing N N 282 
SER CB  OG   sing N N 283 
SER CB  HB2  sing N N 284 
SER CB  HB3  sing N N 285 
SER OG  HG   sing N N 286 
SER OXT HXT  sing N N 287 
THR N   CA   sing N N 288 
THR N   H    sing N N 289 
THR N   H2   sing N N 290 
THR CA  C    sing N N 291 
THR CA  CB   sing N N 292 
THR CA  HA   sing N N 293 
THR C   O    doub N N 294 
THR C   OXT  sing N N 295 
THR CB  OG1  sing N N 296 
THR CB  CG2  sing N N 297 
THR CB  HB   sing N N 298 
THR OG1 HG1  sing N N 299 
THR CG2 HG21 sing N N 300 
THR CG2 HG22 sing N N 301 
THR CG2 HG23 sing N N 302 
THR OXT HXT  sing N N 303 
TRP N   CA   sing N N 304 
TRP N   H    sing N N 305 
TRP N   H2   sing N N 306 
TRP CA  C    sing N N 307 
TRP CA  CB   sing N N 308 
TRP CA  HA   sing N N 309 
TRP C   O    doub N N 310 
TRP C   OXT  sing N N 311 
TRP CB  CG   sing N N 312 
TRP CB  HB2  sing N N 313 
TRP CB  HB3  sing N N 314 
TRP CG  CD1  doub Y N 315 
TRP CG  CD2  sing Y N 316 
TRP CD1 NE1  sing Y N 317 
TRP CD1 HD1  sing N N 318 
TRP CD2 CE2  doub Y N 319 
TRP CD2 CE3  sing Y N 320 
TRP NE1 CE2  sing Y N 321 
TRP NE1 HE1  sing N N 322 
TRP CE2 CZ2  sing Y N 323 
TRP CE3 CZ3  doub Y N 324 
TRP CE3 HE3  sing N N 325 
TRP CZ2 CH2  doub Y N 326 
TRP CZ2 HZ2  sing N N 327 
TRP CZ3 CH2  sing Y N 328 
TRP CZ3 HZ3  sing N N 329 
TRP CH2 HH2  sing N N 330 
TRP OXT HXT  sing N N 331 
TYR N   CA   sing N N 332 
TYR N   H    sing N N 333 
TYR N   H2   sing N N 334 
TYR CA  C    sing N N 335 
TYR CA  CB   sing N N 336 
TYR CA  HA   sing N N 337 
TYR C   O    doub N N 338 
TYR C   OXT  sing N N 339 
TYR CB  CG   sing N N 340 
TYR CB  HB2  sing N N 341 
TYR CB  HB3  sing N N 342 
TYR CG  CD1  doub Y N 343 
TYR CG  CD2  sing Y N 344 
TYR CD1 CE1  sing Y N 345 
TYR CD1 HD1  sing N N 346 
TYR CD2 CE2  doub Y N 347 
TYR CD2 HD2  sing N N 348 
TYR CE1 CZ   doub Y N 349 
TYR CE1 HE1  sing N N 350 
TYR CE2 CZ   sing Y N 351 
TYR CE2 HE2  sing N N 352 
TYR CZ  OH   sing N N 353 
TYR OH  HH   sing N N 354 
TYR OXT HXT  sing N N 355 
VAL N   CA   sing N N 356 
VAL N   H    sing N N 357 
VAL N   H2   sing N N 358 
VAL CA  C    sing N N 359 
VAL CA  CB   sing N N 360 
VAL CA  HA   sing N N 361 
VAL C   O    doub N N 362 
VAL C   OXT  sing N N 363 
VAL CB  CG1  sing N N 364 
VAL CB  CG2  sing N N 365 
VAL CB  HB   sing N N 366 
VAL CG1 HG11 sing N N 367 
VAL CG1 HG12 sing N N 368 
VAL CG1 HG13 sing N N 369 
VAL CG2 HG21 sing N N 370 
VAL CG2 HG22 sing N N 371 
VAL CG2 HG23 sing N N 372 
VAL OXT HXT  sing N N 373 
# 
_pdbx_nmr_spectrometer.spectrometer_id   1 
_pdbx_nmr_spectrometer.model             AMX600 
_pdbx_nmr_spectrometer.manufacturer      Bruker 
_pdbx_nmr_spectrometer.field_strength    600 
_pdbx_nmr_spectrometer.type              ? 
# 
_atom_sites.entry_id                    1CTO 
_atom_sites.fract_transf_matrix[1][1]   1.000000 
_atom_sites.fract_transf_matrix[1][2]   0.000000 
_atom_sites.fract_transf_matrix[1][3]   0.000000 
_atom_sites.fract_transf_matrix[2][1]   0.000000 
_atom_sites.fract_transf_matrix[2][2]   1.000000 
_atom_sites.fract_transf_matrix[2][3]   0.000000 
_atom_sites.fract_transf_matrix[3][1]   0.000000 
_atom_sites.fract_transf_matrix[3][2]   0.000000 
_atom_sites.fract_transf_matrix[3][3]   1.000000 
_atom_sites.fract_transf_vector[1]      0.00000 
_atom_sites.fract_transf_vector[2]      0.00000 
_atom_sites.fract_transf_vector[3]      0.00000 
# 
loop_
_atom_type.symbol 
C 
H 
N 
O 
S 
# 
loop_
_atom_site.group_PDB 
_atom_site.id 
_atom_site.type_symbol 
_atom_site.label_atom_id 
_atom_site.label_alt_id 
_atom_site.label_comp_id 
_atom_site.label_asym_id 
_atom_site.label_entity_id 
_atom_site.label_seq_id 
_atom_site.pdbx_PDB_ins_code 
_atom_site.Cartn_x 
_atom_site.Cartn_y 
_atom_site.Cartn_z 
_atom_site.occupancy 
_atom_site.B_iso_or_equiv 
_atom_site.pdbx_formal_charge 
_atom_site.auth_seq_id 
_atom_site.auth_comp_id 
_atom_site.auth_asym_id 
_atom_site.auth_atom_id 
_atom_site.pdbx_PDB_model_num 
ATOM 1    N N    . GLY A 1 1   ? 16.953  2.166   14.767  1.00 0.00 ? 1   GLY A N    1 
ATOM 2    C CA   . GLY A 1 1   ? 16.302  1.014   14.000  1.00 0.00 ? 1   GLY A CA   1 
ATOM 3    C C    . GLY A 1 1   ? 17.086  0.296   12.954  1.00 0.00 ? 1   GLY A C    1 
ATOM 4    O O    . GLY A 1 1   ? 16.722  0.277   11.795  1.00 0.00 ? 1   GLY A O    1 
ATOM 5    H H1   . GLY A 1 1   ? 17.692  2.600   14.178  1.00 0.00 ? 1   GLY A H1   1 
ATOM 6    H H2   . GLY A 1 1   ? 16.231  2.877   15.000  1.00 0.00 ? 1   GLY A H2   1 
ATOM 7    H H3   . GLY A 1 1   ? 17.377  1.802   15.643  1.00 0.00 ? 1   GLY A H3   1 
ATOM 8    H HA2  . GLY A 1 1   ? 16.384  0.174   14.487  1.00 0.00 ? 1   GLY A HA2  1 
ATOM 9    H HA3  . GLY A 1 1   ? 15.193  1.321   13.801  1.00 0.00 ? 1   GLY A HA3  1 
ATOM 10   N N    . SER A 1 2   ? 18.178  -0.313  13.330  1.00 0.00 ? 2   SER A N    1 
ATOM 11   C CA   . SER A 1 2   ? 19.002  -1.048  12.330  1.00 0.00 ? 2   SER A CA   1 
ATOM 12   C C    . SER A 1 2   ? 19.323  -0.121  11.153  1.00 0.00 ? 2   SER A C    1 
ATOM 13   O O    . SER A 1 2   ? 19.529  1.064   11.324  1.00 0.00 ? 2   SER A O    1 
ATOM 14   C CB   . SER A 1 2   ? 18.226  -2.265  11.827  1.00 0.00 ? 2   SER A CB   1 
ATOM 15   O OG   . SER A 1 2   ? 17.327  -1.859  10.804  1.00 0.00 ? 2   SER A OG   1 
ATOM 16   H H    . SER A 1 2   ? 18.456  -0.287  14.270  1.00 0.00 ? 2   SER A H    1 
ATOM 17   H HA   . SER A 1 2   ? 19.923  -1.373  12.792  1.00 0.00 ? 2   SER A HA   1 
ATOM 18   H HB2  . SER A 1 2   ? 18.912  -2.993  11.428  1.00 0.00 ? 2   SER A HB2  1 
ATOM 19   H HB3  . SER A 1 2   ? 17.676  -2.705  12.650  1.00 0.00 ? 2   SER A HB3  1 
ATOM 20   H HG   . SER A 1 2   ? 16.451  -2.179  11.035  1.00 0.00 ? 2   SER A HG   1 
ATOM 21   N N    . SER A 1 3   ? 19.367  -0.651  9.961   1.00 0.00 ? 3   SER A N    1 
ATOM 22   C CA   . SER A 1 3   ? 19.674  0.201   8.777   1.00 0.00 ? 3   SER A CA   1 
ATOM 23   C C    . SER A 1 3   ? 18.719  1.397   8.747   1.00 0.00 ? 3   SER A C    1 
ATOM 24   O O    . SER A 1 3   ? 17.980  1.639   9.681   1.00 0.00 ? 3   SER A O    1 
ATOM 25   C CB   . SER A 1 3   ? 19.501  -0.620  7.500   1.00 0.00 ? 3   SER A CB   1 
ATOM 26   O OG   . SER A 1 3   ? 20.488  -0.232  6.554   1.00 0.00 ? 3   SER A OG   1 
ATOM 27   H H    . SER A 1 3   ? 19.198  -1.609  9.844   1.00 0.00 ? 3   SER A H    1 
ATOM 28   H HA   . SER A 1 3   ? 20.692  0.556   8.844   1.00 0.00 ? 3   SER A HA   1 
ATOM 29   H HB2  . SER A 1 3   ? 19.618  -1.667  7.724   1.00 0.00 ? 3   SER A HB2  1 
ATOM 30   H HB3  . SER A 1 3   ? 18.512  -0.450  7.094   1.00 0.00 ? 3   SER A HB3  1 
ATOM 31   H HG   . SER A 1 3   ? 20.424  -0.821  5.799   1.00 0.00 ? 3   SER A HG   1 
ATOM 32   N N    . LEU A 1 4   ? 18.730  2.147   7.679   1.00 0.00 ? 4   LEU A N    1 
ATOM 33   C CA   . LEU A 1 4   ? 17.824  3.327   7.589   1.00 0.00 ? 4   LEU A CA   1 
ATOM 34   C C    . LEU A 1 4   ? 16.427  2.867   7.170   1.00 0.00 ? 4   LEU A C    1 
ATOM 35   O O    . LEU A 1 4   ? 15.430  3.433   7.574   1.00 0.00 ? 4   LEU A O    1 
ATOM 36   C CB   . LEU A 1 4   ? 18.370  4.312   6.553   1.00 0.00 ? 4   LEU A CB   1 
ATOM 37   C CG   . LEU A 1 4   ? 19.203  5.385   7.258   1.00 0.00 ? 4   LEU A CG   1 
ATOM 38   C CD1  . LEU A 1 4   ? 18.330  6.123   8.275   1.00 0.00 ? 4   LEU A CD1  1 
ATOM 39   C CD2  . LEU A 1 4   ? 20.379  4.725   7.981   1.00 0.00 ? 4   LEU A CD2  1 
ATOM 40   H H    . LEU A 1 4   ? 19.334  1.935   6.937   1.00 0.00 ? 4   LEU A H    1 
ATOM 41   H HA   . LEU A 1 4   ? 17.769  3.812   8.553   1.00 0.00 ? 4   LEU A HA   1 
ATOM 42   H HB2  . LEU A 1 4   ? 18.990  3.782   5.844   1.00 0.00 ? 4   LEU A HB2  1 
ATOM 43   H HB3  . LEU A 1 4   ? 17.548  4.781   6.033   1.00 0.00 ? 4   LEU A HB3  1 
ATOM 44   H HG   . LEU A 1 4   ? 19.576  6.088   6.526   1.00 0.00 ? 4   LEU A HG   1 
ATOM 45   H HD11 . LEU A 1 4   ? 17.323  6.202   7.895   1.00 0.00 ? 4   LEU A HD11 1 
ATOM 46   H HD12 . LEU A 1 4   ? 18.324  5.577   9.206   1.00 0.00 ? 4   LEU A HD12 1 
ATOM 47   H HD13 . LEU A 1 4   ? 18.731  7.113   8.440   1.00 0.00 ? 4   LEU A HD13 1 
ATOM 48   H HD21 . LEU A 1 4   ? 20.585  3.765   7.531   1.00 0.00 ? 4   LEU A HD21 1 
ATOM 49   H HD22 . LEU A 1 4   ? 21.252  5.356   7.899   1.00 0.00 ? 4   LEU A HD22 1 
ATOM 50   H HD23 . LEU A 1 4   ? 20.130  4.589   9.022   1.00 0.00 ? 4   LEU A HD23 1 
ATOM 51   N N    . GLU A 1 5   ? 16.344  1.845   6.362   1.00 0.00 ? 5   GLU A N    1 
ATOM 52   C CA   . GLU A 1 5   ? 15.007  1.354   5.920   1.00 0.00 ? 5   GLU A CA   1 
ATOM 53   C C    . GLU A 1 5   ? 14.236  2.503   5.264   1.00 0.00 ? 5   GLU A C    1 
ATOM 54   O O    . GLU A 1 5   ? 13.713  3.363   5.944   1.00 0.00 ? 5   GLU A O    1 
ATOM 55   C CB   . GLU A 1 5   ? 14.227  0.842   7.133   1.00 0.00 ? 5   GLU A CB   1 
ATOM 56   C CG   . GLU A 1 5   ? 15.079  -0.174  7.898   1.00 0.00 ? 5   GLU A CG   1 
ATOM 57   C CD   . GLU A 1 5   ? 15.298  0.314   9.330   1.00 0.00 ? 5   GLU A CD   1 
ATOM 58   O OE1  . GLU A 1 5   ? 15.617  1.480   9.496   1.00 0.00 ? 5   GLU A OE1  1 
ATOM 59   O OE2  . GLU A 1 5   ? 15.144  -0.486  10.238  1.00 0.00 ? 5   GLU A OE2  1 
ATOM 60   H H    . GLU A 1 5   ? 17.158  1.401   6.046   1.00 0.00 ? 5   GLU A H    1 
ATOM 61   H HA   . GLU A 1 5   ? 15.136  0.551   5.210   1.00 0.00 ? 5   GLU A HA   1 
ATOM 62   H HB2  . GLU A 1 5   ? 13.986  1.671   7.784   1.00 0.00 ? 5   GLU A HB2  1 
ATOM 63   H HB3  . GLU A 1 5   ? 13.316  0.367   6.802   1.00 0.00 ? 5   GLU A HB3  1 
ATOM 64   H HG2  . GLU A 1 5   ? 14.572  -1.129  7.914   1.00 0.00 ? 5   GLU A HG2  1 
ATOM 65   H HG3  . GLU A 1 5   ? 16.035  -0.284  7.407   1.00 0.00 ? 5   GLU A HG3  1 
ATOM 66   N N    . PRO A 1 6   ? 14.191  2.479   3.958   1.00 0.00 ? 6   PRO A N    1 
ATOM 67   C CA   . PRO A 1 6   ? 13.495  3.508   3.161   1.00 0.00 ? 6   PRO A CA   1 
ATOM 68   C C    . PRO A 1 6   ? 11.981  3.287   3.210   1.00 0.00 ? 6   PRO A C    1 
ATOM 69   O O    . PRO A 1 6   ? 11.514  2.341   3.813   1.00 0.00 ? 6   PRO A O    1 
ATOM 70   C CB   . PRO A 1 6   ? 14.040  3.292   1.745   1.00 0.00 ? 6   PRO A CB   1 
ATOM 71   C CG   . PRO A 1 6   ? 14.565  1.839   1.695   1.00 0.00 ? 6   PRO A CG   1 
ATOM 72   C CD   . PRO A 1 6   ? 14.828  1.418   3.152   1.00 0.00 ? 6   PRO A CD   1 
ATOM 73   H HA   . PRO A 1 6   ? 13.749  4.497   3.507   1.00 0.00 ? 6   PRO A HA   1 
ATOM 74   H HB2  . PRO A 1 6   ? 13.249  3.428   1.020   1.00 0.00 ? 6   PRO A HB2  1 
ATOM 75   H HB3  . PRO A 1 6   ? 14.849  3.979   1.548   1.00 0.00 ? 6   PRO A HB3  1 
ATOM 76   H HG2  . PRO A 1 6   ? 13.821  1.194   1.248   1.00 0.00 ? 6   PRO A HG2  1 
ATOM 77   H HG3  . PRO A 1 6   ? 15.483  1.795   1.132   1.00 0.00 ? 6   PRO A HG3  1 
ATOM 78   H HD2  . PRO A 1 6   ? 14.370  0.459   3.355   1.00 0.00 ? 6   PRO A HD2  1 
ATOM 79   H HD3  . PRO A 1 6   ? 15.887  1.383   3.351   1.00 0.00 ? 6   PRO A HD3  1 
ATOM 80   N N    . PRO A 1 7   ? 11.259  4.169   2.570   1.00 0.00 ? 7   PRO A N    1 
ATOM 81   C CA   . PRO A 1 7   ? 9.790   4.101   2.517   1.00 0.00 ? 7   PRO A CA   1 
ATOM 82   C C    . PRO A 1 7   ? 9.344   3.002   1.554   1.00 0.00 ? 7   PRO A C    1 
ATOM 83   O O    . PRO A 1 7   ? 8.916   3.264   0.448   1.00 0.00 ? 7   PRO A O    1 
ATOM 84   C CB   . PRO A 1 7   ? 9.379   5.486   2.017   1.00 0.00 ? 7   PRO A CB   1 
ATOM 85   C CG   . PRO A 1 7   ? 10.613  6.071   1.291   1.00 0.00 ? 7   PRO A CG   1 
ATOM 86   C CD   . PRO A 1 7   ? 11.840  5.313   1.836   1.00 0.00 ? 7   PRO A CD   1 
ATOM 87   H HA   . PRO A 1 7   ? 9.383   3.930   3.498   1.00 0.00 ? 7   PRO A HA   1 
ATOM 88   H HB2  . PRO A 1 7   ? 8.546   5.398   1.331   1.00 0.00 ? 7   PRO A HB2  1 
ATOM 89   H HB3  . PRO A 1 7   ? 9.111   6.117   2.849   1.00 0.00 ? 7   PRO A HB3  1 
ATOM 90   H HG2  . PRO A 1 7   ? 10.522  5.919   0.225   1.00 0.00 ? 7   PRO A HG2  1 
ATOM 91   H HG3  . PRO A 1 7   ? 10.709  7.123   1.511   1.00 0.00 ? 7   PRO A HG3  1 
ATOM 92   H HD2  . PRO A 1 7   ? 12.460  4.970   1.020   1.00 0.00 ? 7   PRO A HD2  1 
ATOM 93   H HD3  . PRO A 1 7   ? 12.406  5.938   2.508   1.00 0.00 ? 7   PRO A HD3  1 
ATOM 94   N N    . MET A 1 8   ? 9.440   1.772   1.975   1.00 0.00 ? 8   MET A N    1 
ATOM 95   C CA   . MET A 1 8   ? 9.022   0.648   1.097   1.00 0.00 ? 8   MET A CA   1 
ATOM 96   C C    . MET A 1 8   ? 7.644   0.157   1.539   1.00 0.00 ? 8   MET A C    1 
ATOM 97   O O    . MET A 1 8   ? 7.311   0.185   2.706   1.00 0.00 ? 8   MET A O    1 
ATOM 98   C CB   . MET A 1 8   ? 10.035  -0.493  1.210   1.00 0.00 ? 8   MET A CB   1 
ATOM 99   C CG   . MET A 1 8   ? 10.684  -0.736  -0.155  1.00 0.00 ? 8   MET A CG   1 
ATOM 100  S SD   . MET A 1 8   ? 12.484  -0.738  0.025   1.00 0.00 ? 8   MET A SD   1 
ATOM 101  C CE   . MET A 1 8   ? 12.641  -2.406  0.708   1.00 0.00 ? 8   MET A CE   1 
ATOM 102  H H    . MET A 1 8   ? 9.786   1.590   2.875   1.00 0.00 ? 8   MET A H    1 
ATOM 103  H HA   . MET A 1 8   ? 8.972   0.989   0.073   1.00 0.00 ? 8   MET A HA   1 
ATOM 104  H HB2  . MET A 1 8   ? 10.795  -0.229  1.929   1.00 0.00 ? 8   MET A HB2  1 
ATOM 105  H HB3  . MET A 1 8   ? 9.530   -1.392  1.530   1.00 0.00 ? 8   MET A HB3  1 
ATOM 106  H HG2  . MET A 1 8   ? 10.359  -1.690  -0.543  1.00 0.00 ? 8   MET A HG2  1 
ATOM 107  H HG3  . MET A 1 8   ? 10.391  0.048   -0.837  1.00 0.00 ? 8   MET A HG3  1 
ATOM 108  H HE1  . MET A 1 8   ? 11.693  -2.920  0.623   1.00 0.00 ? 8   MET A HE1  1 
ATOM 109  H HE2  . MET A 1 8   ? 13.392  -2.951  0.159   1.00 0.00 ? 8   MET A HE2  1 
ATOM 110  H HE3  . MET A 1 8   ? 12.930  -2.342  1.747   1.00 0.00 ? 8   MET A HE3  1 
ATOM 111  N N    . LEU A 1 9   ? 6.839   -0.288  0.617   1.00 0.00 ? 9   LEU A N    1 
ATOM 112  C CA   . LEU A 1 9   ? 5.484   -0.772  0.993   1.00 0.00 ? 9   LEU A CA   1 
ATOM 113  C C    . LEU A 1 9   ? 5.382   -2.273  0.702   1.00 0.00 ? 9   LEU A C    1 
ATOM 114  O O    . LEU A 1 9   ? 5.539   -2.710  -0.421  1.00 0.00 ? 9   LEU A O    1 
ATOM 115  C CB   . LEU A 1 9   ? 4.434   -0.002  0.179   1.00 0.00 ? 9   LEU A CB   1 
ATOM 116  C CG   . LEU A 1 9   ? 3.121   -0.791  0.104   1.00 0.00 ? 9   LEU A CG   1 
ATOM 117  C CD1  . LEU A 1 9   ? 3.215   -1.841  -1.005  1.00 0.00 ? 9   LEU A CD1  1 
ATOM 118  C CD2  . LEU A 1 9   ? 2.849   -1.485  1.440   1.00 0.00 ? 9   LEU A CD2  1 
ATOM 119  H H    . LEU A 1 9   ? 7.123   -0.300  -0.320  1.00 0.00 ? 9   LEU A H    1 
ATOM 120  H HA   . LEU A 1 9   ? 5.323   -0.596  2.049   1.00 0.00 ? 9   LEU A HA   1 
ATOM 121  H HB2  . LEU A 1 9   ? 4.249   0.953   0.650   1.00 0.00 ? 9   LEU A HB2  1 
ATOM 122  H HB3  . LEU A 1 9   ? 4.809   0.161   -0.821  1.00 0.00 ? 9   LEU A HB3  1 
ATOM 123  H HG   . LEU A 1 9   ? 2.310   -0.111  -0.119  1.00 0.00 ? 9   LEU A HG   1 
ATOM 124  H HD11 . LEU A 1 9   ? 4.116   -1.681  -1.577  1.00 0.00 ? 9   LEU A HD11 1 
ATOM 125  H HD12 . LEU A 1 9   ? 3.237   -2.827  -0.565  1.00 0.00 ? 9   LEU A HD12 1 
ATOM 126  H HD13 . LEU A 1 9   ? 2.357   -1.756  -1.655  1.00 0.00 ? 9   LEU A HD13 1 
ATOM 127  H HD21 . LEU A 1 9   ? 3.492   -1.068  2.201   1.00 0.00 ? 9   LEU A HD21 1 
ATOM 128  H HD22 . LEU A 1 9   ? 1.817   -1.339  1.719   1.00 0.00 ? 9   LEU A HD22 1 
ATOM 129  H HD23 . LEU A 1 9   ? 3.048   -2.541  1.341   1.00 0.00 ? 9   LEU A HD23 1 
ATOM 130  N N    . GLN A 1 10  ? 5.116   -3.064  1.706   1.00 0.00 ? 10  GLN A N    1 
ATOM 131  C CA   . GLN A 1 10  ? 4.996   -4.533  1.495   1.00 0.00 ? 10  GLN A CA   1 
ATOM 132  C C    . GLN A 1 10  ? 3.598   -4.986  1.919   1.00 0.00 ? 10  GLN A C    1 
ATOM 133  O O    . GLN A 1 10  ? 2.816   -4.214  2.436   1.00 0.00 ? 10  GLN A O    1 
ATOM 134  C CB   . GLN A 1 10  ? 6.047   -5.260  2.338   1.00 0.00 ? 10  GLN A CB   1 
ATOM 135  C CG   . GLN A 1 10  ? 7.438   -4.715  2.005   1.00 0.00 ? 10  GLN A CG   1 
ATOM 136  C CD   . GLN A 1 10  ? 8.422   -5.127  3.101   1.00 0.00 ? 10  GLN A CD   1 
ATOM 137  O OE1  . GLN A 1 10  ? 8.227   -4.812  4.257   1.00 0.00 ? 10  GLN A OE1  1 
ATOM 138  N NE2  . GLN A 1 10  ? 9.480   -5.822  2.785   1.00 0.00 ? 10  GLN A NE2  1 
ATOM 139  H H    . GLN A 1 10  ? 4.990   -2.689  2.601   1.00 0.00 ? 10  GLN A H    1 
ATOM 140  H HA   . GLN A 1 10  ? 5.150   -4.761  0.451   1.00 0.00 ? 10  GLN A HA   1 
ATOM 141  H HB2  . GLN A 1 10  ? 5.840   -5.100  3.386   1.00 0.00 ? 10  GLN A HB2  1 
ATOM 142  H HB3  . GLN A 1 10  ? 6.015   -6.316  2.121   1.00 0.00 ? 10  GLN A HB3  1 
ATOM 143  H HG2  . GLN A 1 10  ? 7.764   -5.118  1.057   1.00 0.00 ? 10  GLN A HG2  1 
ATOM 144  H HG3  . GLN A 1 10  ? 7.398   -3.639  1.944   1.00 0.00 ? 10  GLN A HG3  1 
ATOM 145  H HE21 . GLN A 1 10  ? 9.639   -6.076  1.851   1.00 0.00 ? 10  GLN A HE21 1 
ATOM 146  H HE22 . GLN A 1 10  ? 10.116  -6.091  3.480   1.00 0.00 ? 10  GLN A HE22 1 
ATOM 147  N N    . ALA A 1 11  ? 3.273   -6.231  1.708   1.00 0.00 ? 11  ALA A N    1 
ATOM 148  C CA   . ALA A 1 11  ? 1.922   -6.717  2.101   1.00 0.00 ? 11  ALA A CA   1 
ATOM 149  C C    . ALA A 1 11  ? 1.959   -7.229  3.542   1.00 0.00 ? 11  ALA A C    1 
ATOM 150  O O    . ALA A 1 11  ? 2.929   -7.047  4.252   1.00 0.00 ? 11  ALA A O    1 
ATOM 151  C CB   . ALA A 1 11  ? 1.493   -7.849  1.167   1.00 0.00 ? 11  ALA A CB   1 
ATOM 152  H H    . ALA A 1 11  ? 3.914   -6.843  1.290   1.00 0.00 ? 11  ALA A H    1 
ATOM 153  H HA   . ALA A 1 11  ? 1.213   -5.902  2.030   1.00 0.00 ? 11  ALA A HA   1 
ATOM 154  H HB1  . ALA A 1 11  ? 2.269   -8.026  0.436   1.00 0.00 ? 11  ALA A HB1  1 
ATOM 155  H HB2  . ALA A 1 11  ? 1.327   -8.748  1.742   1.00 0.00 ? 11  ALA A HB2  1 
ATOM 156  H HB3  . ALA A 1 11  ? 0.579   -7.572  0.662   1.00 0.00 ? 11  ALA A HB3  1 
ATOM 157  N N    . LEU A 1 12  ? 0.908   -7.866  3.979   1.00 0.00 ? 12  LEU A N    1 
ATOM 158  C CA   . LEU A 1 12  ? 0.878   -8.387  5.374   1.00 0.00 ? 12  LEU A CA   1 
ATOM 159  C C    . LEU A 1 12  ? 0.802   -9.915  5.349   1.00 0.00 ? 12  LEU A C    1 
ATOM 160  O O    . LEU A 1 12  ? 0.174   -10.500 4.490   1.00 0.00 ? 12  LEU A O    1 
ATOM 161  C CB   . LEU A 1 12  ? -0.350  -7.828  6.096   1.00 0.00 ? 12  LEU A CB   1 
ATOM 162  C CG   . LEU A 1 12  ? -0.063  -7.729  7.595   1.00 0.00 ? 12  LEU A CG   1 
ATOM 163  C CD1  . LEU A 1 12  ? 0.079   -6.258  7.990   1.00 0.00 ? 12  LEU A CD1  1 
ATOM 164  C CD2  . LEU A 1 12  ? -1.220  -8.356  8.376   1.00 0.00 ? 12  LEU A CD2  1 
ATOM 165  H H    . LEU A 1 12  ? 0.136   -7.999  3.391   1.00 0.00 ? 12  LEU A H    1 
ATOM 166  H HA   . LEU A 1 12  ? 1.773   -8.079  5.894   1.00 0.00 ? 12  LEU A HA   1 
ATOM 167  H HB2  . LEU A 1 12  ? -0.580  -6.847  5.707   1.00 0.00 ? 12  LEU A HB2  1 
ATOM 168  H HB3  . LEU A 1 12  ? -1.191  -8.486  5.936   1.00 0.00 ? 12  LEU A HB3  1 
ATOM 169  H HG   . LEU A 1 12  ? 0.854   -8.253  7.821   1.00 0.00 ? 12  LEU A HG   1 
ATOM 170  H HD11 . LEU A 1 12  ? 0.796   -5.778  7.342   1.00 0.00 ? 12  LEU A HD11 1 
ATOM 171  H HD12 . LEU A 1 12  ? -0.878  -5.765  7.894   1.00 0.00 ? 12  LEU A HD12 1 
ATOM 172  H HD13 . LEU A 1 12  ? 0.416   -6.191  9.014   1.00 0.00 ? 12  LEU A HD13 1 
ATOM 173  H HD21 . LEU A 1 12  ? -2.068  -8.486  7.720   1.00 0.00 ? 12  LEU A HD21 1 
ATOM 174  H HD22 . LEU A 1 12  ? -0.914  -9.317  8.763   1.00 0.00 ? 12  LEU A HD22 1 
ATOM 175  H HD23 . LEU A 1 12  ? -1.494  -7.708  9.195   1.00 0.00 ? 12  LEU A HD23 1 
ATOM 176  N N    . ASP A 1 13  ? 1.438   -10.566 6.285   1.00 0.00 ? 13  ASP A N    1 
ATOM 177  C CA   . ASP A 1 13  ? 1.401   -12.054 6.315   1.00 0.00 ? 13  ASP A CA   1 
ATOM 178  C C    . ASP A 1 13  ? -0.009  -12.520 6.686   1.00 0.00 ? 13  ASP A C    1 
ATOM 179  O O    . ASP A 1 13  ? -0.361  -12.602 7.847   1.00 0.00 ? 13  ASP A O    1 
ATOM 180  C CB   . ASP A 1 13  ? 2.399   -12.570 7.353   1.00 0.00 ? 13  ASP A CB   1 
ATOM 181  C CG   . ASP A 1 13  ? 3.642   -13.109 6.643   1.00 0.00 ? 13  ASP A CG   1 
ATOM 182  O OD1  . ASP A 1 13  ? 3.594   -14.237 6.183   1.00 0.00 ? 13  ASP A OD1  1 
ATOM 183  O OD2  . ASP A 1 13  ? 4.620   -12.383 6.572   1.00 0.00 ? 13  ASP A OD2  1 
ATOM 184  H H    . ASP A 1 13  ? 1.938   -10.074 6.970   1.00 0.00 ? 13  ASP A H    1 
ATOM 185  H HA   . ASP A 1 13  ? 1.662   -12.441 5.341   1.00 0.00 ? 13  ASP A HA   1 
ATOM 186  H HB2  . ASP A 1 13  ? 2.681   -11.762 8.012   1.00 0.00 ? 13  ASP A HB2  1 
ATOM 187  H HB3  . ASP A 1 13  ? 1.944   -13.361 7.929   1.00 0.00 ? 13  ASP A HB3  1 
ATOM 188  N N    . ILE A 1 14  ? -0.819  -12.826 5.710   1.00 0.00 ? 14  ILE A N    1 
ATOM 189  C CA   . ILE A 1 14  ? -2.205  -13.284 6.008   1.00 0.00 ? 14  ILE A CA   1 
ATOM 190  C C    . ILE A 1 14  ? -2.307  -14.792 5.772   1.00 0.00 ? 14  ILE A C    1 
ATOM 191  O O    . ILE A 1 14  ? -1.394  -15.414 5.267   1.00 0.00 ? 14  ILE A O    1 
ATOM 192  C CB   . ILE A 1 14  ? -3.190  -12.555 5.093   1.00 0.00 ? 14  ILE A CB   1 
ATOM 193  C CG1  . ILE A 1 14  ? -2.896  -11.053 5.123   1.00 0.00 ? 14  ILE A CG1  1 
ATOM 194  C CG2  . ILE A 1 14  ? -4.619  -12.802 5.578   1.00 0.00 ? 14  ILE A CG2  1 
ATOM 195  C CD1  . ILE A 1 14  ? -3.106  -10.521 6.541   1.00 0.00 ? 14  ILE A CD1  1 
ATOM 196  H H    . ILE A 1 14  ? -0.517  -12.752 4.781   1.00 0.00 ? 14  ILE A H    1 
ATOM 197  H HA   . ILE A 1 14  ? -2.443  -13.065 7.039   1.00 0.00 ? 14  ILE A HA   1 
ATOM 198  H HB   . ILE A 1 14  ? -3.084  -12.925 4.083   1.00 0.00 ? 14  ILE A HB   1 
ATOM 199  H HG12 . ILE A 1 14  ? -1.872  -10.882 4.821   1.00 0.00 ? 14  ILE A HG12 1 
ATOM 200  H HG13 . ILE A 1 14  ? -3.562  -10.542 4.445   1.00 0.00 ? 14  ILE A HG13 1 
ATOM 201  H HG21 . ILE A 1 14  ? -4.643  -12.768 6.658   1.00 0.00 ? 14  ILE A HG21 1 
ATOM 202  H HG22 . ILE A 1 14  ? -5.271  -12.038 5.181   1.00 0.00 ? 14  ILE A HG22 1 
ATOM 203  H HG23 . ILE A 1 14  ? -4.951  -13.771 5.240   1.00 0.00 ? 14  ILE A HG23 1 
ATOM 204  H HD11 . ILE A 1 14  ? -3.603  -11.271 7.139   1.00 0.00 ? 14  ILE A HD11 1 
ATOM 205  H HD12 . ILE A 1 14  ? -2.150  -10.284 6.983   1.00 0.00 ? 14  ILE A HD12 1 
ATOM 206  H HD13 . ILE A 1 14  ? -3.715  -9.630  6.504   1.00 0.00 ? 14  ILE A HD13 1 
ATOM 207  N N    . GLY A 1 15  ? -3.411  -15.385 6.134   1.00 0.00 ? 15  GLY A N    1 
ATOM 208  C CA   . GLY A 1 15  ? -3.570  -16.853 5.932   1.00 0.00 ? 15  GLY A CA   1 
ATOM 209  C C    . GLY A 1 15  ? -4.401  -17.437 7.078   1.00 0.00 ? 15  GLY A C    1 
ATOM 210  O O    . GLY A 1 15  ? -5.458  -16.929 7.397   1.00 0.00 ? 15  GLY A O    1 
ATOM 211  H H    . GLY A 1 15  ? -4.135  -14.866 6.541   1.00 0.00 ? 15  GLY A H    1 
ATOM 212  H HA2  . GLY A 1 15  ? -4.073  -17.033 4.992   1.00 0.00 ? 15  GLY A HA2  1 
ATOM 213  H HA3  . GLY A 1 15  ? -2.599  -17.321 5.917   1.00 0.00 ? 15  GLY A HA3  1 
ATOM 214  N N    . PRO A 1 16  ? -3.893  -18.490 7.667   1.00 0.00 ? 16  PRO A N    1 
ATOM 215  C CA   . PRO A 1 16  ? -4.561  -19.172 8.788   1.00 0.00 ? 16  PRO A CA   1 
ATOM 216  C C    . PRO A 1 16  ? -4.349  -18.393 10.089  1.00 0.00 ? 16  PRO A C    1 
ATOM 217  O O    . PRO A 1 16  ? -4.725  -18.834 11.157  1.00 0.00 ? 16  PRO A O    1 
ATOM 218  C CB   . PRO A 1 16  ? -3.862  -20.533 8.846   1.00 0.00 ? 16  PRO A CB   1 
ATOM 219  C CG   . PRO A 1 16  ? -2.489  -20.348 8.158   1.00 0.00 ? 16  PRO A CG   1 
ATOM 220  C CD   . PRO A 1 16  ? -2.607  -19.095 7.268   1.00 0.00 ? 16  PRO A CD   1 
ATOM 221  H HA   . PRO A 1 16  ? -5.611  -19.303 8.586   1.00 0.00 ? 16  PRO A HA   1 
ATOM 222  H HB2  . PRO A 1 16  ? -3.729  -20.836 9.876   1.00 0.00 ? 16  PRO A HB2  1 
ATOM 223  H HB3  . PRO A 1 16  ? -4.440  -21.271 8.312   1.00 0.00 ? 16  PRO A HB3  1 
ATOM 224  H HG2  . PRO A 1 16  ? -1.718  -20.206 8.904   1.00 0.00 ? 16  PRO A HG2  1 
ATOM 225  H HG3  . PRO A 1 16  ? -2.261  -21.208 7.547   1.00 0.00 ? 16  PRO A HG3  1 
ATOM 226  H HD2  . PRO A 1 16  ? -1.788  -18.416 7.464   1.00 0.00 ? 16  PRO A HD2  1 
ATOM 227  H HD3  . PRO A 1 16  ? -2.633  -19.372 6.226   1.00 0.00 ? 16  PRO A HD3  1 
ATOM 228  N N    . ASP A 1 17  ? -3.749  -17.236 10.007  1.00 0.00 ? 17  ASP A N    1 
ATOM 229  C CA   . ASP A 1 17  ? -3.512  -16.429 11.238  1.00 0.00 ? 17  ASP A CA   1 
ATOM 230  C C    . ASP A 1 17  ? -3.827  -14.960 10.949  1.00 0.00 ? 17  ASP A C    1 
ATOM 231  O O    . ASP A 1 17  ? -2.984  -14.095 11.085  1.00 0.00 ? 17  ASP A O    1 
ATOM 232  C CB   . ASP A 1 17  ? -2.048  -16.564 11.662  1.00 0.00 ? 17  ASP A CB   1 
ATOM 233  C CG   . ASP A 1 17  ? -1.689  -18.045 11.796  1.00 0.00 ? 17  ASP A CG   1 
ATOM 234  O OD1  . ASP A 1 17  ? -1.906  -18.775 10.843  1.00 0.00 ? 17  ASP A OD1  1 
ATOM 235  O OD2  . ASP A 1 17  ? -1.203  -18.424 12.850  1.00 0.00 ? 17  ASP A OD2  1 
ATOM 236  H H    . ASP A 1 17  ? -3.454  -16.898 9.137   1.00 0.00 ? 17  ASP A H    1 
ATOM 237  H HA   . ASP A 1 17  ? -4.153  -16.786 12.031  1.00 0.00 ? 17  ASP A HA   1 
ATOM 238  H HB2  . ASP A 1 17  ? -1.414  -16.104 10.919  1.00 0.00 ? 17  ASP A HB2  1 
ATOM 239  H HB3  . ASP A 1 17  ? -1.903  -16.073 12.614  1.00 0.00 ? 17  ASP A HB3  1 
ATOM 240  N N    . VAL A 1 18  ? -5.036  -14.672 10.550  1.00 0.00 ? 18  VAL A N    1 
ATOM 241  C CA   . VAL A 1 18  ? -5.407  -13.260 10.252  1.00 0.00 ? 18  VAL A CA   1 
ATOM 242  C C    . VAL A 1 18  ? -6.344  -12.740 11.342  1.00 0.00 ? 18  VAL A C    1 
ATOM 243  O O    . VAL A 1 18  ? -7.339  -12.100 11.067  1.00 0.00 ? 18  VAL A O    1 
ATOM 244  C CB   . VAL A 1 18  ? -6.116  -13.194 8.898   1.00 0.00 ? 18  VAL A CB   1 
ATOM 245  C CG1  . VAL A 1 18  ? -7.507  -13.819 9.018   1.00 0.00 ? 18  VAL A CG1  1 
ATOM 246  C CG2  . VAL A 1 18  ? -6.250  -11.734 8.464   1.00 0.00 ? 18  VAL A CG2  1 
ATOM 247  H H    . VAL A 1 18  ? -5.699  -15.385 10.447  1.00 0.00 ? 18  VAL A H    1 
ATOM 248  H HA   . VAL A 1 18  ? -4.515  -12.652 10.222  1.00 0.00 ? 18  VAL A HA   1 
ATOM 249  H HB   . VAL A 1 18  ? -5.540  -13.739 8.163   1.00 0.00 ? 18  VAL A HB   1 
ATOM 250  H HG11 . VAL A 1 18  ? -7.641  -14.211 10.016  1.00 0.00 ? 18  VAL A HG11 1 
ATOM 251  H HG12 . VAL A 1 18  ? -8.257  -13.066 8.825   1.00 0.00 ? 18  VAL A HG12 1 
ATOM 252  H HG13 . VAL A 1 18  ? -7.607  -14.620 8.300   1.00 0.00 ? 18  VAL A HG13 1 
ATOM 253  H HG21 . VAL A 1 18  ? -5.349  -11.196 8.722   1.00 0.00 ? 18  VAL A HG21 1 
ATOM 254  H HG22 . VAL A 1 18  ? -6.403  -11.687 7.396   1.00 0.00 ? 18  VAL A HG22 1 
ATOM 255  H HG23 . VAL A 1 18  ? -7.093  -11.284 8.969   1.00 0.00 ? 18  VAL A HG23 1 
ATOM 256  N N    . VAL A 1 19  ? -6.034  -13.013 12.580  1.00 0.00 ? 19  VAL A N    1 
ATOM 257  C CA   . VAL A 1 19  ? -6.907  -12.536 13.691  1.00 0.00 ? 19  VAL A CA   1 
ATOM 258  C C    . VAL A 1 19  ? -8.279  -13.205 13.584  1.00 0.00 ? 19  VAL A C    1 
ATOM 259  O O    . VAL A 1 19  ? -8.524  -14.237 14.176  1.00 0.00 ? 19  VAL A O    1 
ATOM 260  C CB   . VAL A 1 19  ? -7.068  -11.017 13.602  1.00 0.00 ? 19  VAL A CB   1 
ATOM 261  C CG1  . VAL A 1 19  ? -8.054  -10.544 14.670  1.00 0.00 ? 19  VAL A CG1  1 
ATOM 262  C CG2  . VAL A 1 19  ? -5.711  -10.348 13.831  1.00 0.00 ? 19  VAL A CG2  1 
ATOM 263  H H    . VAL A 1 19  ? -5.228  -13.533 12.780  1.00 0.00 ? 19  VAL A H    1 
ATOM 264  H HA   . VAL A 1 19  ? -6.454  -12.794 14.638  1.00 0.00 ? 19  VAL A HA   1 
ATOM 265  H HB   . VAL A 1 19  ? -7.442  -10.751 12.624  1.00 0.00 ? 19  VAL A HB   1 
ATOM 266  H HG11 . VAL A 1 19  ? -7.729  -10.891 15.640  1.00 0.00 ? 19  VAL A HG11 1 
ATOM 267  H HG12 . VAL A 1 19  ? -8.096  -9.465  14.670  1.00 0.00 ? 19  VAL A HG12 1 
ATOM 268  H HG13 . VAL A 1 19  ? -9.035  -10.942 14.457  1.00 0.00 ? 19  VAL A HG13 1 
ATOM 269  H HG21 . VAL A 1 19  ? -4.925  -10.994 13.470  1.00 0.00 ? 19  VAL A HG21 1 
ATOM 270  H HG22 . VAL A 1 19  ? -5.678  -9.409  13.298  1.00 0.00 ? 19  VAL A HG22 1 
ATOM 271  H HG23 . VAL A 1 19  ? -5.572  -10.167 14.886  1.00 0.00 ? 19  VAL A HG23 1 
ATOM 272  N N    . SER A 1 20  ? -9.177  -12.626 12.836  1.00 0.00 ? 20  SER A N    1 
ATOM 273  C CA   . SER A 1 20  ? -10.530 -13.233 12.695  1.00 0.00 ? 20  SER A CA   1 
ATOM 274  C C    . SER A 1 20  ? -10.508 -14.278 11.576  1.00 0.00 ? 20  SER A C    1 
ATOM 275  O O    . SER A 1 20  ? -10.186 -15.428 11.799  1.00 0.00 ? 20  SER A O    1 
ATOM 276  C CB   . SER A 1 20  ? -11.549 -12.141 12.362  1.00 0.00 ? 20  SER A CB   1 
ATOM 277  O OG   . SER A 1 20  ? -11.717 -11.295 13.491  1.00 0.00 ? 20  SER A OG   1 
ATOM 278  H H    . SER A 1 20  ? -8.962  -11.793 12.366  1.00 0.00 ? 20  SER A H    1 
ATOM 279  H HA   . SER A 1 20  ? -10.807 -13.709 13.624  1.00 0.00 ? 20  SER A HA   1 
ATOM 280  H HB2  . SER A 1 20  ? -11.193 -11.554 11.531  1.00 0.00 ? 20  SER A HB2  1 
ATOM 281  H HB3  . SER A 1 20  ? -12.493 -12.598 12.098  1.00 0.00 ? 20  SER A HB3  1 
ATOM 282  H HG   . SER A 1 20  ? -12.486 -11.599 13.977  1.00 0.00 ? 20  SER A HG   1 
ATOM 283  N N    . HIS A 1 21  ? -10.844 -13.889 10.374  1.00 0.00 ? 21  HIS A N    1 
ATOM 284  C CA   . HIS A 1 21  ? -10.837 -14.864 9.246   1.00 0.00 ? 21  HIS A CA   1 
ATOM 285  C C    . HIS A 1 21  ? -11.691 -14.324 8.098   1.00 0.00 ? 21  HIS A C    1 
ATOM 286  O O    . HIS A 1 21  ? -12.544 -15.009 7.571   1.00 0.00 ? 21  HIS A O    1 
ATOM 287  C CB   . HIS A 1 21  ? -11.414 -16.201 9.720   1.00 0.00 ? 21  HIS A CB   1 
ATOM 288  C CG   . HIS A 1 21  ? -12.565 -15.948 10.654  1.00 0.00 ? 21  HIS A CG   1 
ATOM 289  N ND1  . HIS A 1 21  ? -13.788 -15.472 10.208  1.00 0.00 ? 21  HIS A ND1  1 
ATOM 290  C CD2  . HIS A 1 21  ? -12.695 -16.101 12.013  1.00 0.00 ? 21  HIS A CD2  1 
ATOM 291  C CE1  . HIS A 1 21  ? -14.593 -15.356 11.280  1.00 0.00 ? 21  HIS A CE1  1 
ATOM 292  N NE2  . HIS A 1 21  ? -13.975 -15.726 12.406  1.00 0.00 ? 21  HIS A NE2  1 
ATOM 293  H H    . HIS A 1 21  ? -11.098 -12.958 10.213  1.00 0.00 ? 21  HIS A H    1 
ATOM 294  H HA   . HIS A 1 21  ? -9.824  -15.011 8.903   1.00 0.00 ? 21  HIS A HA   1 
ATOM 295  H HB2  . HIS A 1 21  ? -11.758 -16.766 8.867   1.00 0.00 ? 21  HIS A HB2  1 
ATOM 296  H HB3  . HIS A 1 21  ? -10.648 -16.760 10.237  1.00 0.00 ? 21  HIS A HB3  1 
ATOM 297  H HD1  . HIS A 1 21  ? -14.023 -15.258 9.282   1.00 0.00 ? 21  HIS A HD1  1 
ATOM 298  H HD2  . HIS A 1 21  ? -11.919 -16.457 12.675  1.00 0.00 ? 21  HIS A HD2  1 
ATOM 299  H HE1  . HIS A 1 21  ? -15.613 -15.006 11.237  1.00 0.00 ? 21  HIS A HE1  1 
ATOM 300  N N    . GLN A 1 22  ? -11.470 -13.099 7.703   1.00 0.00 ? 22  GLN A N    1 
ATOM 301  C CA   . GLN A 1 22  ? -12.271 -12.522 6.588   1.00 0.00 ? 22  GLN A CA   1 
ATOM 302  C C    . GLN A 1 22  ? -12.193 -13.452 5.373   1.00 0.00 ? 22  GLN A C    1 
ATOM 303  O O    . GLN A 1 22  ? -11.152 -14.011 5.088   1.00 0.00 ? 22  GLN A O    1 
ATOM 304  C CB   . GLN A 1 22  ? -11.714 -11.147 6.216   1.00 0.00 ? 22  GLN A CB   1 
ATOM 305  C CG   . GLN A 1 22  ? -12.175 -10.113 7.245   1.00 0.00 ? 22  GLN A CG   1 
ATOM 306  C CD   . GLN A 1 22  ? -13.704 -10.088 7.293   1.00 0.00 ? 22  GLN A CD   1 
ATOM 307  O OE1  . GLN A 1 22  ? -14.335 -9.344  6.569   1.00 0.00 ? 22  GLN A OE1  1 
ATOM 308  N NE2  . GLN A 1 22  ? -14.331 -10.877 8.123   1.00 0.00 ? 22  GLN A NE2  1 
ATOM 309  H H    . GLN A 1 22  ? -10.777 -12.560 8.139   1.00 0.00 ? 22  GLN A H    1 
ATOM 310  H HA   . GLN A 1 22  ? -13.300 -12.421 6.900   1.00 0.00 ? 22  GLN A HA   1 
ATOM 311  H HB2  . GLN A 1 22  ? -10.634 -11.187 6.204   1.00 0.00 ? 22  GLN A HB2  1 
ATOM 312  H HB3  . GLN A 1 22  ? -12.074 -10.863 5.238   1.00 0.00 ? 22  GLN A HB3  1 
ATOM 313  H HG2  . GLN A 1 22  ? -11.787 -10.377 8.218   1.00 0.00 ? 22  GLN A HG2  1 
ATOM 314  H HG3  . GLN A 1 22  ? -11.811 -9.136  6.964   1.00 0.00 ? 22  GLN A HG3  1 
ATOM 315  H HE21 . GLN A 1 22  ? -13.823 -11.477 8.708   1.00 0.00 ? 22  GLN A HE21 1 
ATOM 316  H HE22 . GLN A 1 22  ? -15.310 -10.868 8.162   1.00 0.00 ? 22  GLN A HE22 1 
ATOM 317  N N    . PRO A 1 23  ? -13.303 -13.591 4.697   1.00 0.00 ? 23  PRO A N    1 
ATOM 318  C CA   . PRO A 1 23  ? -13.407 -14.452 3.505   1.00 0.00 ? 23  PRO A CA   1 
ATOM 319  C C    . PRO A 1 23  ? -12.805 -13.755 2.281   1.00 0.00 ? 23  PRO A C    1 
ATOM 320  O O    . PRO A 1 23  ? -12.673 -14.344 1.226   1.00 0.00 ? 23  PRO A O    1 
ATOM 321  C CB   . PRO A 1 23  ? -14.916 -14.646 3.334   1.00 0.00 ? 23  PRO A CB   1 
ATOM 322  C CG   . PRO A 1 23  ? -15.593 -13.458 4.061   1.00 0.00 ? 23  PRO A CG   1 
ATOM 323  C CD   . PRO A 1 23  ? -14.559 -12.905 5.059   1.00 0.00 ? 23  PRO A CD   1 
ATOM 324  H HA   . PRO A 1 23  ? -12.931 -15.403 3.678   1.00 0.00 ? 23  PRO A HA   1 
ATOM 325  H HB2  . PRO A 1 23  ? -15.172 -14.638 2.283   1.00 0.00 ? 23  PRO A HB2  1 
ATOM 326  H HB3  . PRO A 1 23  ? -15.225 -15.574 3.787   1.00 0.00 ? 23  PRO A HB3  1 
ATOM 327  H HG2  . PRO A 1 23  ? -15.867 -12.695 3.344   1.00 0.00 ? 23  PRO A HG2  1 
ATOM 328  H HG3  . PRO A 1 23  ? -16.467 -13.800 4.593   1.00 0.00 ? 23  PRO A HG3  1 
ATOM 329  H HD2  . PRO A 1 23  ? -14.456 -11.835 4.942   1.00 0.00 ? 23  PRO A HD2  1 
ATOM 330  H HD3  . PRO A 1 23  ? -14.840 -13.151 6.072   1.00 0.00 ? 23  PRO A HD3  1 
ATOM 331  N N    . GLY A 1 24  ? -12.440 -12.509 2.408   1.00 0.00 ? 24  GLY A N    1 
ATOM 332  C CA   . GLY A 1 24  ? -11.849 -11.790 1.245   1.00 0.00 ? 24  GLY A CA   1 
ATOM 333  C C    . GLY A 1 24  ? -11.334 -10.418 1.688   1.00 0.00 ? 24  GLY A C    1 
ATOM 334  O O    . GLY A 1 24  ? -11.933 -9.400  1.403   1.00 0.00 ? 24  GLY A O    1 
ATOM 335  H H    . GLY A 1 24  ? -12.553 -12.049 3.266   1.00 0.00 ? 24  GLY A H    1 
ATOM 336  H HA2  . GLY A 1 24  ? -11.032 -12.370 0.842   1.00 0.00 ? 24  GLY A HA2  1 
ATOM 337  H HA3  . GLY A 1 24  ? -12.603 -11.657 0.484   1.00 0.00 ? 24  GLY A HA3  1 
ATOM 338  N N    . CYS A 1 25  ? -10.226 -10.380 2.379   1.00 0.00 ? 25  CYS A N    1 
ATOM 339  C CA   . CYS A 1 25  ? -9.677  -9.070  2.832   1.00 0.00 ? 25  CYS A CA   1 
ATOM 340  C C    . CYS A 1 25  ? -8.151  -9.086  2.711   1.00 0.00 ? 25  CYS A C    1 
ATOM 341  O O    . CYS A 1 25  ? -7.514  -10.107 2.883   1.00 0.00 ? 25  CYS A O    1 
ATOM 342  C CB   . CYS A 1 25  ? -10.073 -8.828  4.291   1.00 0.00 ? 25  CYS A CB   1 
ATOM 343  S SG   . CYS A 1 25  ? -10.890 -7.219  4.439   1.00 0.00 ? 25  CYS A SG   1 
ATOM 344  H H    . CYS A 1 25  ? -9.756  -11.211 2.595   1.00 0.00 ? 25  CYS A H    1 
ATOM 345  H HA   . CYS A 1 25  ? -10.078 -8.280  2.215   1.00 0.00 ? 25  CYS A HA   1 
ATOM 346  H HB2  . CYS A 1 25  ? -10.748 -9.606  4.614   1.00 0.00 ? 25  CYS A HB2  1 
ATOM 347  H HB3  . CYS A 1 25  ? -9.188  -8.840  4.910   1.00 0.00 ? 25  CYS A HB3  1 
ATOM 348  N N    . LEU A 1 26  ? -7.559  -7.961  2.412   1.00 0.00 ? 26  LEU A N    1 
ATOM 349  C CA   . LEU A 1 26  ? -6.076  -7.905  2.274   1.00 0.00 ? 26  LEU A CA   1 
ATOM 350  C C    . LEU A 1 26  ? -5.483  -7.062  3.406   1.00 0.00 ? 26  LEU A C    1 
ATOM 351  O O    . LEU A 1 26  ? -6.185  -6.357  4.104   1.00 0.00 ? 26  LEU A O    1 
ATOM 352  C CB   . LEU A 1 26  ? -5.717  -7.268  0.930   1.00 0.00 ? 26  LEU A CB   1 
ATOM 353  C CG   . LEU A 1 26  ? -5.051  -8.308  0.026   1.00 0.00 ? 26  LEU A CG   1 
ATOM 354  C CD1  . LEU A 1 26  ? -4.566  -7.629  -1.256  1.00 0.00 ? 26  LEU A CD1  1 
ATOM 355  C CD2  . LEU A 1 26  ? -3.857  -8.930  0.753   1.00 0.00 ? 26  LEU A CD2  1 
ATOM 356  H H    . LEU A 1 26  ? -8.093  -7.151  2.274   1.00 0.00 ? 26  LEU A H    1 
ATOM 357  H HA   . LEU A 1 26  ? -5.672  -8.905  2.317   1.00 0.00 ? 26  LEU A HA   1 
ATOM 358  H HB2  . LEU A 1 26  ? -6.615  -6.900  0.455   1.00 0.00 ? 26  LEU A HB2  1 
ATOM 359  H HB3  . LEU A 1 26  ? -5.034  -6.447  1.092   1.00 0.00 ? 26  LEU A HB3  1 
ATOM 360  H HG   . LEU A 1 26  ? -5.766  -9.078  -0.224  1.00 0.00 ? 26  LEU A HG   1 
ATOM 361  H HD11 . LEU A 1 26  ? -4.397  -6.579  -1.065  1.00 0.00 ? 26  LEU A HD11 1 
ATOM 362  H HD12 . LEU A 1 26  ? -3.644  -8.088  -1.580  1.00 0.00 ? 26  LEU A HD12 1 
ATOM 363  H HD13 . LEU A 1 26  ? -5.314  -7.739  -2.027  1.00 0.00 ? 26  LEU A HD13 1 
ATOM 364  H HD21 . LEU A 1 26  ? -3.294  -8.153  1.250   1.00 0.00 ? 26  LEU A HD21 1 
ATOM 365  H HD22 . LEU A 1 26  ? -4.211  -9.642  1.483   1.00 0.00 ? 26  LEU A HD22 1 
ATOM 366  H HD23 . LEU A 1 26  ? -3.223  -9.432  0.039   1.00 0.00 ? 26  LEU A HD23 1 
ATOM 367  N N    . TRP A 1 27  ? -4.190  -7.123  3.587   1.00 0.00 ? 27  TRP A N    1 
ATOM 368  C CA   . TRP A 1 27  ? -3.543  -6.322  4.666   1.00 0.00 ? 27  TRP A CA   1 
ATOM 369  C C    . TRP A 1 27  ? -2.198  -5.798  4.159   1.00 0.00 ? 27  TRP A C    1 
ATOM 370  O O    . TRP A 1 27  ? -1.335  -6.556  3.763   1.00 0.00 ? 27  TRP A O    1 
ATOM 371  C CB   . TRP A 1 27  ? -3.316  -7.207  5.895   1.00 0.00 ? 27  TRP A CB   1 
ATOM 372  C CG   . TRP A 1 27  ? -4.592  -7.332  6.663   1.00 0.00 ? 27  TRP A CG   1 
ATOM 373  C CD1  . TRP A 1 27  ? -4.963  -6.529  7.686   1.00 0.00 ? 27  TRP A CD1  1 
ATOM 374  C CD2  . TRP A 1 27  ? -5.666  -8.302  6.491   1.00 0.00 ? 27  TRP A CD2  1 
ATOM 375  N NE1  . TRP A 1 27  ? -6.198  -6.944  8.154   1.00 0.00 ? 27  TRP A NE1  1 
ATOM 376  C CE2  . TRP A 1 27  ? -6.672  -8.033  7.449   1.00 0.00 ? 27  TRP A CE2  1 
ATOM 377  C CE3  . TRP A 1 27  ? -5.862  -9.378  5.607   1.00 0.00 ? 27  TRP A CE3  1 
ATOM 378  C CZ2  . TRP A 1 27  ? -7.832  -8.804  7.528   1.00 0.00 ? 27  TRP A CZ2  1 
ATOM 379  C CZ3  . TRP A 1 27  ? -7.030  -10.155 5.682   1.00 0.00 ? 27  TRP A CZ3  1 
ATOM 380  C CH2  . TRP A 1 27  ? -8.012  -9.869  6.642   1.00 0.00 ? 27  TRP A CH2  1 
ATOM 381  H H    . TRP A 1 27  ? -3.644  -7.695  3.009   1.00 0.00 ? 27  TRP A H    1 
ATOM 382  H HA   . TRP A 1 27  ? -4.178  -5.490  4.931   1.00 0.00 ? 27  TRP A HA   1 
ATOM 383  H HB2  . TRP A 1 27  ? -2.989  -8.185  5.577   1.00 0.00 ? 27  TRP A HB2  1 
ATOM 384  H HB3  . TRP A 1 27  ? -2.559  -6.761  6.523   1.00 0.00 ? 27  TRP A HB3  1 
ATOM 385  H HD1  . TRP A 1 27  ? -4.390  -5.701  8.074   1.00 0.00 ? 27  TRP A HD1  1 
ATOM 386  H HE1  . TRP A 1 27  ? -6.690  -6.529  8.891   1.00 0.00 ? 27  TRP A HE1  1 
ATOM 387  H HE3  . TRP A 1 27  ? -5.113  -9.607  4.865   1.00 0.00 ? 27  TRP A HE3  1 
ATOM 388  H HZ2  . TRP A 1 27  ? -8.585  -8.579  8.267   1.00 0.00 ? 27  TRP A HZ2  1 
ATOM 389  H HZ3  . TRP A 1 27  ? -7.171  -10.979 4.998   1.00 0.00 ? 27  TRP A HZ3  1 
ATOM 390  H HH2  . TRP A 1 27  ? -8.907  -10.471 6.694   1.00 0.00 ? 27  TRP A HH2  1 
ATOM 391  N N    . LEU A 1 28  ? -2.013  -4.506  4.158   1.00 0.00 ? 28  LEU A N    1 
ATOM 392  C CA   . LEU A 1 28  ? -0.721  -3.942  3.665   1.00 0.00 ? 28  LEU A CA   1 
ATOM 393  C C    . LEU A 1 28  ? 0.070   -3.353  4.834   1.00 0.00 ? 28  LEU A C    1 
ATOM 394  O O    . LEU A 1 28  ? -0.272  -3.534  5.985   1.00 0.00 ? 28  LEU A O    1 
ATOM 395  C CB   . LEU A 1 28  ? -0.999  -2.840  2.637   1.00 0.00 ? 28  LEU A CB   1 
ATOM 396  C CG   . LEU A 1 28  ? -2.340  -3.100  1.951   1.00 0.00 ? 28  LEU A CG   1 
ATOM 397  C CD1  . LEU A 1 28  ? -2.706  -1.901  1.076   1.00 0.00 ? 28  LEU A CD1  1 
ATOM 398  C CD2  . LEU A 1 28  ? -2.231  -4.353  1.078   1.00 0.00 ? 28  LEU A CD2  1 
ATOM 399  H H    . LEU A 1 28  ? -2.724  -3.908  4.476   1.00 0.00 ? 28  LEU A H    1 
ATOM 400  H HA   . LEU A 1 28  ? -0.142  -4.727  3.201   1.00 0.00 ? 28  LEU A HA   1 
ATOM 401  H HB2  . LEU A 1 28  ? -1.029  -1.882  3.136   1.00 0.00 ? 28  LEU A HB2  1 
ATOM 402  H HB3  . LEU A 1 28  ? -0.213  -2.833  1.897   1.00 0.00 ? 28  LEU A HB3  1 
ATOM 403  H HG   . LEU A 1 28  ? -3.107  -3.246  2.700   1.00 0.00 ? 28  LEU A HG   1 
ATOM 404  H HD11 . LEU A 1 28  ? -2.050  -1.075  1.307   1.00 0.00 ? 28  LEU A HD11 1 
ATOM 405  H HD12 . LEU A 1 28  ? -2.596  -2.168  0.035   1.00 0.00 ? 28  LEU A HD12 1 
ATOM 406  H HD13 . LEU A 1 28  ? -3.729  -1.613  1.267   1.00 0.00 ? 28  LEU A HD13 1 
ATOM 407  H HD21 . LEU A 1 28  ? -1.215  -4.462  0.730   1.00 0.00 ? 28  LEU A HD21 1 
ATOM 408  H HD22 . LEU A 1 28  ? -2.509  -5.221  1.657   1.00 0.00 ? 28  LEU A HD22 1 
ATOM 409  H HD23 . LEU A 1 28  ? -2.894  -4.260  0.230   1.00 0.00 ? 28  LEU A HD23 1 
ATOM 410  N N    . SER A 1 29  ? 1.131   -2.651  4.541   1.00 0.00 ? 29  SER A N    1 
ATOM 411  C CA   . SER A 1 29  ? 1.954   -2.045  5.628   1.00 0.00 ? 29  SER A CA   1 
ATOM 412  C C    . SER A 1 29  ? 3.248   -1.483  5.034   1.00 0.00 ? 29  SER A C    1 
ATOM 413  O O    . SER A 1 29  ? 3.958   -2.163  4.321   1.00 0.00 ? 29  SER A O    1 
ATOM 414  C CB   . SER A 1 29  ? 2.291   -3.114  6.668   1.00 0.00 ? 29  SER A CB   1 
ATOM 415  O OG   . SER A 1 29  ? 2.725   -4.293  6.003   1.00 0.00 ? 29  SER A OG   1 
ATOM 416  H H    . SER A 1 29  ? 1.387   -2.523  3.603   1.00 0.00 ? 29  SER A H    1 
ATOM 417  H HA   . SER A 1 29  ? 1.397   -1.247  6.098   1.00 0.00 ? 29  SER A HA   1 
ATOM 418  H HB2  . SER A 1 29  ? 3.080   -2.758  7.309   1.00 0.00 ? 29  SER A HB2  1 
ATOM 419  H HB3  . SER A 1 29  ? 1.413   -3.325  7.263   1.00 0.00 ? 29  SER A HB3  1 
ATOM 420  H HG   . SER A 1 29  ? 3.670   -4.385  6.148   1.00 0.00 ? 29  SER A HG   1 
ATOM 421  N N    . TRP A 1 30  ? 3.562   -0.247  5.319   1.00 0.00 ? 30  TRP A N    1 
ATOM 422  C CA   . TRP A 1 30  ? 4.813   0.348   4.763   1.00 0.00 ? 30  TRP A CA   1 
ATOM 423  C C    . TRP A 1 30  ? 5.489   1.220   5.821   1.00 0.00 ? 30  TRP A C    1 
ATOM 424  O O    . TRP A 1 30  ? 5.049   1.297   6.951   1.00 0.00 ? 30  TRP A O    1 
ATOM 425  C CB   . TRP A 1 30  ? 4.476   1.203   3.538   1.00 0.00 ? 30  TRP A CB   1 
ATOM 426  C CG   . TRP A 1 30  ? 3.407   2.186   3.889   1.00 0.00 ? 30  TRP A CG   1 
ATOM 427  C CD1  . TRP A 1 30  ? 3.604   3.346   4.557   1.00 0.00 ? 30  TRP A CD1  1 
ATOM 428  C CD2  . TRP A 1 30  ? 1.981   2.120   3.595   1.00 0.00 ? 30  TRP A CD2  1 
ATOM 429  N NE1  . TRP A 1 30  ? 2.389   3.995   4.692   1.00 0.00 ? 30  TRP A NE1  1 
ATOM 430  C CE2  . TRP A 1 30  ? 1.360   3.279   4.116   1.00 0.00 ? 30  TRP A CE2  1 
ATOM 431  C CE3  . TRP A 1 30  ? 1.177   1.175   2.935   1.00 0.00 ? 30  TRP A CE3  1 
ATOM 432  C CZ2  . TRP A 1 30  ? -0.012  3.494   3.985   1.00 0.00 ? 30  TRP A CZ2  1 
ATOM 433  C CZ3  . TRP A 1 30  ? -0.204  1.386   2.801   1.00 0.00 ? 30  TRP A CZ3  1 
ATOM 434  C CH2  . TRP A 1 30  ? -0.797  2.545   3.324   1.00 0.00 ? 30  TRP A CH2  1 
ATOM 435  H H    . TRP A 1 30  ? 2.978   0.289   5.896   1.00 0.00 ? 30  TRP A H    1 
ATOM 436  H HA   . TRP A 1 30  ? 5.487   -0.443  4.472   1.00 0.00 ? 30  TRP A HA   1 
ATOM 437  H HB2  . TRP A 1 30  ? 5.360   1.733   3.218   1.00 0.00 ? 30  TRP A HB2  1 
ATOM 438  H HB3  . TRP A 1 30  ? 4.129   0.566   2.740   1.00 0.00 ? 30  TRP A HB3  1 
ATOM 439  H HD1  . TRP A 1 30  ? 4.553   3.706   4.925   1.00 0.00 ? 30  TRP A HD1  1 
ATOM 440  H HE1  . TRP A 1 30  ? 2.256   4.857   5.139   1.00 0.00 ? 30  TRP A HE1  1 
ATOM 441  H HE3  . TRP A 1 30  ? 1.624   0.281   2.528   1.00 0.00 ? 30  TRP A HE3  1 
ATOM 442  H HZ2  . TRP A 1 30  ? -0.464  4.386   4.390   1.00 0.00 ? 30  TRP A HZ2  1 
ATOM 443  H HZ3  . TRP A 1 30  ? -0.814  0.653   2.291   1.00 0.00 ? 30  TRP A HZ3  1 
ATOM 444  H HH2  . TRP A 1 30  ? -1.860  2.704   3.218   1.00 0.00 ? 30  TRP A HH2  1 
ATOM 445  N N    . LYS A 1 31  ? 6.557   1.880   5.461   1.00 0.00 ? 31  LYS A N    1 
ATOM 446  C CA   . LYS A 1 31  ? 7.262   2.748   6.448   1.00 0.00 ? 31  LYS A CA   1 
ATOM 447  C C    . LYS A 1 31  ? 8.467   3.421   5.778   1.00 0.00 ? 31  LYS A C    1 
ATOM 448  O O    . LYS A 1 31  ? 9.194   2.788   5.038   1.00 0.00 ? 31  LYS A O    1 
ATOM 449  C CB   . LYS A 1 31  ? 7.743   1.897   7.627   1.00 0.00 ? 31  LYS A CB   1 
ATOM 450  C CG   . LYS A 1 31  ? 8.468   0.655   7.103   1.00 0.00 ? 31  LYS A CG   1 
ATOM 451  C CD   . LYS A 1 31  ? 9.208   -0.029  8.255   1.00 0.00 ? 31  LYS A CD   1 
ATOM 452  C CE   . LYS A 1 31  ? 8.390   -1.224  8.749   1.00 0.00 ? 31  LYS A CE   1 
ATOM 453  N NZ   . LYS A 1 31  ? 8.643   -1.431  10.203  1.00 0.00 ? 31  LYS A NZ   1 
ATOM 454  H H    . LYS A 1 31  ? 6.893   1.802   4.540   1.00 0.00 ? 31  LYS A H    1 
ATOM 455  H HA   . LYS A 1 31  ? 6.582   3.505   6.808   1.00 0.00 ? 31  LYS A HA   1 
ATOM 456  H HB2  . LYS A 1 31  ? 8.419   2.478   8.238   1.00 0.00 ? 31  LYS A HB2  1 
ATOM 457  H HB3  . LYS A 1 31  ? 6.894   1.591   8.221   1.00 0.00 ? 31  LYS A HB3  1 
ATOM 458  H HG2  . LYS A 1 31  ? 7.748   -0.029  6.679   1.00 0.00 ? 31  LYS A HG2  1 
ATOM 459  H HG3  . LYS A 1 31  ? 9.179   0.946   6.344   1.00 0.00 ? 31  LYS A HG3  1 
ATOM 460  H HD2  . LYS A 1 31  ? 10.173  -0.369  7.910   1.00 0.00 ? 31  LYS A HD2  1 
ATOM 461  H HD3  . LYS A 1 31  ? 9.340   0.673   9.065   1.00 0.00 ? 31  LYS A HD3  1 
ATOM 462  H HE2  . LYS A 1 31  ? 7.339   -1.031  8.590   1.00 0.00 ? 31  LYS A HE2  1 
ATOM 463  H HE3  . LYS A 1 31  ? 8.680   -2.109  8.203   1.00 0.00 ? 31  LYS A HE3  1 
ATOM 464  H HZ1  . LYS A 1 31  ? 9.657   -1.594  10.359  1.00 0.00 ? 31  LYS A HZ1  1 
ATOM 465  H HZ2  . LYS A 1 31  ? 8.340   -0.588  10.731  1.00 0.00 ? 31  LYS A HZ2  1 
ATOM 466  H HZ3  . LYS A 1 31  ? 8.107   -2.259  10.534  1.00 0.00 ? 31  LYS A HZ3  1 
ATOM 467  N N    . PRO A 1 32  ? 8.631   4.691   6.062   1.00 0.00 ? 32  PRO A N    1 
ATOM 468  C CA   . PRO A 1 32  ? 9.731   5.505   5.506   1.00 0.00 ? 32  PRO A CA   1 
ATOM 469  C C    . PRO A 1 32  ? 11.050  5.221   6.233   1.00 0.00 ? 32  PRO A C    1 
ATOM 470  O O    . PRO A 1 32  ? 11.201  4.219   6.904   1.00 0.00 ? 32  PRO A O    1 
ATOM 471  C CB   . PRO A 1 32  ? 9.274   6.944   5.758   1.00 0.00 ? 32  PRO A CB   1 
ATOM 472  C CG   . PRO A 1 32  ? 8.254   6.881   6.919   1.00 0.00 ? 32  PRO A CG   1 
ATOM 473  C CD   . PRO A 1 32  ? 7.732   5.433   6.969   1.00 0.00 ? 32  PRO A CD   1 
ATOM 474  H HA   . PRO A 1 32  ? 9.835   5.335   4.449   1.00 0.00 ? 32  PRO A HA   1 
ATOM 475  H HB2  . PRO A 1 32  ? 10.121  7.558   6.036   1.00 0.00 ? 32  PRO A HB2  1 
ATOM 476  H HB3  . PRO A 1 32  ? 8.798   7.343   4.877   1.00 0.00 ? 32  PRO A HB3  1 
ATOM 477  H HG2  . PRO A 1 32  ? 8.741   7.136   7.852   1.00 0.00 ? 32  PRO A HG2  1 
ATOM 478  H HG3  . PRO A 1 32  ? 7.435   7.558   6.731   1.00 0.00 ? 32  PRO A HG3  1 
ATOM 479  H HD2  . PRO A 1 32  ? 7.798   5.043   7.976   1.00 0.00 ? 32  PRO A HD2  1 
ATOM 480  H HD3  . PRO A 1 32  ? 6.716   5.384   6.608   1.00 0.00 ? 32  PRO A HD3  1 
ATOM 481  N N    . TRP A 1 33  ? 12.007  6.102   6.102   1.00 0.00 ? 33  TRP A N    1 
ATOM 482  C CA   . TRP A 1 33  ? 13.319  5.890   6.780   1.00 0.00 ? 33  TRP A CA   1 
ATOM 483  C C    . TRP A 1 33  ? 13.546  6.978   7.834   1.00 0.00 ? 33  TRP A C    1 
ATOM 484  O O    . TRP A 1 33  ? 12.875  7.989   7.848   1.00 0.00 ? 33  TRP A O    1 
ATOM 485  C CB   . TRP A 1 33  ? 14.455  5.933   5.748   1.00 0.00 ? 33  TRP A CB   1 
ATOM 486  C CG   . TRP A 1 33  ? 14.365  7.179   4.917   1.00 0.00 ? 33  TRP A CG   1 
ATOM 487  C CD1  . TRP A 1 33  ? 13.580  8.250   5.185   1.00 0.00 ? 33  TRP A CD1  1 
ATOM 488  C CD2  . TRP A 1 33  ? 15.081  7.499   3.688   1.00 0.00 ? 33  TRP A CD2  1 
ATOM 489  N NE1  . TRP A 1 33  ? 13.767  9.201   4.199   1.00 0.00 ? 33  TRP A NE1  1 
ATOM 490  C CE2  . TRP A 1 33  ? 14.683  8.787   3.255   1.00 0.00 ? 33  TRP A CE2  1 
ATOM 491  C CE3  . TRP A 1 33  ? 16.028  6.804   2.915   1.00 0.00 ? 33  TRP A CE3  1 
ATOM 492  C CZ2  . TRP A 1 33  ? 15.206  9.364   2.096   1.00 0.00 ? 33  TRP A CZ2  1 
ATOM 493  C CZ3  . TRP A 1 33  ? 16.557  7.382   1.748   1.00 0.00 ? 33  TRP A CZ3  1 
ATOM 494  C CH2  . TRP A 1 33  ? 16.146  8.659   1.340   1.00 0.00 ? 33  TRP A CH2  1 
ATOM 495  H H    . TRP A 1 33  ? 11.860  6.901   5.555   1.00 0.00 ? 33  TRP A H    1 
ATOM 496  H HA   . TRP A 1 33  ? 13.316  4.924   7.263   1.00 0.00 ? 33  TRP A HA   1 
ATOM 497  H HB2  . TRP A 1 33  ? 15.405  5.917   6.261   1.00 0.00 ? 33  TRP A HB2  1 
ATOM 498  H HB3  . TRP A 1 33  ? 14.385  5.071   5.104   1.00 0.00 ? 33  TRP A HB3  1 
ATOM 499  H HD1  . TRP A 1 33  ? 12.914  8.344   6.026   1.00 0.00 ? 33  TRP A HD1  1 
ATOM 500  H HE1  . TRP A 1 33  ? 13.315  10.070  4.159   1.00 0.00 ? 33  TRP A HE1  1 
ATOM 501  H HE3  . TRP A 1 33  ? 16.351  5.820   3.220   1.00 0.00 ? 33  TRP A HE3  1 
ATOM 502  H HZ2  . TRP A 1 33  ? 14.886  10.347  1.786   1.00 0.00 ? 33  TRP A HZ2  1 
ATOM 503  H HZ3  . TRP A 1 33  ? 17.283  6.839   1.162   1.00 0.00 ? 33  TRP A HZ3  1 
ATOM 504  H HH2  . TRP A 1 33  ? 16.556  9.097   0.442   1.00 0.00 ? 33  TRP A HH2  1 
ATOM 505  N N    . LYS A 1 34  ? 14.493  6.770   8.715   1.00 0.00 ? 34  LYS A N    1 
ATOM 506  C CA   . LYS A 1 34  ? 14.784  7.782   9.777   1.00 0.00 ? 34  LYS A CA   1 
ATOM 507  C C    . LYS A 1 34  ? 13.477  8.310   10.382  1.00 0.00 ? 34  LYS A C    1 
ATOM 508  O O    . LYS A 1 34  ? 12.413  8.120   9.829   1.00 0.00 ? 34  LYS A O    1 
ATOM 509  C CB   . LYS A 1 34  ? 15.582  8.944   9.170   1.00 0.00 ? 34  LYS A CB   1 
ATOM 510  C CG   . LYS A 1 34  ? 14.816  9.541   7.988   1.00 0.00 ? 34  LYS A CG   1 
ATOM 511  C CD   . LYS A 1 34  ? 15.534  10.800  7.497   1.00 0.00 ? 34  LYS A CD   1 
ATOM 512  C CE   . LYS A 1 34  ? 16.010  10.589  6.059   1.00 0.00 ? 34  LYS A CE   1 
ATOM 513  N NZ   . LYS A 1 34  ? 15.282  11.522  5.153   1.00 0.00 ? 34  LYS A NZ   1 
ATOM 514  H H    . LYS A 1 34  ? 15.017  5.944   8.675   1.00 0.00 ? 34  LYS A H    1 
ATOM 515  H HA   . LYS A 1 34  ? 15.373  7.318   10.554  1.00 0.00 ? 34  LYS A HA   1 
ATOM 516  H HB2  . LYS A 1 34  ? 15.734  9.706   9.919   1.00 0.00 ? 34  LYS A HB2  1 
ATOM 517  H HB3  . LYS A 1 34  ? 16.540  8.582   8.828   1.00 0.00 ? 34  LYS A HB3  1 
ATOM 518  H HG2  . LYS A 1 34  ? 14.771  8.817   7.186   1.00 0.00 ? 34  LYS A HG2  1 
ATOM 519  H HG3  . LYS A 1 34  ? 13.816  9.797   8.298   1.00 0.00 ? 34  LYS A HG3  1 
ATOM 520  H HD2  . LYS A 1 34  ? 14.854  11.638  7.534   1.00 0.00 ? 34  LYS A HD2  1 
ATOM 521  H HD3  . LYS A 1 34  ? 16.385  10.999  8.131   1.00 0.00 ? 34  LYS A HD3  1 
ATOM 522  H HE2  . LYS A 1 34  ? 17.071  10.783  5.999   1.00 0.00 ? 34  LYS A HE2  1 
ATOM 523  H HE3  . LYS A 1 34  ? 15.813  9.570   5.760   1.00 0.00 ? 34  LYS A HE3  1 
ATOM 524  H HZ1  . LYS A 1 34  ? 14.321  11.683  5.520   1.00 0.00 ? 34  LYS A HZ1  1 
ATOM 525  H HZ2  . LYS A 1 34  ? 15.791  12.427  5.104   1.00 0.00 ? 34  LYS A HZ2  1 
ATOM 526  H HZ3  . LYS A 1 34  ? 15.224  11.107  4.201   1.00 0.00 ? 34  LYS A HZ3  1 
ATOM 527  N N    . PRO A 1 35  ? 13.600  8.959   11.511  1.00 0.00 ? 35  PRO A N    1 
ATOM 528  C CA   . PRO A 1 35  ? 12.444  9.534   12.222  1.00 0.00 ? 35  PRO A CA   1 
ATOM 529  C C    . PRO A 1 35  ? 12.035  10.864  11.586  1.00 0.00 ? 35  PRO A C    1 
ATOM 530  O O    . PRO A 1 35  ? 11.332  11.659  12.178  1.00 0.00 ? 35  PRO A O    1 
ATOM 531  C CB   . PRO A 1 35  ? 12.968  9.743   13.645  1.00 0.00 ? 35  PRO A CB   1 
ATOM 532  C CG   . PRO A 1 35  ? 14.510  9.820   13.535  1.00 0.00 ? 35  PRO A CG   1 
ATOM 533  C CD   . PRO A 1 35  ? 14.893  9.172   12.190  1.00 0.00 ? 35  PRO A CD   1 
ATOM 534  H HA   . PRO A 1 35  ? 11.621  8.846   12.224  1.00 0.00 ? 35  PRO A HA   1 
ATOM 535  H HB2  . PRO A 1 35  ? 12.575  10.665  14.052  1.00 0.00 ? 35  PRO A HB2  1 
ATOM 536  H HB3  . PRO A 1 35  ? 12.689  8.910   14.271  1.00 0.00 ? 35  PRO A HB3  1 
ATOM 537  H HG2  . PRO A 1 35  ? 14.831  10.852  13.556  1.00 0.00 ? 35  PRO A HG2  1 
ATOM 538  H HG3  . PRO A 1 35  ? 14.967  9.272   14.345  1.00 0.00 ? 35  PRO A HG3  1 
ATOM 539  H HD2  . PRO A 1 35  ? 15.520  9.840   11.617  1.00 0.00 ? 35  PRO A HD2  1 
ATOM 540  H HD3  . PRO A 1 35  ? 15.390  8.227   12.351  1.00 0.00 ? 35  PRO A HD3  1 
ATOM 541  N N    . SER A 1 36  ? 12.467  11.099  10.381  1.00 0.00 ? 36  SER A N    1 
ATOM 542  C CA   . SER A 1 36  ? 12.113  12.367  9.680   1.00 0.00 ? 36  SER A CA   1 
ATOM 543  C C    . SER A 1 36  ? 12.079  13.527  10.677  1.00 0.00 ? 36  SER A C    1 
ATOM 544  O O    . SER A 1 36  ? 12.695  13.480  11.724  1.00 0.00 ? 36  SER A O    1 
ATOM 545  C CB   . SER A 1 36  ? 10.739  12.219  9.028   1.00 0.00 ? 36  SER A CB   1 
ATOM 546  O OG   . SER A 1 36  ? 10.447  10.839  8.854   1.00 0.00 ? 36  SER A OG   1 
ATOM 547  H H    . SER A 1 36  ? 13.025  10.434  9.932   1.00 0.00 ? 36  SER A H    1 
ATOM 548  H HA   . SER A 1 36  ? 12.851  12.573  8.917   1.00 0.00 ? 36  SER A HA   1 
ATOM 549  H HB2  . SER A 1 36  ? 9.990   12.664  9.661   1.00 0.00 ? 36  SER A HB2  1 
ATOM 550  H HB3  . SER A 1 36  ? 10.740  12.721  8.069   1.00 0.00 ? 36  SER A HB3  1 
ATOM 551  H HG   . SER A 1 36  ? 10.967  10.516  8.114   1.00 0.00 ? 36  SER A HG   1 
ATOM 552  N N    . GLU A 1 37  ? 11.358  14.565  10.357  1.00 0.00 ? 37  GLU A N    1 
ATOM 553  C CA   . GLU A 1 37  ? 11.272  15.731  11.278  1.00 0.00 ? 37  GLU A CA   1 
ATOM 554  C C    . GLU A 1 37  ? 9.807   16.144  11.423  1.00 0.00 ? 37  GLU A C    1 
ATOM 555  O O    . GLU A 1 37  ? 9.086   15.632  12.256  1.00 0.00 ? 37  GLU A O    1 
ATOM 556  C CB   . GLU A 1 37  ? 12.077  16.901  10.702  1.00 0.00 ? 37  GLU A CB   1 
ATOM 557  C CG   . GLU A 1 37  ? 12.132  16.785  9.177   1.00 0.00 ? 37  GLU A CG   1 
ATOM 558  C CD   . GLU A 1 37  ? 13.380  16.000  8.769   1.00 0.00 ? 37  GLU A CD   1 
ATOM 559  O OE1  . GLU A 1 37  ? 13.299  14.784  8.718   1.00 0.00 ? 37  GLU A OE1  1 
ATOM 560  O OE2  . GLU A 1 37  ? 14.394  16.628  8.513   1.00 0.00 ? 37  GLU A OE2  1 
ATOM 561  H H    . GLU A 1 37  ? 10.870  14.576  9.508   1.00 0.00 ? 37  GLU A H    1 
ATOM 562  H HA   . GLU A 1 37  ? 11.669  15.460  12.245  1.00 0.00 ? 37  GLU A HA   1 
ATOM 563  H HB2  . GLU A 1 37  ? 11.602  17.833  10.975  1.00 0.00 ? 37  GLU A HB2  1 
ATOM 564  H HB3  . GLU A 1 37  ? 13.080  16.878  11.099  1.00 0.00 ? 37  GLU A HB3  1 
ATOM 565  H HG2  . GLU A 1 37  ? 11.250  16.272  8.823   1.00 0.00 ? 37  GLU A HG2  1 
ATOM 566  H HG3  . GLU A 1 37  ? 12.173  17.773  8.742   1.00 0.00 ? 37  GLU A HG3  1 
ATOM 567  N N    . TYR A 1 38  ? 9.359   17.063  10.613  1.00 0.00 ? 38  TYR A N    1 
ATOM 568  C CA   . TYR A 1 38  ? 7.939   17.505  10.697  1.00 0.00 ? 38  TYR A CA   1 
ATOM 569  C C    . TYR A 1 38  ? 7.052   16.537  9.904   1.00 0.00 ? 38  TYR A C    1 
ATOM 570  O O    . TYR A 1 38  ? 7.121   15.338  10.082  1.00 0.00 ? 38  TYR A O    1 
ATOM 571  C CB   . TYR A 1 38  ? 7.808   18.921  10.127  1.00 0.00 ? 38  TYR A CB   1 
ATOM 572  C CG   . TYR A 1 38  ? 8.307   18.966  8.697   1.00 0.00 ? 38  TYR A CG   1 
ATOM 573  C CD1  . TYR A 1 38  ? 8.780   17.805  8.066   1.00 0.00 ? 38  TYR A CD1  1 
ATOM 574  C CD2  . TYR A 1 38  ? 8.293   20.181  8.000   1.00 0.00 ? 38  TYR A CD2  1 
ATOM 575  C CE1  . TYR A 1 38  ? 9.237   17.863  6.745   1.00 0.00 ? 38  TYR A CE1  1 
ATOM 576  C CE2  . TYR A 1 38  ? 8.751   20.237  6.678   1.00 0.00 ? 38  TYR A CE2  1 
ATOM 577  C CZ   . TYR A 1 38  ? 9.222   19.079  6.051   1.00 0.00 ? 38  TYR A CZ   1 
ATOM 578  O OH   . TYR A 1 38  ? 9.673   19.135  4.748   1.00 0.00 ? 38  TYR A OH   1 
ATOM 579  H H    . TYR A 1 38  ? 9.958   17.460  9.946   1.00 0.00 ? 38  TYR A H    1 
ATOM 580  H HA   . TYR A 1 38  ? 7.628   17.507  11.731  1.00 0.00 ? 38  TYR A HA   1 
ATOM 581  H HB2  . TYR A 1 38  ? 6.771   19.222  10.153  1.00 0.00 ? 38  TYR A HB2  1 
ATOM 582  H HB3  . TYR A 1 38  ? 8.391   19.603  10.728  1.00 0.00 ? 38  TYR A HB3  1 
ATOM 583  H HD1  . TYR A 1 38  ? 8.793   16.867  8.597   1.00 0.00 ? 38  TYR A HD1  1 
ATOM 584  H HD2  . TYR A 1 38  ? 7.930   21.075  8.483   1.00 0.00 ? 38  TYR A HD2  1 
ATOM 585  H HE1  . TYR A 1 38  ? 9.602   16.970  6.260   1.00 0.00 ? 38  TYR A HE1  1 
ATOM 586  H HE2  . TYR A 1 38  ? 8.741   21.175  6.144   1.00 0.00 ? 38  TYR A HE2  1 
ATOM 587  H HH   . TYR A 1 38  ? 8.920   18.992  4.168   1.00 0.00 ? 38  TYR A HH   1 
ATOM 588  N N    . MET A 1 39  ? 6.222   17.044  9.031   1.00 0.00 ? 39  MET A N    1 
ATOM 589  C CA   . MET A 1 39  ? 5.340   16.144  8.237   1.00 0.00 ? 39  MET A CA   1 
ATOM 590  C C    . MET A 1 39  ? 4.408   16.988  7.363   1.00 0.00 ? 39  MET A C    1 
ATOM 591  O O    . MET A 1 39  ? 4.803   17.995  6.812   1.00 0.00 ? 39  MET A O    1 
ATOM 592  C CB   . MET A 1 39  ? 4.511   15.275  9.184   1.00 0.00 ? 39  MET A CB   1 
ATOM 593  C CG   . MET A 1 39  ? 4.239   13.919  8.527   1.00 0.00 ? 39  MET A CG   1 
ATOM 594  S SD   . MET A 1 39  ? 4.910   12.599  9.567   1.00 0.00 ? 39  MET A SD   1 
ATOM 595  C CE   . MET A 1 39  ? 6.571   12.565  8.847   1.00 0.00 ? 39  MET A CE   1 
ATOM 596  H H    . MET A 1 39  ? 6.178   18.013  8.898   1.00 0.00 ? 39  MET A H    1 
ATOM 597  H HA   . MET A 1 39  ? 5.948   15.511  7.606   1.00 0.00 ? 39  MET A HA   1 
ATOM 598  H HB2  . MET A 1 39  ? 5.055   15.126  10.106  1.00 0.00 ? 39  MET A HB2  1 
ATOM 599  H HB3  . MET A 1 39  ? 3.572   15.765  9.395   1.00 0.00 ? 39  MET A HB3  1 
ATOM 600  H HG2  . MET A 1 39  ? 3.174   13.782  8.413   1.00 0.00 ? 39  MET A HG2  1 
ATOM 601  H HG3  . MET A 1 39  ? 4.712   13.889  7.556   1.00 0.00 ? 39  MET A HG3  1 
ATOM 602  H HE1  . MET A 1 39  ? 6.526   12.914  7.824   1.00 0.00 ? 39  MET A HE1  1 
ATOM 603  H HE2  . MET A 1 39  ? 7.224   13.206  9.424   1.00 0.00 ? 39  MET A HE2  1 
ATOM 604  H HE3  . MET A 1 39  ? 6.952   11.557  8.866   1.00 0.00 ? 39  MET A HE3  1 
ATOM 605  N N    . GLU A 1 40  ? 3.173   16.585  7.230   1.00 0.00 ? 40  GLU A N    1 
ATOM 606  C CA   . GLU A 1 40  ? 2.221   17.366  6.391   1.00 0.00 ? 40  GLU A CA   1 
ATOM 607  C C    . GLU A 1 40  ? 2.579   17.188  4.915   1.00 0.00 ? 40  GLU A C    1 
ATOM 608  O O    . GLU A 1 40  ? 2.776   18.146  4.193   1.00 0.00 ? 40  GLU A O    1 
ATOM 609  C CB   . GLU A 1 40  ? 2.305   18.848  6.762   1.00 0.00 ? 40  GLU A CB   1 
ATOM 610  C CG   . GLU A 1 40  ? 2.348   18.996  8.285   1.00 0.00 ? 40  GLU A CG   1 
ATOM 611  C CD   . GLU A 1 40  ? 2.725   20.434  8.645   1.00 0.00 ? 40  GLU A CD   1 
ATOM 612  O OE1  . GLU A 1 40  ? 2.211   21.337  8.006   1.00 0.00 ? 40  GLU A OE1  1 
ATOM 613  O OE2  . GLU A 1 40  ? 3.522   20.607  9.552   1.00 0.00 ? 40  GLU A OE2  1 
ATOM 614  H H    . GLU A 1 40  ? 2.872   15.769  7.681   1.00 0.00 ? 40  GLU A H    1 
ATOM 615  H HA   . GLU A 1 40  ? 1.216   17.008  6.562   1.00 0.00 ? 40  GLU A HA   1 
ATOM 616  H HB2  . GLU A 1 40  ? 3.199   19.276  6.332   1.00 0.00 ? 40  GLU A HB2  1 
ATOM 617  H HB3  . GLU A 1 40  ? 1.438   19.363  6.378   1.00 0.00 ? 40  GLU A HB3  1 
ATOM 618  H HG2  . GLU A 1 40  ? 1.377   18.763  8.697   1.00 0.00 ? 40  GLU A HG2  1 
ATOM 619  H HG3  . GLU A 1 40  ? 3.085   18.321  8.692   1.00 0.00 ? 40  GLU A HG3  1 
ATOM 620  N N    . GLN A 1 41  ? 2.662   15.969  4.460   1.00 0.00 ? 41  GLN A N    1 
ATOM 621  C CA   . GLN A 1 41  ? 3.003   15.727  3.030   1.00 0.00 ? 41  GLN A CA   1 
ATOM 622  C C    . GLN A 1 41  ? 1.824   15.039  2.343   1.00 0.00 ? 41  GLN A C    1 
ATOM 623  O O    . GLN A 1 41  ? 1.229   15.576  1.433   1.00 0.00 ? 41  GLN A O    1 
ATOM 624  C CB   . GLN A 1 41  ? 4.246   14.835  2.933   1.00 0.00 ? 41  GLN A CB   1 
ATOM 625  C CG   . GLN A 1 41  ? 4.403   14.014  4.216   1.00 0.00 ? 41  GLN A CG   1 
ATOM 626  C CD   . GLN A 1 41  ? 5.792   13.373  4.246   1.00 0.00 ? 41  GLN A CD   1 
ATOM 627  O OE1  . GLN A 1 41  ? 5.919   12.167  4.166   1.00 0.00 ? 41  GLN A OE1  1 
ATOM 628  N NE2  . GLN A 1 41  ? 6.846   14.134  4.360   1.00 0.00 ? 41  GLN A NE2  1 
ATOM 629  H H    . GLN A 1 41  ? 2.497   15.211  5.060   1.00 0.00 ? 41  GLN A H    1 
ATOM 630  H HA   . GLN A 1 41  ? 3.198   16.669  2.545   1.00 0.00 ? 41  GLN A HA   1 
ATOM 631  H HB2  . GLN A 1 41  ? 4.142   14.168  2.089   1.00 0.00 ? 41  GLN A HB2  1 
ATOM 632  H HB3  . GLN A 1 41  ? 5.121   15.452  2.795   1.00 0.00 ? 41  GLN A HB3  1 
ATOM 633  H HG2  . GLN A 1 41  ? 4.285   14.659  5.074   1.00 0.00 ? 41  GLN A HG2  1 
ATOM 634  H HG3  . GLN A 1 41  ? 3.653   13.238  4.241   1.00 0.00 ? 41  GLN A HG3  1 
ATOM 635  H HE21 . GLN A 1 41  ? 6.743   15.106  4.425   1.00 0.00 ? 41  GLN A HE21 1 
ATOM 636  H HE22 . GLN A 1 41  ? 7.740   13.732  4.381   1.00 0.00 ? 41  GLN A HE22 1 
ATOM 637  N N    . GLU A 1 42  ? 1.493   13.855  2.783   1.00 0.00 ? 42  GLU A N    1 
ATOM 638  C CA   . GLU A 1 42  ? 0.352   13.093  2.187   1.00 0.00 ? 42  GLU A CA   1 
ATOM 639  C C    . GLU A 1 42  ? 0.889   11.864  1.461   1.00 0.00 ? 42  GLU A C    1 
ATOM 640  O O    . GLU A 1 42  ? 1.848   11.936  0.719   1.00 0.00 ? 42  GLU A O    1 
ATOM 641  C CB   . GLU A 1 42  ? -0.428  13.957  1.193   1.00 0.00 ? 42  GLU A CB   1 
ATOM 642  C CG   . GLU A 1 42  ? -1.666  13.195  0.719   1.00 0.00 ? 42  GLU A CG   1 
ATOM 643  C CD   . GLU A 1 42  ? -2.898  14.093  0.842   1.00 0.00 ? 42  GLU A CD   1 
ATOM 644  O OE1  . GLU A 1 42  ? -3.217  14.480  1.954   1.00 0.00 ? 42  GLU A OE1  1 
ATOM 645  O OE2  . GLU A 1 42  ? -3.504  14.379  -0.179  1.00 0.00 ? 42  GLU A OE2  1 
ATOM 646  H H    . GLU A 1 42  ? 2.001   13.462  3.519   1.00 0.00 ? 42  GLU A H    1 
ATOM 647  H HA   . GLU A 1 42  ? -0.312  12.773  2.978   1.00 0.00 ? 42  GLU A HA   1 
ATOM 648  H HB2  . GLU A 1 42  ? -0.729  14.875  1.675   1.00 0.00 ? 42  GLU A HB2  1 
ATOM 649  H HB3  . GLU A 1 42  ? 0.200   14.182  0.344   1.00 0.00 ? 42  GLU A HB3  1 
ATOM 650  H HG2  . GLU A 1 42  ? -1.535  12.902  -0.312  1.00 0.00 ? 42  GLU A HG2  1 
ATOM 651  H HG3  . GLU A 1 42  ? -1.804  12.315  1.330   1.00 0.00 ? 42  GLU A HG3  1 
ATOM 652  N N    . CYS A 1 43  ? 0.274   10.735  1.666   1.00 0.00 ? 43  CYS A N    1 
ATOM 653  C CA   . CYS A 1 43  ? 0.743   9.498   0.986   1.00 0.00 ? 43  CYS A CA   1 
ATOM 654  C C    . CYS A 1 43  ? -0.465  8.693   0.514   1.00 0.00 ? 43  CYS A C    1 
ATOM 655  O O    . CYS A 1 43  ? -1.332  8.338   1.289   1.00 0.00 ? 43  CYS A O    1 
ATOM 656  C CB   . CYS A 1 43  ? 1.570   8.657   1.959   1.00 0.00 ? 43  CYS A CB   1 
ATOM 657  S SG   . CYS A 1 43  ? 3.251   8.470   1.314   1.00 0.00 ? 43  CYS A SG   1 
ATOM 658  H H    . CYS A 1 43  ? -0.500  10.702  2.266   1.00 0.00 ? 43  CYS A H    1 
ATOM 659  H HA   . CYS A 1 43  ? 1.349   9.764   0.136   1.00 0.00 ? 43  CYS A HA   1 
ATOM 660  H HB2  . CYS A 1 43  ? 1.604   9.148   2.920   1.00 0.00 ? 43  CYS A HB2  1 
ATOM 661  H HB3  . CYS A 1 43  ? 1.115   7.683   2.067   1.00 0.00 ? 43  CYS A HB3  1 
ATOM 662  N N    . GLU A 1 44  ? -0.529  8.404   -0.753  1.00 0.00 ? 44  GLU A N    1 
ATOM 663  C CA   . GLU A 1 44  ? -1.678  7.620   -1.281  1.00 0.00 ? 44  GLU A CA   1 
ATOM 664  C C    . GLU A 1 44  ? -1.192  6.228   -1.677  1.00 0.00 ? 44  GLU A C    1 
ATOM 665  O O    . GLU A 1 44  ? -0.048  6.039   -2.038  1.00 0.00 ? 44  GLU A O    1 
ATOM 666  C CB   . GLU A 1 44  ? -2.262  8.327   -2.506  1.00 0.00 ? 44  GLU A CB   1 
ATOM 667  C CG   . GLU A 1 44  ? -1.127  8.866   -3.378  1.00 0.00 ? 44  GLU A CG   1 
ATOM 668  C CD   . GLU A 1 44  ? -1.712  9.502   -4.640  1.00 0.00 ? 44  GLU A CD   1 
ATOM 669  O OE1  . GLU A 1 44  ? -2.180  10.626  -4.551  1.00 0.00 ? 44  GLU A OE1  1 
ATOM 670  O OE2  . GLU A 1 44  ? -1.681  8.857   -5.675  1.00 0.00 ? 44  GLU A OE2  1 
ATOM 671  H H    . GLU A 1 44  ? 0.182   8.700   -1.358  1.00 0.00 ? 44  GLU A H    1 
ATOM 672  H HA   . GLU A 1 44  ? -2.437  7.535   -0.517  1.00 0.00 ? 44  GLU A HA   1 
ATOM 673  H HB2  . GLU A 1 44  ? -2.854  7.626   -3.077  1.00 0.00 ? 44  GLU A HB2  1 
ATOM 674  H HB3  . GLU A 1 44  ? -2.887  9.147   -2.184  1.00 0.00 ? 44  GLU A HB3  1 
ATOM 675  H HG2  . GLU A 1 44  ? -0.569  9.608   -2.825  1.00 0.00 ? 44  GLU A HG2  1 
ATOM 676  H HG3  . GLU A 1 44  ? -0.471  8.055   -3.658  1.00 0.00 ? 44  GLU A HG3  1 
ATOM 677  N N    . LEU A 1 45  ? -2.048  5.249   -1.608  1.00 0.00 ? 45  LEU A N    1 
ATOM 678  C CA   . LEU A 1 45  ? -1.627  3.872   -1.978  1.00 0.00 ? 45  LEU A CA   1 
ATOM 679  C C    . LEU A 1 45  ? -2.299  3.470   -3.290  1.00 0.00 ? 45  LEU A C    1 
ATOM 680  O O    . LEU A 1 45  ? -3.473  3.703   -3.496  1.00 0.00 ? 45  LEU A O    1 
ATOM 681  C CB   . LEU A 1 45  ? -2.040  2.900   -0.871  1.00 0.00 ? 45  LEU A CB   1 
ATOM 682  C CG   . LEU A 1 45  ? -1.752  1.467   -1.316  1.00 0.00 ? 45  LEU A CG   1 
ATOM 683  C CD1  . LEU A 1 45  ? -0.271  1.151   -1.099  1.00 0.00 ? 45  LEU A CD1  1 
ATOM 684  C CD2  . LEU A 1 45  ? -2.605  0.498   -0.493  1.00 0.00 ? 45  LEU A CD2  1 
ATOM 685  H H    . LEU A 1 45  ? -2.967  5.419   -1.312  1.00 0.00 ? 45  LEU A H    1 
ATOM 686  H HA   . LEU A 1 45  ? -0.553  3.844   -2.100  1.00 0.00 ? 45  LEU A HA   1 
ATOM 687  H HB2  . LEU A 1 45  ? -1.480  3.118   0.026   1.00 0.00 ? 45  LEU A HB2  1 
ATOM 688  H HB3  . LEU A 1 45  ? -3.095  3.008   -0.672  1.00 0.00 ? 45  LEU A HB3  1 
ATOM 689  H HG   . LEU A 1 45  ? -1.993  1.360   -2.364  1.00 0.00 ? 45  LEU A HG   1 
ATOM 690  H HD11 . LEU A 1 45  ? 0.315   2.043   -1.266  1.00 0.00 ? 45  LEU A HD11 1 
ATOM 691  H HD12 . LEU A 1 45  ? -0.121  0.806   -0.087  1.00 0.00 ? 45  LEU A HD12 1 
ATOM 692  H HD13 . LEU A 1 45  ? 0.039   0.382   -1.792  1.00 0.00 ? 45  LEU A HD13 1 
ATOM 693  H HD21 . LEU A 1 45  ? -3.648  0.759   -0.599  1.00 0.00 ? 45  LEU A HD21 1 
ATOM 694  H HD22 . LEU A 1 45  ? -2.448  -0.510  -0.847  1.00 0.00 ? 45  LEU A HD22 1 
ATOM 695  H HD23 . LEU A 1 45  ? -2.321  0.565   0.546   1.00 0.00 ? 45  LEU A HD23 1 
ATOM 696  N N    . ARG A 1 46  ? -1.564  2.869   -4.181  1.00 0.00 ? 46  ARG A N    1 
ATOM 697  C CA   . ARG A 1 46  ? -2.158  2.453   -5.482  1.00 0.00 ? 46  ARG A CA   1 
ATOM 698  C C    . ARG A 1 46  ? -2.265  0.929   -5.526  1.00 0.00 ? 46  ARG A C    1 
ATOM 699  O O    . ARG A 1 46  ? -1.454  0.224   -4.960  1.00 0.00 ? 46  ARG A O    1 
ATOM 700  C CB   . ARG A 1 46  ? -1.262  2.932   -6.627  1.00 0.00 ? 46  ARG A CB   1 
ATOM 701  C CG   . ARG A 1 46  ? -2.106  3.679   -7.661  1.00 0.00 ? 46  ARG A CG   1 
ATOM 702  C CD   . ARG A 1 46  ? -1.202  4.188   -8.785  1.00 0.00 ? 46  ARG A CD   1 
ATOM 703  N NE   . ARG A 1 46  ? -1.724  3.712   -10.098 1.00 0.00 ? 46  ARG A NE   1 
ATOM 704  C CZ   . ARG A 1 46  ? -1.194  4.147   -11.208 1.00 0.00 ? 46  ARG A CZ   1 
ATOM 705  N NH1  . ARG A 1 46  ? -0.054  3.664   -11.621 1.00 0.00 ? 46  ARG A NH1  1 
ATOM 706  N NH2  . ARG A 1 46  ? -1.804  5.065   -11.907 1.00 0.00 ? 46  ARG A NH2  1 
ATOM 707  H H    . ARG A 1 46  ? -0.618  2.691   -3.995  1.00 0.00 ? 46  ARG A H    1 
ATOM 708  H HA   . ARG A 1 46  ? -3.141  2.889   -5.587  1.00 0.00 ? 46  ARG A HA   1 
ATOM 709  H HB2  . ARG A 1 46  ? -0.503  3.595   -6.235  1.00 0.00 ? 46  ARG A HB2  1 
ATOM 710  H HB3  . ARG A 1 46  ? -0.791  2.082   -7.094  1.00 0.00 ? 46  ARG A HB3  1 
ATOM 711  H HG2  . ARG A 1 46  ? -2.849  3.009   -8.071  1.00 0.00 ? 46  ARG A HG2  1 
ATOM 712  H HG3  . ARG A 1 46  ? -2.596  4.517   -7.190  1.00 0.00 ? 46  ARG A HG3  1 
ATOM 713  H HD2  . ARG A 1 46  ? -1.186  5.267   -8.774  1.00 0.00 ? 46  ARG A HD2  1 
ATOM 714  H HD3  . ARG A 1 46  ? -0.199  3.812   -8.639  1.00 0.00 ? 46  ARG A HD3  1 
ATOM 715  H HE   . ARG A 1 46  ? -2.466  3.072   -10.127 1.00 0.00 ? 46  ARG A HE   1 
ATOM 716  H HH11 . ARG A 1 46  ? 0.414   2.960   -11.086 1.00 0.00 ? 46  ARG A HH11 1 
ATOM 717  H HH12 . ARG A 1 46  ? 0.352   3.998   -12.471 1.00 0.00 ? 46  ARG A HH12 1 
ATOM 718  H HH21 . ARG A 1 46  ? -2.678  5.435   -11.591 1.00 0.00 ? 46  ARG A HH21 1 
ATOM 719  H HH22 . ARG A 1 46  ? -1.398  5.399   -12.758 1.00 0.00 ? 46  ARG A HH22 1 
ATOM 720  N N    . TYR A 1 47  ? -3.258  0.412   -6.194  1.00 0.00 ? 47  TYR A N    1 
ATOM 721  C CA   . TYR A 1 47  ? -3.409  -1.068  -6.270  1.00 0.00 ? 47  TYR A CA   1 
ATOM 722  C C    . TYR A 1 47  ? -4.355  -1.428  -7.417  1.00 0.00 ? 47  TYR A C    1 
ATOM 723  O O    . TYR A 1 47  ? -5.521  -1.084  -7.407  1.00 0.00 ? 47  TYR A O    1 
ATOM 724  C CB   . TYR A 1 47  ? -3.970  -1.597  -4.948  1.00 0.00 ? 47  TYR A CB   1 
ATOM 725  C CG   . TYR A 1 47  ? -5.441  -1.269  -4.848  1.00 0.00 ? 47  TYR A CG   1 
ATOM 726  C CD1  . TYR A 1 47  ? -5.850  -0.027  -4.351  1.00 0.00 ? 47  TYR A CD1  1 
ATOM 727  C CD2  . TYR A 1 47  ? -6.396  -2.213  -5.247  1.00 0.00 ? 47  TYR A CD2  1 
ATOM 728  C CE1  . TYR A 1 47  ? -7.214  0.275   -4.256  1.00 0.00 ? 47  TYR A CE1  1 
ATOM 729  C CE2  . TYR A 1 47  ? -7.760  -1.911  -5.152  1.00 0.00 ? 47  TYR A CE2  1 
ATOM 730  C CZ   . TYR A 1 47  ? -8.169  -0.668  -4.656  1.00 0.00 ? 47  TYR A CZ   1 
ATOM 731  O OH   . TYR A 1 47  ? -9.513  -0.371  -4.561  1.00 0.00 ? 47  TYR A OH   1 
ATOM 732  H H    . TYR A 1 47  ? -3.903  0.994   -6.645  1.00 0.00 ? 47  TYR A H    1 
ATOM 733  H HA   . TYR A 1 47  ? -2.443  -1.516  -6.453  1.00 0.00 ? 47  TYR A HA   1 
ATOM 734  H HB2  . TYR A 1 47  ? -3.837  -2.668  -4.904  1.00 0.00 ? 47  TYR A HB2  1 
ATOM 735  H HB3  . TYR A 1 47  ? -3.444  -1.136  -4.125  1.00 0.00 ? 47  TYR A HB3  1 
ATOM 736  H HD1  . TYR A 1 47  ? -5.114  0.701   -4.043  1.00 0.00 ? 47  TYR A HD1  1 
ATOM 737  H HD2  . TYR A 1 47  ? -6.081  -3.172  -5.630  1.00 0.00 ? 47  TYR A HD2  1 
ATOM 738  H HE1  . TYR A 1 47  ? -7.530  1.234   -3.873  1.00 0.00 ? 47  TYR A HE1  1 
ATOM 739  H HE2  . TYR A 1 47  ? -8.497  -2.639  -5.460  1.00 0.00 ? 47  TYR A HE2  1 
ATOM 740  H HH   . TYR A 1 47  ? -10.008 -1.171  -4.752  1.00 0.00 ? 47  TYR A HH   1 
ATOM 741  N N    . GLN A 1 48  ? -3.860  -2.118  -8.407  1.00 0.00 ? 48  GLN A N    1 
ATOM 742  C CA   . GLN A 1 48  ? -4.725  -2.504  -9.557  1.00 0.00 ? 48  GLN A CA   1 
ATOM 743  C C    . GLN A 1 48  ? -4.784  -4.030  -9.652  1.00 0.00 ? 48  GLN A C    1 
ATOM 744  O O    . GLN A 1 48  ? -3.832  -4.706  -9.321  1.00 0.00 ? 48  GLN A O    1 
ATOM 745  C CB   . GLN A 1 48  ? -4.135  -1.936  -10.850 1.00 0.00 ? 48  GLN A CB   1 
ATOM 746  C CG   . GLN A 1 48  ? -2.846  -2.685  -11.197 1.00 0.00 ? 48  GLN A CG   1 
ATOM 747  C CD   . GLN A 1 48  ? -3.014  -3.395  -12.542 1.00 0.00 ? 48  GLN A CD   1 
ATOM 748  O OE1  . GLN A 1 48  ? -3.937  -3.112  -13.280 1.00 0.00 ? 48  GLN A OE1  1 
ATOM 749  N NE2  . GLN A 1 48  ? -2.153  -4.310  -12.894 1.00 0.00 ? 48  GLN A NE2  1 
ATOM 750  H H    . GLN A 1 48  ? -2.917  -2.384  -8.394  1.00 0.00 ? 48  GLN A H    1 
ATOM 751  H HA   . GLN A 1 48  ? -5.720  -2.112  -9.410  1.00 0.00 ? 48  GLN A HA   1 
ATOM 752  H HB2  . GLN A 1 48  ? -4.848  -2.053  -11.652 1.00 0.00 ? 48  GLN A HB2  1 
ATOM 753  H HB3  . GLN A 1 48  ? -3.913  -0.888  -10.713 1.00 0.00 ? 48  GLN A HB3  1 
ATOM 754  H HG2  . GLN A 1 48  ? -2.027  -1.983  -11.259 1.00 0.00 ? 48  GLN A HG2  1 
ATOM 755  H HG3  . GLN A 1 48  ? -2.635  -3.416  -10.431 1.00 0.00 ? 48  GLN A HG3  1 
ATOM 756  H HE21 . GLN A 1 48  ? -1.409  -4.537  -12.299 1.00 0.00 ? 48  GLN A HE21 1 
ATOM 757  H HE22 . GLN A 1 48  ? -2.252  -4.770  -13.754 1.00 0.00 ? 48  GLN A HE22 1 
ATOM 758  N N    . PRO A 1 49  ? -5.904  -4.525  -10.103 1.00 0.00 ? 49  PRO A N    1 
ATOM 759  C CA   . PRO A 1 49  ? -6.123  -5.973  -10.255 1.00 0.00 ? 49  PRO A CA   1 
ATOM 760  C C    . PRO A 1 49  ? -5.410  -6.487  -11.509 1.00 0.00 ? 49  PRO A C    1 
ATOM 761  O O    . PRO A 1 49  ? -5.884  -6.324  -12.616 1.00 0.00 ? 49  PRO A O    1 
ATOM 762  C CB   . PRO A 1 49  ? -7.644  -6.092  -10.394 1.00 0.00 ? 49  PRO A CB   1 
ATOM 763  C CG   . PRO A 1 49  ? -8.147  -4.709  -10.876 1.00 0.00 ? 49  PRO A CG   1 
ATOM 764  C CD   . PRO A 1 49  ? -7.052  -3.689  -10.503 1.00 0.00 ? 49  PRO A CD   1 
ATOM 765  H HA   . PRO A 1 49  ? -5.787  -6.504  -9.378  1.00 0.00 ? 49  PRO A HA   1 
ATOM 766  H HB2  . PRO A 1 49  ? -7.891  -6.855  -11.120 1.00 0.00 ? 49  PRO A HB2  1 
ATOM 767  H HB3  . PRO A 1 49  ? -8.089  -6.328  -9.440  1.00 0.00 ? 49  PRO A HB3  1 
ATOM 768  H HG2  . PRO A 1 49  ? -8.296  -4.723  -11.947 1.00 0.00 ? 49  PRO A HG2  1 
ATOM 769  H HG3  . PRO A 1 49  ? -9.068  -4.454  -10.375 1.00 0.00 ? 49  PRO A HG3  1 
ATOM 770  H HD2  . PRO A 1 49  ? -6.800  -3.079  -11.359 1.00 0.00 ? 49  PRO A HD2  1 
ATOM 771  H HD3  . PRO A 1 49  ? -7.372  -3.075  -9.676  1.00 0.00 ? 49  PRO A HD3  1 
ATOM 772  N N    . GLN A 1 50  ? -4.272  -7.103  -11.342 1.00 0.00 ? 50  GLN A N    1 
ATOM 773  C CA   . GLN A 1 50  ? -3.526  -7.622  -12.521 1.00 0.00 ? 50  GLN A CA   1 
ATOM 774  C C    . GLN A 1 50  ? -4.292  -8.791  -13.144 1.00 0.00 ? 50  GLN A C    1 
ATOM 775  O O    . GLN A 1 50  ? -4.357  -9.872  -12.590 1.00 0.00 ? 50  GLN A O    1 
ATOM 776  C CB   . GLN A 1 50  ? -2.139  -8.098  -12.080 1.00 0.00 ? 50  GLN A CB   1 
ATOM 777  C CG   . GLN A 1 50  ? -1.067  -7.355  -12.878 1.00 0.00 ? 50  GLN A CG   1 
ATOM 778  C CD   . GLN A 1 50  ? 0.281   -8.055  -12.700 1.00 0.00 ? 50  GLN A CD   1 
ATOM 779  O OE1  . GLN A 1 50  ? 0.930   -8.404  -13.666 1.00 0.00 ? 50  GLN A OE1  1 
ATOM 780  N NE2  . GLN A 1 50  ? 0.733   -8.277  -11.495 1.00 0.00 ? 50  GLN A NE2  1 
ATOM 781  H H    . GLN A 1 50  ? -3.907  -7.220  -10.441 1.00 0.00 ? 50  GLN A H    1 
ATOM 782  H HA   . GLN A 1 50  ? -3.418  -6.835  -13.253 1.00 0.00 ? 50  GLN A HA   1 
ATOM 783  H HB2  . GLN A 1 50  ? -2.010  -7.897  -11.026 1.00 0.00 ? 50  GLN A HB2  1 
ATOM 784  H HB3  . GLN A 1 50  ? -2.048  -9.158  -12.258 1.00 0.00 ? 50  GLN A HB3  1 
ATOM 785  H HG2  . GLN A 1 50  ? -1.335  -7.350  -13.925 1.00 0.00 ? 50  GLN A HG2  1 
ATOM 786  H HG3  . GLN A 1 50  ? -0.992  -6.339  -12.522 1.00 0.00 ? 50  GLN A HG3  1 
ATOM 787  H HE21 . GLN A 1 50  ? 0.209   -7.995  -10.717 1.00 0.00 ? 50  GLN A HE21 1 
ATOM 788  H HE22 . GLN A 1 50  ? 1.595   -8.726  -11.371 1.00 0.00 ? 50  GLN A HE22 1 
ATOM 789  N N    . LEU A 1 51  ? -4.870  -8.581  -14.295 1.00 0.00 ? 51  LEU A N    1 
ATOM 790  C CA   . LEU A 1 51  ? -5.630  -9.672  -14.967 1.00 0.00 ? 51  LEU A CA   1 
ATOM 791  C C    . LEU A 1 51  ? -5.784  -9.332  -16.452 1.00 0.00 ? 51  LEU A C    1 
ATOM 792  O O    . LEU A 1 51  ? -5.003  -8.585  -17.009 1.00 0.00 ? 51  LEU A O    1 
ATOM 793  C CB   . LEU A 1 51  ? -7.011  -9.810  -14.317 1.00 0.00 ? 51  LEU A CB   1 
ATOM 794  C CG   . LEU A 1 51  ? -7.927  -8.681  -14.796 1.00 0.00 ? 51  LEU A CG   1 
ATOM 795  C CD1  . LEU A 1 51  ? -9.107  -9.275  -15.566 1.00 0.00 ? 51  LEU A CD1  1 
ATOM 796  C CD2  . LEU A 1 51  ? -8.451  -7.905  -13.586 1.00 0.00 ? 51  LEU A CD2  1 
ATOM 797  H H    . LEU A 1 51  ? -4.799  -7.702  -14.722 1.00 0.00 ? 51  LEU A H    1 
ATOM 798  H HA   . LEU A 1 51  ? -5.089  -10.601 -14.865 1.00 0.00 ? 51  LEU A HA   1 
ATOM 799  H HB2  . LEU A 1 51  ? -7.442  -10.762 -14.592 1.00 0.00 ? 51  LEU A HB2  1 
ATOM 800  H HB3  . LEU A 1 51  ? -6.910  -9.757  -13.244 1.00 0.00 ? 51  LEU A HB3  1 
ATOM 801  H HG   . LEU A 1 51  ? -7.373  -8.015  -15.440 1.00 0.00 ? 51  LEU A HG   1 
ATOM 802  H HD11 . LEU A 1 51  ? -9.033  -10.352 -15.564 1.00 0.00 ? 51  LEU A HD11 1 
ATOM 803  H HD12 . LEU A 1 51  ? -10.032 -8.977  -15.096 1.00 0.00 ? 51  LEU A HD12 1 
ATOM 804  H HD13 . LEU A 1 51  ? -9.090  -8.917  -16.585 1.00 0.00 ? 51  LEU A HD13 1 
ATOM 805  H HD21 . LEU A 1 51  ? -8.888  -8.592  -12.878 1.00 0.00 ? 51  LEU A HD21 1 
ATOM 806  H HD22 . LEU A 1 51  ? -7.636  -7.374  -13.117 1.00 0.00 ? 51  LEU A HD22 1 
ATOM 807  H HD23 . LEU A 1 51  ? -9.201  -7.197  -13.909 1.00 0.00 ? 51  LEU A HD23 1 
ATOM 808  N N    . LYS A 1 52  ? -6.780  -9.869  -17.100 1.00 0.00 ? 52  LYS A N    1 
ATOM 809  C CA   . LYS A 1 52  ? -6.972  -9.565  -18.547 1.00 0.00 ? 52  LYS A CA   1 
ATOM 810  C C    . LYS A 1 52  ? -6.842  -8.056  -18.768 1.00 0.00 ? 52  LYS A C    1 
ATOM 811  O O    . LYS A 1 52  ? -6.224  -7.606  -19.712 1.00 0.00 ? 52  LYS A O    1 
ATOM 812  C CB   . LYS A 1 52  ? -8.360  -10.030 -18.990 1.00 0.00 ? 52  LYS A CB   1 
ATOM 813  C CG   . LYS A 1 52  ? -8.305  -11.510 -19.376 1.00 0.00 ? 52  LYS A CG   1 
ATOM 814  C CD   . LYS A 1 52  ? -8.716  -11.672 -20.840 1.00 0.00 ? 52  LYS A CD   1 
ATOM 815  C CE   . LYS A 1 52  ? -7.529  -12.195 -21.650 1.00 0.00 ? 52  LYS A CE   1 
ATOM 816  N NZ   . LYS A 1 52  ? -8.013  -13.167 -22.671 1.00 0.00 ? 52  LYS A NZ   1 
ATOM 817  H H    . LYS A 1 52  ? -7.403  -10.469 -16.637 1.00 0.00 ? 52  LYS A H    1 
ATOM 818  H HA   . LYS A 1 52  ? -6.217  -10.079 -19.125 1.00 0.00 ? 52  LYS A HA   1 
ATOM 819  H HB2  . LYS A 1 52  ? -9.061  -9.895  -18.178 1.00 0.00 ? 52  LYS A HB2  1 
ATOM 820  H HB3  . LYS A 1 52  ? -8.680  -9.450  -19.841 1.00 0.00 ? 52  LYS A HB3  1 
ATOM 821  H HG2  . LYS A 1 52  ? -7.297  -11.878 -19.240 1.00 0.00 ? 52  LYS A HG2  1 
ATOM 822  H HG3  . LYS A 1 52  ? -8.981  -12.071 -18.749 1.00 0.00 ? 52  LYS A HG3  1 
ATOM 823  H HD2  . LYS A 1 52  ? -9.535  -12.374 -20.907 1.00 0.00 ? 52  LYS A HD2  1 
ATOM 824  H HD3  . LYS A 1 52  ? -9.027  -10.717 -21.235 1.00 0.00 ? 52  LYS A HD3  1 
ATOM 825  H HE2  . LYS A 1 52  ? -7.039  -11.369 -22.145 1.00 0.00 ? 52  LYS A HE2  1 
ATOM 826  H HE3  . LYS A 1 52  ? -6.829  -12.684 -20.989 1.00 0.00 ? 52  LYS A HE3  1 
ATOM 827  H HZ1  . LYS A 1 52  ? -8.756  -13.764 -22.256 1.00 0.00 ? 52  LYS A HZ1  1 
ATOM 828  H HZ2  . LYS A 1 52  ? -8.400  -12.652 -23.486 1.00 0.00 ? 52  LYS A HZ2  1 
ATOM 829  H HZ3  . LYS A 1 52  ? -7.220  -13.766 -22.981 1.00 0.00 ? 52  LYS A HZ3  1 
ATOM 830  N N    . GLY A 1 53  ? -7.419  -7.271  -17.897 1.00 0.00 ? 53  GLY A N    1 
ATOM 831  C CA   . GLY A 1 53  ? -7.330  -5.791  -18.048 1.00 0.00 ? 53  GLY A CA   1 
ATOM 832  C C    . GLY A 1 53  ? -7.324  -5.143  -16.661 1.00 0.00 ? 53  GLY A C    1 
ATOM 833  O O    . GLY A 1 53  ? -6.978  -5.767  -15.678 1.00 0.00 ? 53  GLY A O    1 
ATOM 834  H H    . GLY A 1 53  ? -7.909  -7.657  -17.143 1.00 0.00 ? 53  GLY A H    1 
ATOM 835  H HA2  . GLY A 1 53  ? -6.419  -5.536  -18.571 1.00 0.00 ? 53  GLY A HA2  1 
ATOM 836  H HA3  . GLY A 1 53  ? -8.180  -5.432  -18.605 1.00 0.00 ? 53  GLY A HA3  1 
ATOM 837  N N    . ALA A 1 54  ? -7.707  -3.899  -16.571 1.00 0.00 ? 54  ALA A N    1 
ATOM 838  C CA   . ALA A 1 54  ? -7.722  -3.220  -15.244 1.00 0.00 ? 54  ALA A CA   1 
ATOM 839  C C    . ALA A 1 54  ? -7.809  -1.705  -15.440 1.00 0.00 ? 54  ALA A C    1 
ATOM 840  O O    . ALA A 1 54  ? -7.483  -1.185  -16.488 1.00 0.00 ? 54  ALA A O    1 
ATOM 841  C CB   . ALA A 1 54  ? -6.441  -3.562  -14.482 1.00 0.00 ? 54  ALA A CB   1 
ATOM 842  H H    . ALA A 1 54  ? -7.985  -3.411  -17.375 1.00 0.00 ? 54  ALA A H    1 
ATOM 843  H HA   . ALA A 1 54  ? -8.578  -3.558  -14.677 1.00 0.00 ? 54  ALA A HA   1 
ATOM 844  H HB1  . ALA A 1 54  ? -5.611  -3.603  -15.173 1.00 0.00 ? 54  ALA A HB1  1 
ATOM 845  H HB2  . ALA A 1 54  ? -6.252  -2.803  -13.737 1.00 0.00 ? 54  ALA A HB2  1 
ATOM 846  H HB3  . ALA A 1 54  ? -6.553  -4.521  -13.998 1.00 0.00 ? 54  ALA A HB3  1 
ATOM 847  N N    . ASN A 1 55  ? -8.245  -0.993  -14.436 1.00 0.00 ? 55  ASN A N    1 
ATOM 848  C CA   . ASN A 1 55  ? -8.351  0.488   -14.561 1.00 0.00 ? 55  ASN A CA   1 
ATOM 849  C C    . ASN A 1 55  ? -7.448  1.154   -13.520 1.00 0.00 ? 55  ASN A C    1 
ATOM 850  O O    . ASN A 1 55  ? -7.373  2.363   -13.432 1.00 0.00 ? 55  ASN A O    1 
ATOM 851  C CB   . ASN A 1 55  ? -9.802  0.917   -14.326 1.00 0.00 ? 55  ASN A CB   1 
ATOM 852  C CG   . ASN A 1 55  ? -10.348 1.584   -15.589 1.00 0.00 ? 55  ASN A CG   1 
ATOM 853  O OD1  . ASN A 1 55  ? -9.927  2.666   -15.949 1.00 0.00 ? 55  ASN A OD1  1 
ATOM 854  N ND2  . ASN A 1 55  ? -11.274 0.981   -16.283 1.00 0.00 ? 55  ASN A ND2  1 
ATOM 855  H H    . ASN A 1 55  ? -8.501  -1.434  -13.599 1.00 0.00 ? 55  ASN A H    1 
ATOM 856  H HA   . ASN A 1 55  ? -8.043  0.789   -15.551 1.00 0.00 ? 55  ASN A HA   1 
ATOM 857  H HB2  . ASN A 1 55  ? -10.400 0.048   -14.089 1.00 0.00 ? 55  ASN A HB2  1 
ATOM 858  H HB3  . ASN A 1 55  ? -9.842  1.617   -13.506 1.00 0.00 ? 55  ASN A HB3  1 
ATOM 859  H HD21 . ASN A 1 55  ? -11.612 0.108   -15.993 1.00 0.00 ? 55  ASN A HD21 1 
ATOM 860  H HD22 . ASN A 1 55  ? -11.630 1.400   -17.094 1.00 0.00 ? 55  ASN A HD22 1 
ATOM 861  N N    . TRP A 1 56  ? -6.759  0.373   -12.732 1.00 0.00 ? 56  TRP A N    1 
ATOM 862  C CA   . TRP A 1 56  ? -5.860  0.958   -11.699 1.00 0.00 ? 56  TRP A CA   1 
ATOM 863  C C    . TRP A 1 56  ? -6.686  1.756   -10.688 1.00 0.00 ? 56  TRP A C    1 
ATOM 864  O O    . TRP A 1 56  ? -7.347  2.715   -11.032 1.00 0.00 ? 56  TRP A O    1 
ATOM 865  C CB   . TRP A 1 56  ? -4.844  1.885   -12.372 1.00 0.00 ? 56  TRP A CB   1 
ATOM 866  C CG   . TRP A 1 56  ? -3.678  1.082   -12.853 1.00 0.00 ? 56  TRP A CG   1 
ATOM 867  C CD1  . TRP A 1 56  ? -3.494  0.666   -14.127 1.00 0.00 ? 56  TRP A CD1  1 
ATOM 868  C CD2  . TRP A 1 56  ? -2.534  0.594   -12.093 1.00 0.00 ? 56  TRP A CD2  1 
ATOM 869  N NE1  . TRP A 1 56  ? -2.311  -0.047  -14.197 1.00 0.00 ? 56  TRP A NE1  1 
ATOM 870  C CE2  . TRP A 1 56  ? -1.682  -0.119  -12.970 1.00 0.00 ? 56  TRP A CE2  1 
ATOM 871  C CE3  . TRP A 1 56  ? -2.157  0.699   -10.742 1.00 0.00 ? 56  TRP A CE3  1 
ATOM 872  C CZ2  . TRP A 1 56  ? -0.499  -0.706  -12.522 1.00 0.00 ? 56  TRP A CZ2  1 
ATOM 873  C CZ3  . TRP A 1 56  ? -0.965  0.109   -10.289 1.00 0.00 ? 56  TRP A CZ3  1 
ATOM 874  C CH2  . TRP A 1 56  ? -0.139  -0.592  -11.178 1.00 0.00 ? 56  TRP A CH2  1 
ATOM 875  H H    . TRP A 1 56  ? -6.834  -0.600  -12.820 1.00 0.00 ? 56  TRP A H    1 
ATOM 876  H HA   . TRP A 1 56  ? -5.337  0.164   -11.187 1.00 0.00 ? 56  TRP A HA   1 
ATOM 877  H HB2  . TRP A 1 56  ? -5.309  2.381   -13.210 1.00 0.00 ? 56  TRP A HB2  1 
ATOM 878  H HB3  . TRP A 1 56  ? -4.503  2.622   -11.661 1.00 0.00 ? 56  TRP A HB3  1 
ATOM 879  H HD1  . TRP A 1 56  ? -4.162  0.858   -14.953 1.00 0.00 ? 56  TRP A HD1  1 
ATOM 880  H HE1  . TRP A 1 56  ? -1.946  -0.458  -15.010 1.00 0.00 ? 56  TRP A HE1  1 
ATOM 881  H HE3  . TRP A 1 56  ? -2.788  1.237   -10.050 1.00 0.00 ? 56  TRP A HE3  1 
ATOM 882  H HZ2  . TRP A 1 56  ? 0.135   -1.245  -13.211 1.00 0.00 ? 56  TRP A HZ2  1 
ATOM 883  H HZ3  . TRP A 1 56  ? -0.686  0.196   -9.249  1.00 0.00 ? 56  TRP A HZ3  1 
ATOM 884  H HH2  . TRP A 1 56  ? 0.776   -1.044  -10.822 1.00 0.00 ? 56  TRP A HH2  1 
ATOM 885  N N    . THR A 1 57  ? -6.651  1.368   -9.442  1.00 0.00 ? 57  THR A N    1 
ATOM 886  C CA   . THR A 1 57  ? -7.432  2.107   -8.409  1.00 0.00 ? 57  THR A CA   1 
ATOM 887  C C    . THR A 1 57  ? -6.467  2.838   -7.472  1.00 0.00 ? 57  THR A C    1 
ATOM 888  O O    . THR A 1 57  ? -5.360  2.395   -7.239  1.00 0.00 ? 57  THR A O    1 
ATOM 889  C CB   . THR A 1 57  ? -8.274  1.116   -7.602  1.00 0.00 ? 57  THR A CB   1 
ATOM 890  O OG1  . THR A 1 57  ? -9.268  0.547   -8.443  1.00 0.00 ? 57  THR A OG1  1 
ATOM 891  C CG2  . THR A 1 57  ? -8.945  1.844   -6.436  1.00 0.00 ? 57  THR A CG2  1 
ATOM 892  H H    . THR A 1 57  ? -6.109  0.593   -9.184  1.00 0.00 ? 57  THR A H    1 
ATOM 893  H HA   . THR A 1 57  ? -8.080  2.823   -8.890  1.00 0.00 ? 57  THR A HA   1 
ATOM 894  H HB   . THR A 1 57  ? -7.640  0.334   -7.214  1.00 0.00 ? 57  THR A HB   1 
ATOM 895  H HG1  . THR A 1 57  ? -8.983  -0.338  -8.682  1.00 0.00 ? 57  THR A HG1  1 
ATOM 896  H HG21 . THR A 1 57  ? -9.208  2.846   -6.741  1.00 0.00 ? 57  THR A HG21 1 
ATOM 897  H HG22 . THR A 1 57  ? -9.839  1.312   -6.145  1.00 0.00 ? 57  THR A HG22 1 
ATOM 898  H HG23 . THR A 1 57  ? -8.264  1.889   -5.600  1.00 0.00 ? 57  THR A HG23 1 
ATOM 899  N N    . LEU A 1 58  ? -6.876  3.955   -6.934  1.00 0.00 ? 58  LEU A N    1 
ATOM 900  C CA   . LEU A 1 58  ? -5.977  4.710   -6.016  1.00 0.00 ? 58  LEU A CA   1 
ATOM 901  C C    . LEU A 1 58  ? -6.666  4.905   -4.663  1.00 0.00 ? 58  LEU A C    1 
ATOM 902  O O    . LEU A 1 58  ? -7.841  4.642   -4.509  1.00 0.00 ? 58  LEU A O    1 
ATOM 903  C CB   . LEU A 1 58  ? -5.655  6.076   -6.624  1.00 0.00 ? 58  LEU A CB   1 
ATOM 904  C CG   . LEU A 1 58  ? -5.540  5.949   -8.144  1.00 0.00 ? 58  LEU A CG   1 
ATOM 905  C CD1  . LEU A 1 58  ? -5.059  7.277   -8.730  1.00 0.00 ? 58  LEU A CD1  1 
ATOM 906  C CD2  . LEU A 1 58  ? -4.536  4.847   -8.490  1.00 0.00 ? 58  LEU A CD2  1 
ATOM 907  H H    . LEU A 1 58  ? -7.772  4.298   -7.135  1.00 0.00 ? 58  LEU A H    1 
ATOM 908  H HA   . LEU A 1 58  ? -5.060  4.155   -5.876  1.00 0.00 ? 58  LEU A HA   1 
ATOM 909  H HB2  . LEU A 1 58  ? -6.445  6.773   -6.379  1.00 0.00 ? 58  LEU A HB2  1 
ATOM 910  H HB3  . LEU A 1 58  ? -4.720  6.437   -6.223  1.00 0.00 ? 58  LEU A HB3  1 
ATOM 911  H HG   . LEU A 1 58  ? -6.507  5.701   -8.558  1.00 0.00 ? 58  LEU A HG   1 
ATOM 912  H HD11 . LEU A 1 58  ? -5.392  8.089   -8.103  1.00 0.00 ? 58  LEU A HD11 1 
ATOM 913  H HD12 . LEU A 1 58  ? -3.980  7.278   -8.780  1.00 0.00 ? 58  LEU A HD12 1 
ATOM 914  H HD13 . LEU A 1 58  ? -5.464  7.399   -9.723  1.00 0.00 ? 58  LEU A HD13 1 
ATOM 915  H HD21 . LEU A 1 58  ? -4.384  4.214   -7.628  1.00 0.00 ? 58  LEU A HD21 1 
ATOM 916  H HD22 . LEU A 1 58  ? -4.919  4.254   -9.308  1.00 0.00 ? 58  LEU A HD22 1 
ATOM 917  H HD23 . LEU A 1 58  ? -3.595  5.293   -8.778  1.00 0.00 ? 58  LEU A HD23 1 
ATOM 918  N N    . VAL A 1 59  ? -5.937  5.366   -3.684  1.00 0.00 ? 59  VAL A N    1 
ATOM 919  C CA   . VAL A 1 59  ? -6.539  5.584   -2.338  1.00 0.00 ? 59  VAL A CA   1 
ATOM 920  C C    . VAL A 1 59  ? -5.840  6.761   -1.658  1.00 0.00 ? 59  VAL A C    1 
ATOM 921  O O    . VAL A 1 59  ? -4.628  6.841   -1.627  1.00 0.00 ? 59  VAL A O    1 
ATOM 922  C CB   . VAL A 1 59  ? -6.359  4.324   -1.489  1.00 0.00 ? 59  VAL A CB   1 
ATOM 923  C CG1  . VAL A 1 59  ? -7.051  4.516   -0.138  1.00 0.00 ? 59  VAL A CG1  1 
ATOM 924  C CG2  . VAL A 1 59  ? -6.981  3.129   -2.213  1.00 0.00 ? 59  VAL A CG2  1 
ATOM 925  H H    . VAL A 1 59  ? -4.990  5.571   -3.834  1.00 0.00 ? 59  VAL A H    1 
ATOM 926  H HA   . VAL A 1 59  ? -7.592  5.801   -2.445  1.00 0.00 ? 59  VAL A HA   1 
ATOM 927  H HB   . VAL A 1 59  ? -5.306  4.144   -1.331  1.00 0.00 ? 59  VAL A HB   1 
ATOM 928  H HG11 . VAL A 1 59  ? -6.781  5.478   0.272   1.00 0.00 ? 59  VAL A HG11 1 
ATOM 929  H HG12 . VAL A 1 59  ? -8.122  4.469   -0.271  1.00 0.00 ? 59  VAL A HG12 1 
ATOM 930  H HG13 . VAL A 1 59  ? -6.738  3.735   0.541   1.00 0.00 ? 59  VAL A HG13 1 
ATOM 931  H HG21 . VAL A 1 59  ? -8.018  3.340   -2.431  1.00 0.00 ? 59  VAL A HG21 1 
ATOM 932  H HG22 . VAL A 1 59  ? -6.449  2.950   -3.135  1.00 0.00 ? 59  VAL A HG22 1 
ATOM 933  H HG23 . VAL A 1 59  ? -6.917  2.253   -1.585  1.00 0.00 ? 59  VAL A HG23 1 
ATOM 934  N N    . PHE A 1 60  ? -6.593  7.679   -1.115  1.00 0.00 ? 60  PHE A N    1 
ATOM 935  C CA   . PHE A 1 60  ? -5.966  8.849   -0.441  1.00 0.00 ? 60  PHE A CA   1 
ATOM 936  C C    . PHE A 1 60  ? -6.192  8.754   1.070   1.00 0.00 ? 60  PHE A C    1 
ATOM 937  O O    . PHE A 1 60  ? -6.585  7.726   1.584   1.00 0.00 ? 60  PHE A O    1 
ATOM 938  C CB   . PHE A 1 60  ? -6.597  10.139  -0.972  1.00 0.00 ? 60  PHE A CB   1 
ATOM 939  C CG   . PHE A 1 60  ? -6.740  10.047  -2.473  1.00 0.00 ? 60  PHE A CG   1 
ATOM 940  C CD1  . PHE A 1 60  ? -5.759  9.395   -3.230  1.00 0.00 ? 60  PHE A CD1  1 
ATOM 941  C CD2  . PHE A 1 60  ? -7.853  10.612  -3.106  1.00 0.00 ? 60  PHE A CD2  1 
ATOM 942  C CE1  . PHE A 1 60  ? -5.891  9.309   -4.621  1.00 0.00 ? 60  PHE A CE1  1 
ATOM 943  C CE2  . PHE A 1 60  ? -7.984  10.526  -4.498  1.00 0.00 ? 60  PHE A CE2  1 
ATOM 944  C CZ   . PHE A 1 60  ? -7.004  9.875   -5.255  1.00 0.00 ? 60  PHE A CZ   1 
ATOM 945  H H    . PHE A 1 60  ? -7.568  7.597   -1.152  1.00 0.00 ? 60  PHE A H    1 
ATOM 946  H HA   . PHE A 1 60  ? -4.906  8.858   -0.645  1.00 0.00 ? 60  PHE A HA   1 
ATOM 947  H HB2  . PHE A 1 60  ? -7.571  10.274  -0.525  1.00 0.00 ? 60  PHE A HB2  1 
ATOM 948  H HB3  . PHE A 1 60  ? -5.966  10.978  -0.722  1.00 0.00 ? 60  PHE A HB3  1 
ATOM 949  H HD1  . PHE A 1 60  ? -4.900  8.959   -2.741  1.00 0.00 ? 60  PHE A HD1  1 
ATOM 950  H HD2  . PHE A 1 60  ? -8.609  11.115  -2.522  1.00 0.00 ? 60  PHE A HD2  1 
ATOM 951  H HE1  . PHE A 1 60  ? -5.133  8.807   -5.205  1.00 0.00 ? 60  PHE A HE1  1 
ATOM 952  H HE2  . PHE A 1 60  ? -8.843  10.962  -4.987  1.00 0.00 ? 60  PHE A HE2  1 
ATOM 953  H HZ   . PHE A 1 60  ? -7.105  9.808   -6.328  1.00 0.00 ? 60  PHE A HZ   1 
ATOM 954  N N    . HIS A 1 61  ? -5.947  9.819   1.783   1.00 0.00 ? 61  HIS A N    1 
ATOM 955  C CA   . HIS A 1 61  ? -6.147  9.791   3.259   1.00 0.00 ? 61  HIS A CA   1 
ATOM 956  C C    . HIS A 1 61  ? -5.193  8.771   3.883   1.00 0.00 ? 61  HIS A C    1 
ATOM 957  O O    . HIS A 1 61  ? -5.401  8.307   4.986   1.00 0.00 ? 61  HIS A O    1 
ATOM 958  C CB   . HIS A 1 61  ? -7.591  9.395   3.570   1.00 0.00 ? 61  HIS A CB   1 
ATOM 959  C CG   . HIS A 1 61  ? -8.528  10.405  2.969   1.00 0.00 ? 61  HIS A CG   1 
ATOM 960  N ND1  . HIS A 1 61  ? -9.757  10.703  3.536   1.00 0.00 ? 61  HIS A ND1  1 
ATOM 961  C CD2  . HIS A 1 61  ? -8.431  11.193  1.848   1.00 0.00 ? 61  HIS A CD2  1 
ATOM 962  C CE1  . HIS A 1 61  ? -10.345 11.635  2.763   1.00 0.00 ? 61  HIS A CE1  1 
ATOM 963  N NE2  . HIS A 1 61  ? -9.579  11.970  1.721   1.00 0.00 ? 61  HIS A NE2  1 
ATOM 964  H H    . HIS A 1 61  ? -5.631  10.638  1.347   1.00 0.00 ? 61  HIS A H    1 
ATOM 965  H HA   . HIS A 1 61  ? -5.946  10.769  3.668   1.00 0.00 ? 61  HIS A HA   1 
ATOM 966  H HB2  . HIS A 1 61  ? -7.796  8.419   3.153   1.00 0.00 ? 61  HIS A HB2  1 
ATOM 967  H HB3  . HIS A 1 61  ? -7.733  9.365   4.640   1.00 0.00 ? 61  HIS A HB3  1 
ATOM 968  H HD1  . HIS A 1 61  ? -10.130 10.307  4.351   1.00 0.00 ? 61  HIS A HD1  1 
ATOM 969  H HD2  . HIS A 1 61  ? -7.591  11.210  1.171   1.00 0.00 ? 61  HIS A HD2  1 
ATOM 970  H HE1  . HIS A 1 61  ? -11.317 12.060  2.963   1.00 0.00 ? 61  HIS A HE1  1 
ATOM 971  N N    . LEU A 1 62  ? -4.146  8.420   3.188   1.00 0.00 ? 62  LEU A N    1 
ATOM 972  C CA   . LEU A 1 62  ? -3.179  7.431   3.743   1.00 0.00 ? 62  LEU A CA   1 
ATOM 973  C C    . LEU A 1 62  ? -2.019  8.177   4.412   1.00 0.00 ? 62  LEU A C    1 
ATOM 974  O O    . LEU A 1 62  ? -1.538  9.165   3.893   1.00 0.00 ? 62  LEU A O    1 
ATOM 975  C CB   . LEU A 1 62  ? -2.641  6.555   2.610   1.00 0.00 ? 62  LEU A CB   1 
ATOM 976  C CG   . LEU A 1 62  ? -3.097  5.107   2.814   1.00 0.00 ? 62  LEU A CG   1 
ATOM 977  C CD1  . LEU A 1 62  ? -4.574  5.081   3.214   1.00 0.00 ? 62  LEU A CD1  1 
ATOM 978  C CD2  . LEU A 1 62  ? -2.914  4.329   1.509   1.00 0.00 ? 62  LEU A CD2  1 
ATOM 979  H H    . LEU A 1 62  ? -3.995  8.807   2.300   1.00 0.00 ? 62  LEU A H    1 
ATOM 980  H HA   . LEU A 1 62  ? -3.679  6.813   4.473   1.00 0.00 ? 62  LEU A HA   1 
ATOM 981  H HB2  . LEU A 1 62  ? -3.014  6.920   1.665   1.00 0.00 ? 62  LEU A HB2  1 
ATOM 982  H HB3  . LEU A 1 62  ? -1.561  6.592   2.608   1.00 0.00 ? 62  LEU A HB3  1 
ATOM 983  H HG   . LEU A 1 62  ? -2.504  4.649   3.593   1.00 0.00 ? 62  LEU A HG   1 
ATOM 984  H HD11 . LEU A 1 62  ? -5.016  6.047   3.022   1.00 0.00 ? 62  LEU A HD11 1 
ATOM 985  H HD12 . LEU A 1 62  ? -5.090  4.328   2.638   1.00 0.00 ? 62  LEU A HD12 1 
ATOM 986  H HD13 . LEU A 1 62  ? -4.657  4.850   4.266   1.00 0.00 ? 62  LEU A HD13 1 
ATOM 987  H HD21 . LEU A 1 62  ? -2.006  4.651   1.020   1.00 0.00 ? 62  LEU A HD21 1 
ATOM 988  H HD22 . LEU A 1 62  ? -2.851  3.273   1.725   1.00 0.00 ? 62  LEU A HD22 1 
ATOM 989  H HD23 . LEU A 1 62  ? -3.758  4.514   0.858   1.00 0.00 ? 62  LEU A HD23 1 
ATOM 990  N N    . PRO A 1 63  ? -1.608  7.678   5.548   1.00 0.00 ? 63  PRO A N    1 
ATOM 991  C CA   . PRO A 1 63  ? -0.505  8.269   6.325   1.00 0.00 ? 63  PRO A CA   1 
ATOM 992  C C    . PRO A 1 63  ? 0.847   7.887   5.716   1.00 0.00 ? 63  PRO A C    1 
ATOM 993  O O    . PRO A 1 63  ? 0.960   6.922   4.987   1.00 0.00 ? 63  PRO A O    1 
ATOM 994  C CB   . PRO A 1 63  ? -0.673  7.647   7.715   1.00 0.00 ? 63  PRO A CB   1 
ATOM 995  C CG   . PRO A 1 63  ? -1.476  6.341   7.513   1.00 0.00 ? 63  PRO A CG   1 
ATOM 996  C CD   . PRO A 1 63  ? -2.204  6.475   6.162   1.00 0.00 ? 63  PRO A CD   1 
ATOM 997  H HA   . PRO A 1 63  ? -0.610  9.340   6.385   1.00 0.00 ? 63  PRO A HA   1 
ATOM 998  H HB2  . PRO A 1 63  ? 0.297   7.430   8.141   1.00 0.00 ? 63  PRO A HB2  1 
ATOM 999  H HB3  . PRO A 1 63  ? -1.221  8.317   8.358   1.00 0.00 ? 63  PRO A HB3  1 
ATOM 1000 H HG2  . PRO A 1 63  ? -0.804  5.493   7.493   1.00 0.00 ? 63  PRO A HG2  1 
ATOM 1001 H HG3  . PRO A 1 63  ? -2.199  6.223   8.306   1.00 0.00 ? 63  PRO A HG3  1 
ATOM 1002 H HD2  . PRO A 1 63  ? -2.023  5.603   5.548   1.00 0.00 ? 63  PRO A HD2  1 
ATOM 1003 H HD3  . PRO A 1 63  ? -3.262  6.620   6.314   1.00 0.00 ? 63  PRO A HD3  1 
ATOM 1004 N N    . SER A 1 64  ? 1.875   8.638   6.011   1.00 0.00 ? 64  SER A N    1 
ATOM 1005 C CA   . SER A 1 64  ? 3.217   8.317   5.449   1.00 0.00 ? 64  SER A CA   1 
ATOM 1006 C C    . SER A 1 64  ? 3.637   6.918   5.905   1.00 0.00 ? 64  SER A C    1 
ATOM 1007 O O    . SER A 1 64  ? 4.446   6.265   5.274   1.00 0.00 ? 64  SER A O    1 
ATOM 1008 C CB   . SER A 1 64  ? 4.236   9.343   5.947   1.00 0.00 ? 64  SER A CB   1 
ATOM 1009 O OG   . SER A 1 64  ? 4.796   8.891   7.173   1.00 0.00 ? 64  SER A OG   1 
ATOM 1010 H H    . SER A 1 64  ? 1.762   9.412   6.601   1.00 0.00 ? 64  SER A H    1 
ATOM 1011 H HA   . SER A 1 64  ? 3.173   8.347   4.371   1.00 0.00 ? 64  SER A HA   1 
ATOM 1012 H HB2  . SER A 1 64  ? 5.022   9.456   5.219   1.00 0.00 ? 64  SER A HB2  1 
ATOM 1013 H HB3  . SER A 1 64  ? 3.744   10.295  6.094   1.00 0.00 ? 64  SER A HB3  1 
ATOM 1014 H HG   . SER A 1 64  ? 5.004   9.662   7.707   1.00 0.00 ? 64  SER A HG   1 
ATOM 1015 N N    . SER A 1 65  ? 3.094   6.451   6.995   1.00 0.00 ? 65  SER A N    1 
ATOM 1016 C CA   . SER A 1 65  ? 3.461   5.095   7.490   1.00 0.00 ? 65  SER A CA   1 
ATOM 1017 C C    . SER A 1 65  ? 2.212   4.398   8.033   1.00 0.00 ? 65  SER A C    1 
ATOM 1018 O O    . SER A 1 65  ? 1.554   4.888   8.929   1.00 0.00 ? 65  SER A O    1 
ATOM 1019 C CB   . SER A 1 65  ? 4.498   5.222   8.606   1.00 0.00 ? 65  SER A CB   1 
ATOM 1020 O OG   . SER A 1 65  ? 3.838   5.222   9.865   1.00 0.00 ? 65  SER A OG   1 
ATOM 1021 H H    . SER A 1 65  ? 2.444   6.994   7.488   1.00 0.00 ? 65  SER A H    1 
ATOM 1022 H HA   . SER A 1 65  ? 3.873   4.515   6.678   1.00 0.00 ? 65  SER A HA   1 
ATOM 1023 H HB2  . SER A 1 65  ? 5.179   4.388   8.563   1.00 0.00 ? 65  SER A HB2  1 
ATOM 1024 H HB3  . SER A 1 65  ? 5.052   6.143   8.478   1.00 0.00 ? 65  SER A HB3  1 
ATOM 1025 H HG   . SER A 1 65  ? 3.744   6.134   10.151  1.00 0.00 ? 65  SER A HG   1 
ATOM 1026 N N    . LYS A 1 66  ? 1.877   3.256   7.495   1.00 0.00 ? 66  LYS A N    1 
ATOM 1027 C CA   . LYS A 1 66  ? 0.669   2.530   7.980   1.00 0.00 ? 66  LYS A CA   1 
ATOM 1028 C C    . LYS A 1 66  ? 1.098   1.323   8.815   1.00 0.00 ? 66  LYS A C    1 
ATOM 1029 O O    . LYS A 1 66  ? 2.095   0.686   8.537   1.00 0.00 ? 66  LYS A O    1 
ATOM 1030 C CB   . LYS A 1 66  ? -0.154  2.054   6.782   1.00 0.00 ? 66  LYS A CB   1 
ATOM 1031 C CG   . LYS A 1 66  ? -1.377  1.282   7.278   1.00 0.00 ? 66  LYS A CG   1 
ATOM 1032 C CD   . LYS A 1 66  ? -2.633  2.135   7.089   1.00 0.00 ? 66  LYS A CD   1 
ATOM 1033 C CE   . LYS A 1 66  ? -3.406  2.202   8.398   1.00 0.00 ? 66  LYS A CE   1 
ATOM 1034 N NZ   . LYS A 1 66  ? -4.559  3.134   8.248   1.00 0.00 ? 66  LYS A NZ   1 
ATOM 1035 H H    . LYS A 1 66  ? 2.419   2.878   6.772   1.00 0.00 ? 66  LYS A H    1 
ATOM 1036 H HA   . LYS A 1 66  ? 0.070   3.193   8.586   1.00 0.00 ? 66  LYS A HA   1 
ATOM 1037 H HB2  . LYS A 1 66  ? -0.477  2.909   6.204   1.00 0.00 ? 66  LYS A HB2  1 
ATOM 1038 H HB3  . LYS A 1 66  ? 0.451   1.408   6.163   1.00 0.00 ? 66  LYS A HB3  1 
ATOM 1039 H HG2  . LYS A 1 66  ? -1.476  0.364   6.715   1.00 0.00 ? 66  LYS A HG2  1 
ATOM 1040 H HG3  . LYS A 1 66  ? -1.257  1.051   8.326   1.00 0.00 ? 66  LYS A HG3  1 
ATOM 1041 H HD2  . LYS A 1 66  ? -2.349  3.132   6.793   1.00 0.00 ? 66  LYS A HD2  1 
ATOM 1042 H HD3  . LYS A 1 66  ? -3.259  1.694   6.331   1.00 0.00 ? 66  LYS A HD3  1 
ATOM 1043 H HE2  . LYS A 1 66  ? -3.766  1.218   8.647   1.00 0.00 ? 66  LYS A HE2  1 
ATOM 1044 H HE3  . LYS A 1 66  ? -2.753  2.558   9.175   1.00 0.00 ? 66  LYS A HE3  1 
ATOM 1045 H HZ1  . LYS A 1 66  ? -4.508  3.604   7.323   1.00 0.00 ? 66  LYS A HZ1  1 
ATOM 1046 H HZ2  . LYS A 1 66  ? -5.449  2.597   8.316   1.00 0.00 ? 66  LYS A HZ2  1 
ATOM 1047 H HZ3  . LYS A 1 66  ? -4.526  3.850   9.001   1.00 0.00 ? 66  LYS A HZ3  1 
ATOM 1048 N N    . ASP A 1 67  ? 0.352   1.005   9.838   1.00 0.00 ? 67  ASP A N    1 
ATOM 1049 C CA   . ASP A 1 67  ? 0.714   -0.161  10.692  1.00 0.00 ? 67  ASP A CA   1 
ATOM 1050 C C    . ASP A 1 67  ? 0.166   -1.444  10.064  1.00 0.00 ? 67  ASP A C    1 
ATOM 1051 O O    . ASP A 1 67  ? 0.876   -2.417  9.897   1.00 0.00 ? 67  ASP A O    1 
ATOM 1052 C CB   . ASP A 1 67  ? 0.111   0.021   12.086  1.00 0.00 ? 67  ASP A CB   1 
ATOM 1053 C CG   . ASP A 1 67  ? 1.153   -0.336  13.146  1.00 0.00 ? 67  ASP A CG   1 
ATOM 1054 O OD1  . ASP A 1 67  ? 2.331   -0.287  12.831  1.00 0.00 ? 67  ASP A OD1  1 
ATOM 1055 O OD2  . ASP A 1 67  ? 0.757   -0.653  14.256  1.00 0.00 ? 67  ASP A OD2  1 
ATOM 1056 H H    . ASP A 1 67  ? -0.448  1.532   10.043  1.00 0.00 ? 67  ASP A H    1 
ATOM 1057 H HA   . ASP A 1 67  ? 1.789   -0.229  10.772  1.00 0.00 ? 67  ASP A HA   1 
ATOM 1058 H HB2  . ASP A 1 67  ? -0.197  1.049   12.213  1.00 0.00 ? 67  ASP A HB2  1 
ATOM 1059 H HB3  . ASP A 1 67  ? -0.746  -0.627  12.195  1.00 0.00 ? 67  ASP A HB3  1 
ATOM 1060 N N    . GLN A 1 68  ? -1.091  -1.456  9.716   1.00 0.00 ? 68  GLN A N    1 
ATOM 1061 C CA   . GLN A 1 68  ? -1.680  -2.679  9.100   1.00 0.00 ? 68  GLN A CA   1 
ATOM 1062 C C    . GLN A 1 68  ? -2.797  -2.281  8.132   1.00 0.00 ? 68  GLN A C    1 
ATOM 1063 O O    . GLN A 1 68  ? -3.966  -2.442  8.420   1.00 0.00 ? 68  GLN A O    1 
ATOM 1064 C CB   . GLN A 1 68  ? -2.255  -3.577  10.197  1.00 0.00 ? 68  GLN A CB   1 
ATOM 1065 C CG   . GLN A 1 68  ? -1.356  -4.802  10.377  1.00 0.00 ? 68  GLN A CG   1 
ATOM 1066 C CD   . GLN A 1 68  ? -1.540  -5.367  11.787  1.00 0.00 ? 68  GLN A CD   1 
ATOM 1067 O OE1  . GLN A 1 68  ? -2.209  -4.773  12.610  1.00 0.00 ? 68  GLN A OE1  1 
ATOM 1068 N NE2  . GLN A 1 68  ? -0.971  -6.497  12.103  1.00 0.00 ? 68  GLN A NE2  1 
ATOM 1069 H H    . GLN A 1 68  ? -1.647  -0.663  9.858   1.00 0.00 ? 68  GLN A H    1 
ATOM 1070 H HA   . GLN A 1 68  ? -0.913  -3.215  8.562   1.00 0.00 ? 68  GLN A HA   1 
ATOM 1071 H HB2  . GLN A 1 68  ? -2.304  -3.026  11.125  1.00 0.00 ? 68  GLN A HB2  1 
ATOM 1072 H HB3  . GLN A 1 68  ? -3.246  -3.900  9.916   1.00 0.00 ? 68  GLN A HB3  1 
ATOM 1073 H HG2  . GLN A 1 68  ? -1.623  -5.554  9.649   1.00 0.00 ? 68  GLN A HG2  1 
ATOM 1074 H HG3  . GLN A 1 68  ? -0.325  -4.516  10.239  1.00 0.00 ? 68  GLN A HG3  1 
ATOM 1075 H HE21 . GLN A 1 68  ? -0.431  -6.976  11.440  1.00 0.00 ? 68  GLN A HE21 1 
ATOM 1076 H HE22 . GLN A 1 68  ? -1.082  -6.867  13.004  1.00 0.00 ? 68  GLN A HE22 1 
ATOM 1077 N N    . PHE A 1 69  ? -2.446  -1.772  6.983   1.00 0.00 ? 69  PHE A N    1 
ATOM 1078 C CA   . PHE A 1 69  ? -3.488  -1.374  5.997   1.00 0.00 ? 69  PHE A CA   1 
ATOM 1079 C C    . PHE A 1 69  ? -4.527  -2.491  5.898   1.00 0.00 ? 69  PHE A C    1 
ATOM 1080 O O    . PHE A 1 69  ? -4.209  -3.657  6.023   1.00 0.00 ? 69  PHE A O    1 
ATOM 1081 C CB   . PHE A 1 69  ? -2.838  -1.161  4.629   1.00 0.00 ? 69  PHE A CB   1 
ATOM 1082 C CG   . PHE A 1 69  ? -3.856  -0.611  3.659   1.00 0.00 ? 69  PHE A CG   1 
ATOM 1083 C CD1  . PHE A 1 69  ? -4.939  -1.400  3.254   1.00 0.00 ? 69  PHE A CD1  1 
ATOM 1084 C CD2  . PHE A 1 69  ? -3.714  0.690   3.163   1.00 0.00 ? 69  PHE A CD2  1 
ATOM 1085 C CE1  . PHE A 1 69  ? -5.881  -0.886  2.353   1.00 0.00 ? 69  PHE A CE1  1 
ATOM 1086 C CE2  . PHE A 1 69  ? -4.654  1.202   2.261   1.00 0.00 ? 69  PHE A CE2  1 
ATOM 1087 C CZ   . PHE A 1 69  ? -5.738  0.415   1.857   1.00 0.00 ? 69  PHE A CZ   1 
ATOM 1088 H H    . PHE A 1 69  ? -1.498  -1.657  6.767   1.00 0.00 ? 69  PHE A H    1 
ATOM 1089 H HA   . PHE A 1 69  ? -3.966  -0.462  6.320   1.00 0.00 ? 69  PHE A HA   1 
ATOM 1090 H HB2  . PHE A 1 69  ? -2.019  -0.464  4.726   1.00 0.00 ? 69  PHE A HB2  1 
ATOM 1091 H HB3  . PHE A 1 69  ? -2.465  -2.104  4.260   1.00 0.00 ? 69  PHE A HB3  1 
ATOM 1092 H HD1  . PHE A 1 69  ? -5.049  -2.404  3.635   1.00 0.00 ? 69  PHE A HD1  1 
ATOM 1093 H HD2  . PHE A 1 69  ? -2.879  1.296   3.476   1.00 0.00 ? 69  PHE A HD2  1 
ATOM 1094 H HE1  . PHE A 1 69  ? -6.717  -1.495  2.041   1.00 0.00 ? 69  PHE A HE1  1 
ATOM 1095 H HE2  . PHE A 1 69  ? -4.543  2.206   1.878   1.00 0.00 ? 69  PHE A HE2  1 
ATOM 1096 H HZ   . PHE A 1 69  ? -6.463  0.812   1.163   1.00 0.00 ? 69  PHE A HZ   1 
ATOM 1097 N N    . GLU A 1 70  ? -5.764  -2.151  5.675   1.00 0.00 ? 70  GLU A N    1 
ATOM 1098 C CA   . GLU A 1 70  ? -6.808  -3.206  5.573   1.00 0.00 ? 70  GLU A CA   1 
ATOM 1099 C C    . GLU A 1 70  ? -7.695  -2.942  4.355   1.00 0.00 ? 70  GLU A C    1 
ATOM 1100 O O    . GLU A 1 70  ? -8.474  -2.010  4.331   1.00 0.00 ? 70  GLU A O    1 
ATOM 1101 C CB   . GLU A 1 70  ? -7.667  -3.200  6.839   1.00 0.00 ? 70  GLU A CB   1 
ATOM 1102 C CG   . GLU A 1 70  ? -7.552  -4.555  7.541   1.00 0.00 ? 70  GLU A CG   1 
ATOM 1103 C CD   . GLU A 1 70  ? -8.907  -4.931  8.147   1.00 0.00 ? 70  GLU A CD   1 
ATOM 1104 O OE1  . GLU A 1 70  ? -9.869  -4.999  7.400   1.00 0.00 ? 70  GLU A OE1  1 
ATOM 1105 O OE2  . GLU A 1 70  ? -8.958  -5.143  9.348   1.00 0.00 ? 70  GLU A OE2  1 
ATOM 1106 H H    . GLU A 1 70  ? -6.007  -1.206  5.577   1.00 0.00 ? 70  GLU A H    1 
ATOM 1107 H HA   . GLU A 1 70  ? -6.330  -4.169  5.467   1.00 0.00 ? 70  GLU A HA   1 
ATOM 1108 H HB2  . GLU A 1 70  ? -7.323  -2.419  7.503   1.00 0.00 ? 70  GLU A HB2  1 
ATOM 1109 H HB3  . GLU A 1 70  ? -8.697  -3.019  6.575   1.00 0.00 ? 70  GLU A HB3  1 
ATOM 1110 H HG2  . GLU A 1 70  ? -7.256  -5.307  6.824   1.00 0.00 ? 70  GLU A HG2  1 
ATOM 1111 H HG3  . GLU A 1 70  ? -6.814  -4.493  8.326   1.00 0.00 ? 70  GLU A HG3  1 
ATOM 1112 N N    . LEU A 1 71  ? -7.585  -3.760  3.347   1.00 0.00 ? 71  LEU A N    1 
ATOM 1113 C CA   . LEU A 1 71  ? -8.423  -3.567  2.130   1.00 0.00 ? 71  LEU A CA   1 
ATOM 1114 C C    . LEU A 1 71  ? -9.460  -4.689  2.057   1.00 0.00 ? 71  LEU A C    1 
ATOM 1115 O O    . LEU A 1 71  ? -9.397  -5.649  2.797   1.00 0.00 ? 71  LEU A O    1 
ATOM 1116 C CB   . LEU A 1 71  ? -7.530  -3.609  0.886   1.00 0.00 ? 71  LEU A CB   1 
ATOM 1117 C CG   . LEU A 1 71  ? -8.249  -2.944  -0.292  1.00 0.00 ? 71  LEU A CG   1 
ATOM 1118 C CD1  . LEU A 1 71  ? -8.776  -1.573  0.133   1.00 0.00 ? 71  LEU A CD1  1 
ATOM 1119 C CD2  . LEU A 1 71  ? -7.267  -2.772  -1.453  1.00 0.00 ? 71  LEU A CD2  1 
ATOM 1120 H H    . LEU A 1 71  ? -6.952  -4.507  3.390   1.00 0.00 ? 71  LEU A H    1 
ATOM 1121 H HA   . LEU A 1 71  ? -8.925  -2.613  2.184   1.00 0.00 ? 71  LEU A HA   1 
ATOM 1122 H HB2  . LEU A 1 71  ? -6.608  -3.085  1.087   1.00 0.00 ? 71  LEU A HB2  1 
ATOM 1123 H HB3  . LEU A 1 71  ? -7.312  -4.637  0.636   1.00 0.00 ? 71  LEU A HB3  1 
ATOM 1124 H HG   . LEU A 1 71  ? -9.075  -3.566  -0.606  1.00 0.00 ? 71  LEU A HG   1 
ATOM 1125 H HD11 . LEU A 1 71  ? -8.262  -1.250  1.028   1.00 0.00 ? 71  LEU A HD11 1 
ATOM 1126 H HD12 . LEU A 1 71  ? -8.603  -0.859  -0.658  1.00 0.00 ? 71  LEU A HD12 1 
ATOM 1127 H HD13 . LEU A 1 71  ? -9.836  -1.639  0.331   1.00 0.00 ? 71  LEU A HD13 1 
ATOM 1128 H HD21 . LEU A 1 71  ? -6.705  -3.685  -1.589  1.00 0.00 ? 71  LEU A HD21 1 
ATOM 1129 H HD22 . LEU A 1 71  ? -7.814  -2.549  -2.357  1.00 0.00 ? 71  LEU A HD22 1 
ATOM 1130 H HD23 . LEU A 1 71  ? -6.588  -1.961  -1.234  1.00 0.00 ? 71  LEU A HD23 1 
ATOM 1131 N N    . CYS A 1 72  ? -10.412 -4.581  1.174   1.00 0.00 ? 72  CYS A N    1 
ATOM 1132 C CA   . CYS A 1 72  ? -11.445 -5.649  1.064   1.00 0.00 ? 72  CYS A CA   1 
ATOM 1133 C C    . CYS A 1 72  ? -12.292 -5.411  -0.185  1.00 0.00 ? 72  CYS A C    1 
ATOM 1134 O O    . CYS A 1 72  ? -12.806 -4.332  -0.404  1.00 0.00 ? 72  CYS A O    1 
ATOM 1135 C CB   . CYS A 1 72  ? -12.339 -5.630  2.305   1.00 0.00 ? 72  CYS A CB   1 
ATOM 1136 S SG   . CYS A 1 72  ? -12.364 -7.277  3.058   1.00 0.00 ? 72  CYS A SG   1 
ATOM 1137 H H    . CYS A 1 72  ? -10.449 -3.799  0.586   1.00 0.00 ? 72  CYS A H    1 
ATOM 1138 H HA   . CYS A 1 72  ? -10.958 -6.611  0.988   1.00 0.00 ? 72  CYS A HA   1 
ATOM 1139 H HB2  . CYS A 1 72  ? -11.952 -4.915  3.016   1.00 0.00 ? 72  CYS A HB2  1 
ATOM 1140 H HB3  . CYS A 1 72  ? -13.342 -5.348  2.021   1.00 0.00 ? 72  CYS A HB3  1 
ATOM 1141 N N    . GLY A 1 73  ? -12.442 -6.411  -1.009  1.00 0.00 ? 73  GLY A N    1 
ATOM 1142 C CA   . GLY A 1 73  ? -13.255 -6.243  -2.246  1.00 0.00 ? 73  GLY A CA   1 
ATOM 1143 C C    . GLY A 1 73  ? -12.336 -6.289  -3.467  1.00 0.00 ? 73  GLY A C    1 
ATOM 1144 O O    . GLY A 1 73  ? -12.618 -5.700  -4.492  1.00 0.00 ? 73  GLY A O    1 
ATOM 1145 H H    . GLY A 1 73  ? -12.018 -7.273  -0.814  1.00 0.00 ? 73  GLY A H    1 
ATOM 1146 H HA2  . GLY A 1 73  ? -13.981 -7.041  -2.309  1.00 0.00 ? 73  GLY A HA2  1 
ATOM 1147 H HA3  . GLY A 1 73  ? -13.763 -5.292  -2.218  1.00 0.00 ? 73  GLY A HA3  1 
ATOM 1148 N N    . LEU A 1 74  ? -11.235 -6.985  -3.367  1.00 0.00 ? 74  LEU A N    1 
ATOM 1149 C CA   . LEU A 1 74  ? -10.299 -7.068  -4.522  1.00 0.00 ? 74  LEU A CA   1 
ATOM 1150 C C    . LEU A 1 74  ? -10.617 -8.318  -5.344  1.00 0.00 ? 74  LEU A C    1 
ATOM 1151 O O    . LEU A 1 74  ? -9.769  -8.855  -6.031  1.00 0.00 ? 74  LEU A O    1 
ATOM 1152 C CB   . LEU A 1 74  ? -8.859  -7.148  -4.009  1.00 0.00 ? 74  LEU A CB   1 
ATOM 1153 C CG   . LEU A 1 74  ? -8.711  -6.268  -2.767  1.00 0.00 ? 74  LEU A CG   1 
ATOM 1154 C CD1  . LEU A 1 74  ? -7.371  -6.560  -2.089  1.00 0.00 ? 74  LEU A CD1  1 
ATOM 1155 C CD2  . LEU A 1 74  ? -8.764  -4.795  -3.179  1.00 0.00 ? 74  LEU A CD2  1 
ATOM 1156 H H    . LEU A 1 74  ? -11.027 -7.453  -2.532  1.00 0.00 ? 74  LEU A H    1 
ATOM 1157 H HA   . LEU A 1 74  ? -10.413 -6.192  -5.142  1.00 0.00 ? 74  LEU A HA   1 
ATOM 1158 H HB2  . LEU A 1 74  ? -8.623  -8.172  -3.756  1.00 0.00 ? 74  LEU A HB2  1 
ATOM 1159 H HB3  . LEU A 1 74  ? -8.183  -6.800  -4.776  1.00 0.00 ? 74  LEU A HB3  1 
ATOM 1160 H HG   . LEU A 1 74  ? -9.516  -6.480  -2.077  1.00 0.00 ? 74  LEU A HG   1 
ATOM 1161 H HD11 . LEU A 1 74  ? -7.309  -7.613  -1.855  1.00 0.00 ? 74  LEU A HD11 1 
ATOM 1162 H HD12 . LEU A 1 74  ? -6.564  -6.292  -2.756  1.00 0.00 ? 74  LEU A HD12 1 
ATOM 1163 H HD13 . LEU A 1 74  ? -7.294  -5.984  -1.180  1.00 0.00 ? 74  LEU A HD13 1 
ATOM 1164 H HD21 . LEU A 1 74  ? -9.366  -4.692  -4.069  1.00 0.00 ? 74  LEU A HD21 1 
ATOM 1165 H HD22 . LEU A 1 74  ? -9.200  -4.213  -2.380  1.00 0.00 ? 74  LEU A HD22 1 
ATOM 1166 H HD23 . LEU A 1 74  ? -7.764  -4.441  -3.378  1.00 0.00 ? 74  LEU A HD23 1 
ATOM 1167 N N    . HIS A 1 75  ? -11.833 -8.783  -5.282  1.00 0.00 ? 75  HIS A N    1 
ATOM 1168 C CA   . HIS A 1 75  ? -12.208 -9.998  -6.060  1.00 0.00 ? 75  HIS A CA   1 
ATOM 1169 C C    . HIS A 1 75  ? -12.422 -9.617  -7.525  1.00 0.00 ? 75  HIS A C    1 
ATOM 1170 O O    . HIS A 1 75  ? -13.423 -9.029  -7.883  1.00 0.00 ? 75  HIS A O    1 
ATOM 1171 C CB   . HIS A 1 75  ? -13.500 -10.588 -5.492  1.00 0.00 ? 75  HIS A CB   1 
ATOM 1172 C CG   . HIS A 1 75  ? -14.604 -9.573  -5.599  1.00 0.00 ? 75  HIS A CG   1 
ATOM 1173 N ND1  . HIS A 1 75  ? -15.587 -9.650  -6.573  1.00 0.00 ? 75  HIS A ND1  1 
ATOM 1174 C CD2  . HIS A 1 75  ? -14.894 -8.452  -4.861  1.00 0.00 ? 75  HIS A CD2  1 
ATOM 1175 C CE1  . HIS A 1 75  ? -16.415 -8.602  -6.397  1.00 0.00 ? 75  HIS A CE1  1 
ATOM 1176 N NE2  . HIS A 1 75  ? -16.038 -7.841  -5.367  1.00 0.00 ? 75  HIS A NE2  1 
ATOM 1177 H H    . HIS A 1 75  ? -12.501 -8.334  -4.722  1.00 0.00 ? 75  HIS A H    1 
ATOM 1178 H HA   . HIS A 1 75  ? -11.416 -10.729 -5.989  1.00 0.00 ? 75  HIS A HA   1 
ATOM 1179 H HB2  . HIS A 1 75  ? -13.769 -11.472 -6.052  1.00 0.00 ? 75  HIS A HB2  1 
ATOM 1180 H HB3  . HIS A 1 75  ? -13.352 -10.850 -4.455  1.00 0.00 ? 75  HIS A HB3  1 
ATOM 1181 H HD1  . HIS A 1 75  ? -15.666 -10.341 -7.262  1.00 0.00 ? 75  HIS A HD1  1 
ATOM 1182 H HD2  . HIS A 1 75  ? -14.322 -8.098  -4.016  1.00 0.00 ? 75  HIS A HD2  1 
ATOM 1183 H HE1  . HIS A 1 75  ? -17.279 -8.403  -7.013  1.00 0.00 ? 75  HIS A HE1  1 
ATOM 1184 N N    . GLN A 1 76  ? -11.488 -9.945  -8.378  1.00 0.00 ? 76  GLN A N    1 
ATOM 1185 C CA   . GLN A 1 76  ? -11.644 -9.597  -9.818  1.00 0.00 ? 76  GLN A CA   1 
ATOM 1186 C C    . GLN A 1 76  ? -10.421 -10.082 -10.599 1.00 0.00 ? 76  GLN A C    1 
ATOM 1187 O O    . GLN A 1 76  ? -10.528 -10.522 -11.726 1.00 0.00 ? 76  GLN A O    1 
ATOM 1188 C CB   . GLN A 1 76  ? -11.772 -8.080  -9.966  1.00 0.00 ? 76  GLN A CB   1 
ATOM 1189 C CG   . GLN A 1 76  ? -13.183 -7.731  -10.443 1.00 0.00 ? 76  GLN A CG   1 
ATOM 1190 C CD   . GLN A 1 76  ? -13.375 -6.214  -10.409 1.00 0.00 ? 76  GLN A CD   1 
ATOM 1191 O OE1  . GLN A 1 76  ? -14.445 -5.732  -10.099 1.00 0.00 ? 76  GLN A OE1  1 
ATOM 1192 N NE2  . GLN A 1 76  ? -12.373 -5.435  -10.718 1.00 0.00 ? 76  GLN A NE2  1 
ATOM 1193 H H    . GLN A 1 76  ? -10.687 -10.418 -8.070  1.00 0.00 ? 76  GLN A H    1 
ATOM 1194 H HA   . GLN A 1 76  ? -12.532 -10.072 -10.209 1.00 0.00 ? 76  GLN A HA   1 
ATOM 1195 H HB2  . GLN A 1 76  ? -11.585 -7.608  -9.013  1.00 0.00 ? 76  GLN A HB2  1 
ATOM 1196 H HB3  . GLN A 1 76  ? -11.052 -7.726  -10.690 1.00 0.00 ? 76  GLN A HB3  1 
ATOM 1197 H HG2  . GLN A 1 76  ? -13.319 -8.090  -11.453 1.00 0.00 ? 76  GLN A HG2  1 
ATOM 1198 H HG3  . GLN A 1 76  ? -13.908 -8.198  -9.794  1.00 0.00 ? 76  GLN A HG3  1 
ATOM 1199 H HE21 . GLN A 1 76  ? -11.510 -5.824  -10.968 1.00 0.00 ? 76  GLN A HE21 1 
ATOM 1200 H HE22 . GLN A 1 76  ? -12.487 -4.462  -10.700 1.00 0.00 ? 76  GLN A HE22 1 
ATOM 1201 N N    . ALA A 1 77  ? -9.258  -9.999  -10.013 1.00 0.00 ? 77  ALA A N    1 
ATOM 1202 C CA   . ALA A 1 77  ? -8.032  -10.450 -10.728 1.00 0.00 ? 77  ALA A CA   1 
ATOM 1203 C C    . ALA A 1 77  ? -7.350  -11.564 -9.934  1.00 0.00 ? 77  ALA A C    1 
ATOM 1204 O O    . ALA A 1 77  ? -7.532  -11.677 -8.739  1.00 0.00 ? 77  ALA A O    1 
ATOM 1205 C CB   . ALA A 1 77  ? -7.067  -9.272  -10.874 1.00 0.00 ? 77  ALA A CB   1 
ATOM 1206 H H    . ALA A 1 77  ? -9.192  -9.637  -9.104  1.00 0.00 ? 77  ALA A H    1 
ATOM 1207 H HA   . ALA A 1 77  ? -8.301  -10.818 -11.708 1.00 0.00 ? 77  ALA A HA   1 
ATOM 1208 H HB1  . ALA A 1 77  ? -7.121  -8.651  -9.992  1.00 0.00 ? 77  ALA A HB1  1 
ATOM 1209 H HB2  . ALA A 1 77  ? -6.059  -9.645  -10.990 1.00 0.00 ? 77  ALA A HB2  1 
ATOM 1210 H HB3  . ALA A 1 77  ? -7.337  -8.689  -11.741 1.00 0.00 ? 77  ALA A HB3  1 
ATOM 1211 N N    . PRO A 1 78  ? -6.570  -12.347 -10.631 1.00 0.00 ? 78  PRO A N    1 
ATOM 1212 C CA   . PRO A 1 78  ? -5.821  -13.464 -10.032 1.00 0.00 ? 78  PRO A CA   1 
ATOM 1213 C C    . PRO A 1 78  ? -4.595  -12.927 -9.289  1.00 0.00 ? 78  PRO A C    1 
ATOM 1214 O O    . PRO A 1 78  ? -4.246  -13.393 -8.223  1.00 0.00 ? 78  PRO A O    1 
ATOM 1215 C CB   . PRO A 1 78  ? -5.411  -14.311 -11.240 1.00 0.00 ? 78  PRO A CB   1 
ATOM 1216 C CG   . PRO A 1 78  ? -5.447  -13.367 -12.465 1.00 0.00 ? 78  PRO A CG   1 
ATOM 1217 C CD   . PRO A 1 78  ? -6.364  -12.189 -12.084 1.00 0.00 ? 78  PRO A CD   1 
ATOM 1218 H HA   . PRO A 1 78  ? -6.451  -14.038 -9.371  1.00 0.00 ? 78  PRO A HA   1 
ATOM 1219 H HB2  . PRO A 1 78  ? -4.412  -14.701 -11.095 1.00 0.00 ? 78  PRO A HB2  1 
ATOM 1220 H HB3  . PRO A 1 78  ? -6.110  -15.119 -11.383 1.00 0.00 ? 78  PRO A HB3  1 
ATOM 1221 H HG2  . PRO A 1 78  ? -4.450  -13.009 -12.685 1.00 0.00 ? 78  PRO A HG2  1 
ATOM 1222 H HG3  . PRO A 1 78  ? -5.854  -13.884 -13.320 1.00 0.00 ? 78  PRO A HG3  1 
ATOM 1223 H HD2  . PRO A 1 78  ? -5.877  -11.248 -12.301 1.00 0.00 ? 78  PRO A HD2  1 
ATOM 1224 H HD3  . PRO A 1 78  ? -7.306  -12.259 -12.604 1.00 0.00 ? 78  PRO A HD3  1 
ATOM 1225 N N    . VAL A 1 79  ? -3.945  -11.939 -9.843  1.00 0.00 ? 79  VAL A N    1 
ATOM 1226 C CA   . VAL A 1 79  ? -2.751  -11.358 -9.171  1.00 0.00 ? 79  VAL A CA   1 
ATOM 1227 C C    . VAL A 1 79  ? -2.985  -9.860  -8.965  1.00 0.00 ? 79  VAL A C    1 
ATOM 1228 O O    . VAL A 1 79  ? -3.425  -9.165  -9.859  1.00 0.00 ? 79  VAL A O    1 
ATOM 1229 C CB   . VAL A 1 79  ? -1.512  -11.578 -10.043 1.00 0.00 ? 79  VAL A CB   1 
ATOM 1230 C CG1  . VAL A 1 79  ? -1.874  -11.356 -11.512 1.00 0.00 ? 79  VAL A CG1  1 
ATOM 1231 C CG2  . VAL A 1 79  ? -0.415  -10.591 -9.634  1.00 0.00 ? 79  VAL A CG2  1 
ATOM 1232 H H    . VAL A 1 79  ? -4.250  -11.571 -10.702 1.00 0.00 ? 79  VAL A H    1 
ATOM 1233 H HA   . VAL A 1 79  ? -2.609  -11.835 -8.212  1.00 0.00 ? 79  VAL A HA   1 
ATOM 1234 H HB   . VAL A 1 79  ? -1.155  -12.590 -9.911  1.00 0.00 ? 79  VAL A HB   1 
ATOM 1235 H HG11 . VAL A 1 79  ? -2.788  -10.784 -11.574 1.00 0.00 ? 79  VAL A HG11 1 
ATOM 1236 H HG12 . VAL A 1 79  ? -1.077  -10.817 -12.002 1.00 0.00 ? 79  VAL A HG12 1 
ATOM 1237 H HG13 . VAL A 1 79  ? -2.014  -12.312 -11.996 1.00 0.00 ? 79  VAL A HG13 1 
ATOM 1238 H HG21 . VAL A 1 79  ? -0.465  -10.418 -8.570  1.00 0.00 ? 79  VAL A HG21 1 
ATOM 1239 H HG22 . VAL A 1 79  ? 0.551   -11.003 -9.886  1.00 0.00 ? 79  VAL A HG22 1 
ATOM 1240 H HG23 . VAL A 1 79  ? -0.556  -9.658  -10.159 1.00 0.00 ? 79  VAL A HG23 1 
ATOM 1241 N N    . TYR A 1 80  ? -2.709  -9.358  -7.793  1.00 0.00 ? 80  TYR A N    1 
ATOM 1242 C CA   . TYR A 1 80  ? -2.936  -7.907  -7.540  1.00 0.00 ? 80  TYR A CA   1 
ATOM 1243 C C    . TYR A 1 80  ? -1.597  -7.178  -7.403  1.00 0.00 ? 80  TYR A C    1 
ATOM 1244 O O    . TYR A 1 80  ? -0.661  -7.677  -6.810  1.00 0.00 ? 80  TYR A O    1 
ATOM 1245 C CB   . TYR A 1 80  ? -3.740  -7.736  -6.250  1.00 0.00 ? 80  TYR A CB   1 
ATOM 1246 C CG   . TYR A 1 80  ? -5.204  -7.579  -6.587  1.00 0.00 ? 80  TYR A CG   1 
ATOM 1247 C CD1  . TYR A 1 80  ? -6.014  -8.711  -6.734  1.00 0.00 ? 80  TYR A CD1  1 
ATOM 1248 C CD2  . TYR A 1 80  ? -5.751  -6.301  -6.753  1.00 0.00 ? 80  TYR A CD2  1 
ATOM 1249 C CE1  . TYR A 1 80  ? -7.371  -8.565  -7.048  1.00 0.00 ? 80  TYR A CE1  1 
ATOM 1250 C CE2  . TYR A 1 80  ? -7.107  -6.155  -7.067  1.00 0.00 ? 80  TYR A CE2  1 
ATOM 1251 C CZ   . TYR A 1 80  ? -7.918  -7.287  -7.213  1.00 0.00 ? 80  TYR A CZ   1 
ATOM 1252 O OH   . TYR A 1 80  ? -9.254  -7.143  -7.524  1.00 0.00 ? 80  TYR A OH   1 
ATOM 1253 H H    . TYR A 1 80  ? -2.365  -9.933  -7.079  1.00 0.00 ? 80  TYR A H    1 
ATOM 1254 H HA   . TYR A 1 80  ? -3.490  -7.482  -8.364  1.00 0.00 ? 80  TYR A HA   1 
ATOM 1255 H HB2  . TYR A 1 80  ? -3.605  -8.606  -5.624  1.00 0.00 ? 80  TYR A HB2  1 
ATOM 1256 H HB3  . TYR A 1 80  ? -3.396  -6.857  -5.725  1.00 0.00 ? 80  TYR A HB3  1 
ATOM 1257 H HD1  . TYR A 1 80  ? -5.593  -9.698  -6.607  1.00 0.00 ? 80  TYR A HD1  1 
ATOM 1258 H HD2  . TYR A 1 80  ? -5.126  -5.427  -6.638  1.00 0.00 ? 80  TYR A HD2  1 
ATOM 1259 H HE1  . TYR A 1 80  ? -7.996  -9.439  -7.161  1.00 0.00 ? 80  TYR A HE1  1 
ATOM 1260 H HE2  . TYR A 1 80  ? -7.529  -5.169  -7.194  1.00 0.00 ? 80  TYR A HE2  1 
ATOM 1261 H HH   . TYR A 1 80  ? -9.483  -6.216  -7.426  1.00 0.00 ? 80  TYR A HH   1 
ATOM 1262 N N    . THR A 1 81  ? -1.510  -5.994  -7.942  1.00 0.00 ? 81  THR A N    1 
ATOM 1263 C CA   . THR A 1 81  ? -0.245  -5.212  -7.845  1.00 0.00 ? 81  THR A CA   1 
ATOM 1264 C C    . THR A 1 81  ? -0.473  -4.016  -6.918  1.00 0.00 ? 81  THR A C    1 
ATOM 1265 O O    . THR A 1 81  ? -1.593  -3.616  -6.675  1.00 0.00 ? 81  THR A O    1 
ATOM 1266 C CB   . THR A 1 81  ? 0.154   -4.715  -9.236  1.00 0.00 ? 81  THR A CB   1 
ATOM 1267 O OG1  . THR A 1 81  ? 0.505   -5.825  -10.051 1.00 0.00 ? 81  THR A OG1  1 
ATOM 1268 C CG2  . THR A 1 81  ? 1.349   -3.767  -9.121  1.00 0.00 ? 81  THR A CG2  1 
ATOM 1269 H H    . THR A 1 81  ? -2.285  -5.614  -8.407  1.00 0.00 ? 81  THR A H    1 
ATOM 1270 H HA   . THR A 1 81  ? 0.539   -5.837  -7.443  1.00 0.00 ? 81  THR A HA   1 
ATOM 1271 H HB   . THR A 1 81  ? -0.675  -4.187  -9.683  1.00 0.00 ? 81  THR A HB   1 
ATOM 1272 H HG1  . THR A 1 81  ? -0.289  -6.127  -10.498 1.00 0.00 ? 81  THR A HG1  1 
ATOM 1273 H HG21 . THR A 1 81  ? 2.052   -4.161  -8.400  1.00 0.00 ? 81  THR A HG21 1 
ATOM 1274 H HG22 . THR A 1 81  ? 1.833   -3.678  -10.082 1.00 0.00 ? 81  THR A HG22 1 
ATOM 1275 H HG23 . THR A 1 81  ? 1.009   -2.795  -8.798  1.00 0.00 ? 81  THR A HG23 1 
ATOM 1276 N N    . LEU A 1 82  ? 0.575   -3.438  -6.393  1.00 0.00 ? 82  LEU A N    1 
ATOM 1277 C CA   . LEU A 1 82  ? 0.391   -2.272  -5.482  1.00 0.00 ? 82  LEU A CA   1 
ATOM 1278 C C    . LEU A 1 82  ? 1.650   -1.401  -5.475  1.00 0.00 ? 82  LEU A C    1 
ATOM 1279 O O    . LEU A 1 82  ? 2.761   -1.891  -5.473  1.00 0.00 ? 82  LEU A O    1 
ATOM 1280 C CB   . LEU A 1 82  ? 0.115   -2.775  -4.064  1.00 0.00 ? 82  LEU A CB   1 
ATOM 1281 C CG   . LEU A 1 82  ? -1.334  -3.254  -3.965  1.00 0.00 ? 82  LEU A CG   1 
ATOM 1282 C CD1  . LEU A 1 82  ? -1.382  -4.776  -4.116  1.00 0.00 ? 82  LEU A CD1  1 
ATOM 1283 C CD2  . LEU A 1 82  ? -1.910  -2.859  -2.604  1.00 0.00 ? 82  LEU A CD2  1 
ATOM 1284 H H    . LEU A 1 82  ? 1.474   -3.772  -6.594  1.00 0.00 ? 82  LEU A H    1 
ATOM 1285 H HA   . LEU A 1 82  ? -0.448  -1.684  -5.821  1.00 0.00 ? 82  LEU A HA   1 
ATOM 1286 H HB2  . LEU A 1 82  ? 0.782   -3.594  -3.836  1.00 0.00 ? 82  LEU A HB2  1 
ATOM 1287 H HB3  . LEU A 1 82  ? 0.274   -1.973  -3.360  1.00 0.00 ? 82  LEU A HB3  1 
ATOM 1288 H HG   . LEU A 1 82  ? -1.918  -2.797  -4.752  1.00 0.00 ? 82  LEU A HG   1 
ATOM 1289 H HD11 . LEU A 1 82  ? -0.375  -5.168  -4.116  1.00 0.00 ? 82  LEU A HD11 1 
ATOM 1290 H HD12 . LEU A 1 82  ? -1.935  -5.201  -3.292  1.00 0.00 ? 82  LEU A HD12 1 
ATOM 1291 H HD13 . LEU A 1 82  ? -1.868  -5.030  -5.046  1.00 0.00 ? 82  LEU A HD13 1 
ATOM 1292 H HD21 . LEU A 1 82  ? -1.216  -3.139  -1.825  1.00 0.00 ? 82  LEU A HD21 1 
ATOM 1293 H HD22 . LEU A 1 82  ? -2.070  -1.792  -2.576  1.00 0.00 ? 82  LEU A HD22 1 
ATOM 1294 H HD23 . LEU A 1 82  ? -2.850  -3.369  -2.449  1.00 0.00 ? 82  LEU A HD23 1 
ATOM 1295 N N    . GLN A 1 83  ? 1.475   -0.108  -5.465  1.00 0.00 ? 83  GLN A N    1 
ATOM 1296 C CA   . GLN A 1 83  ? 2.645   0.815   -5.448  1.00 0.00 ? 83  GLN A CA   1 
ATOM 1297 C C    . GLN A 1 83  ? 2.481   1.808   -4.295  1.00 0.00 ? 83  GLN A C    1 
ATOM 1298 O O    . GLN A 1 83  ? 1.605   1.669   -3.466  1.00 0.00 ? 83  GLN A O    1 
ATOM 1299 C CB   . GLN A 1 83  ? 2.714   1.578   -6.773  1.00 0.00 ? 83  GLN A CB   1 
ATOM 1300 C CG   . GLN A 1 83  ? 4.051   1.292   -7.460  1.00 0.00 ? 83  GLN A CG   1 
ATOM 1301 C CD   . GLN A 1 83  ? 3.867   0.180   -8.494  1.00 0.00 ? 83  GLN A CD   1 
ATOM 1302 O OE1  . GLN A 1 83  ? 2.818   -0.429  -8.569  1.00 0.00 ? 83  GLN A OE1  1 
ATOM 1303 N NE2  . GLN A 1 83  ? 4.850   -0.113  -9.301  1.00 0.00 ? 83  GLN A NE2  1 
ATOM 1304 H H    . GLN A 1 83  ? 0.568   0.259   -5.462  1.00 0.00 ? 83  GLN A H    1 
ATOM 1305 H HA   . GLN A 1 83  ? 3.554   0.247   -5.309  1.00 0.00 ? 83  GLN A HA   1 
ATOM 1306 H HB2  . GLN A 1 83  ? 1.904   1.258   -7.413  1.00 0.00 ? 83  GLN A HB2  1 
ATOM 1307 H HB3  . GLN A 1 83  ? 2.628   2.636   -6.583  1.00 0.00 ? 83  GLN A HB3  1 
ATOM 1308 H HG2  . GLN A 1 83  ? 4.402   2.188   -7.951  1.00 0.00 ? 83  GLN A HG2  1 
ATOM 1309 H HG3  . GLN A 1 83  ? 4.775   0.979   -6.723  1.00 0.00 ? 83  GLN A HG3  1 
ATOM 1310 H HE21 . GLN A 1 83  ? 5.697   0.378   -9.241  1.00 0.00 ? 83  GLN A HE21 1 
ATOM 1311 H HE22 . GLN A 1 83  ? 4.742   -0.823  -9.967  1.00 0.00 ? 83  GLN A HE22 1 
ATOM 1312 N N    . MET A 1 84  ? 3.314   2.811   -4.234  1.00 0.00 ? 84  MET A N    1 
ATOM 1313 C CA   . MET A 1 84  ? 3.196   3.808   -3.130  1.00 0.00 ? 84  MET A CA   1 
ATOM 1314 C C    . MET A 1 84  ? 3.666   5.179   -3.621  1.00 0.00 ? 84  MET A C    1 
ATOM 1315 O O    . MET A 1 84  ? 4.552   5.282   -4.446  1.00 0.00 ? 84  MET A O    1 
ATOM 1316 C CB   . MET A 1 84  ? 4.063   3.365   -1.950  1.00 0.00 ? 84  MET A CB   1 
ATOM 1317 C CG   . MET A 1 84  ? 3.447   3.875   -0.645  1.00 0.00 ? 84  MET A CG   1 
ATOM 1318 S SD   . MET A 1 84  ? 2.377   2.594   0.058   1.00 0.00 ? 84  MET A SD   1 
ATOM 1319 C CE   . MET A 1 84  ? 1.078   3.695   0.671   1.00 0.00 ? 84  MET A CE   1 
ATOM 1320 H H    . MET A 1 84  ? 4.015   2.908   -4.912  1.00 0.00 ? 84  MET A H    1 
ATOM 1321 H HA   . MET A 1 84  ? 2.165   3.873   -2.815  1.00 0.00 ? 84  MET A HA   1 
ATOM 1322 H HB2  . MET A 1 84  ? 4.116   2.286   -1.927  1.00 0.00 ? 84  MET A HB2  1 
ATOM 1323 H HB3  . MET A 1 84  ? 5.056   3.773   -2.060  1.00 0.00 ? 84  MET A HB3  1 
ATOM 1324 H HG2  . MET A 1 84  ? 4.234   4.112   0.056   1.00 0.00 ? 84  MET A HG2  1 
ATOM 1325 H HG3  . MET A 1 84  ? 2.863   4.761   -0.844  1.00 0.00 ? 84  MET A HG3  1 
ATOM 1326 H HE1  . MET A 1 84  ? 1.525   4.579   1.097   1.00 0.00 ? 84  MET A HE1  1 
ATOM 1327 H HE2  . MET A 1 84  ? 0.432   3.978   -0.147  1.00 0.00 ? 84  MET A HE2  1 
ATOM 1328 H HE3  . MET A 1 84  ? 0.504   3.184   1.431   1.00 0.00 ? 84  MET A HE3  1 
ATOM 1329 N N    . ARG A 1 85  ? 3.078   6.233   -3.123  1.00 0.00 ? 85  ARG A N    1 
ATOM 1330 C CA   . ARG A 1 85  ? 3.494   7.595   -3.566  1.00 0.00 ? 85  ARG A CA   1 
ATOM 1331 C C    . ARG A 1 85  ? 3.275   8.601   -2.432  1.00 0.00 ? 85  ARG A C    1 
ATOM 1332 O O    . ARG A 1 85  ? 2.473   8.388   -1.544  1.00 0.00 ? 85  ARG A O    1 
ATOM 1333 C CB   . ARG A 1 85  ? 2.660   8.011   -4.779  1.00 0.00 ? 85  ARG A CB   1 
ATOM 1334 C CG   . ARG A 1 85  ? 3.281   9.250   -5.426  1.00 0.00 ? 85  ARG A CG   1 
ATOM 1335 C CD   . ARG A 1 85  ? 2.411   9.703   -6.599  1.00 0.00 ? 85  ARG A CD   1 
ATOM 1336 N NE   . ARG A 1 85  ? 3.281   10.053  -7.758  1.00 0.00 ? 85  ARG A NE   1 
ATOM 1337 C CZ   . ARG A 1 85  ? 2.760   10.604  -8.820  1.00 0.00 ? 85  ARG A CZ   1 
ATOM 1338 N NH1  . ARG A 1 85  ? 1.604   10.197  -9.267  1.00 0.00 ? 85  ARG A NH1  1 
ATOM 1339 N NH2  . ARG A 1 85  ? 3.395   11.565  -9.434  1.00 0.00 ? 85  ARG A NH2  1 
ATOM 1340 H H    . ARG A 1 85  ? 2.364   6.128   -2.459  1.00 0.00 ? 85  ARG A H    1 
ATOM 1341 H HA   . ARG A 1 85  ? 4.540   7.581   -3.836  1.00 0.00 ? 85  ARG A HA   1 
ATOM 1342 H HB2  . ARG A 1 85  ? 2.640   7.202   -5.494  1.00 0.00 ? 85  ARG A HB2  1 
ATOM 1343 H HB3  . ARG A 1 85  ? 1.654   8.239   -4.463  1.00 0.00 ? 85  ARG A HB3  1 
ATOM 1344 H HG2  . ARG A 1 85  ? 3.346   10.043  -4.695  1.00 0.00 ? 85  ARG A HG2  1 
ATOM 1345 H HG3  . ARG A 1 85  ? 4.271   9.010   -5.786  1.00 0.00 ? 85  ARG A HG3  1 
ATOM 1346 H HD2  . ARG A 1 85  ? 1.741   8.904   -6.880  1.00 0.00 ? 85  ARG A HD2  1 
ATOM 1347 H HD3  . ARG A 1 85  ? 1.835   10.569  -6.307  1.00 0.00 ? 85  ARG A HD3  1 
ATOM 1348 H HE   . ARG A 1 85  ? 4.242   9.869   -7.722  1.00 0.00 ? 85  ARG A HE   1 
ATOM 1349 H HH11 . ARG A 1 85  ? 1.117   9.462   -8.795  1.00 0.00 ? 85  ARG A HH11 1 
ATOM 1350 H HH12 . ARG A 1 85  ? 1.206   10.619  -10.081 1.00 0.00 ? 85  ARG A HH12 1 
ATOM 1351 H HH21 . ARG A 1 85  ? 4.280   11.879  -9.091  1.00 0.00 ? 85  ARG A HH21 1 
ATOM 1352 H HH22 . ARG A 1 85  ? 2.997   11.986  -10.249 1.00 0.00 ? 85  ARG A HH22 1 
ATOM 1353 N N    . CYS A 1 86  ? 3.981   9.699   -2.461  1.00 0.00 ? 86  CYS A N    1 
ATOM 1354 C CA   . CYS A 1 86  ? 3.816   10.727  -1.394  1.00 0.00 ? 86  CYS A CA   1 
ATOM 1355 C C    . CYS A 1 86  ? 4.028   12.116  -1.998  1.00 0.00 ? 86  CYS A C    1 
ATOM 1356 O O    . CYS A 1 86  ? 4.493   12.250  -3.112  1.00 0.00 ? 86  CYS A O    1 
ATOM 1357 C CB   . CYS A 1 86  ? 4.845   10.486  -0.286  1.00 0.00 ? 86  CYS A CB   1 
ATOM 1358 S SG   . CYS A 1 86  ? 3.995   10.348  1.308   1.00 0.00 ? 86  CYS A SG   1 
ATOM 1359 H H    . CYS A 1 86  ? 4.618   9.850   -3.190  1.00 0.00 ? 86  CYS A H    1 
ATOM 1360 H HA   . CYS A 1 86  ? 2.821   10.663  -0.983  1.00 0.00 ? 86  CYS A HA   1 
ATOM 1361 H HB2  . CYS A 1 86  ? 5.382   9.571   -0.487  1.00 0.00 ? 86  CYS A HB2  1 
ATOM 1362 H HB3  . CYS A 1 86  ? 5.538   11.312  -0.253  1.00 0.00 ? 86  CYS A HB3  1 
ATOM 1363 N N    . ILE A 1 87  ? 3.689   13.153  -1.280  1.00 0.00 ? 87  ILE A N    1 
ATOM 1364 C CA   . ILE A 1 87  ? 3.875   14.524  -1.834  1.00 0.00 ? 87  ILE A CA   1 
ATOM 1365 C C    . ILE A 1 87  ? 3.926   15.545  -0.689  1.00 0.00 ? 87  ILE A C    1 
ATOM 1366 O O    . ILE A 1 87  ? 4.488   15.284  0.356   1.00 0.00 ? 87  ILE A O    1 
ATOM 1367 C CB   . ILE A 1 87  ? 2.717   14.839  -2.788  1.00 0.00 ? 87  ILE A CB   1 
ATOM 1368 C CG1  . ILE A 1 87  ? 3.127   15.977  -3.732  1.00 0.00 ? 87  ILE A CG1  1 
ATOM 1369 C CG2  . ILE A 1 87  ? 1.473   15.240  -1.988  1.00 0.00 ? 87  ILE A CG2  1 
ATOM 1370 C CD1  . ILE A 1 87  ? 1.879   16.594  -4.367  1.00 0.00 ? 87  ILE A CD1  1 
ATOM 1371 H H    . ILE A 1 87  ? 3.311   13.031  -0.382  1.00 0.00 ? 87  ILE A H    1 
ATOM 1372 H HA   . ILE A 1 87  ? 4.805   14.561  -2.382  1.00 0.00 ? 87  ILE A HA   1 
ATOM 1373 H HB   . ILE A 1 87  ? 2.491   13.957  -3.371  1.00 0.00 ? 87  ILE A HB   1 
ATOM 1374 H HG12 . ILE A 1 87  ? 3.662   16.735  -3.177  1.00 0.00 ? 87  ILE A HG12 1 
ATOM 1375 H HG13 . ILE A 1 87  ? 3.766   15.588  -4.507  1.00 0.00 ? 87  ILE A HG13 1 
ATOM 1376 H HG21 . ILE A 1 87  ? 1.656   15.081  -0.935  1.00 0.00 ? 87  ILE A HG21 1 
ATOM 1377 H HG22 . ILE A 1 87  ? 1.253   16.283  -2.160  1.00 0.00 ? 87  ILE A HG22 1 
ATOM 1378 H HG23 . ILE A 1 87  ? 0.634   14.638  -2.302  1.00 0.00 ? 87  ILE A HG23 1 
ATOM 1379 H HD11 . ILE A 1 87  ? 1.286   15.815  -4.823  1.00 0.00 ? 87  ILE A HD11 1 
ATOM 1380 H HD12 . ILE A 1 87  ? 1.297   17.090  -3.606  1.00 0.00 ? 87  ILE A HD12 1 
ATOM 1381 H HD13 . ILE A 1 87  ? 2.174   17.309  -5.120  1.00 0.00 ? 87  ILE A HD13 1 
ATOM 1382 N N    . ARG A 1 88  ? 3.361   16.710  -0.875  1.00 0.00 ? 88  ARG A N    1 
ATOM 1383 C CA   . ARG A 1 88  ? 3.401   17.737  0.204   1.00 0.00 ? 88  ARG A CA   1 
ATOM 1384 C C    . ARG A 1 88  ? 1.984   17.990  0.725   1.00 0.00 ? 88  ARG A C    1 
ATOM 1385 O O    . ARG A 1 88  ? 1.018   17.470  0.202   1.00 0.00 ? 88  ARG A O    1 
ATOM 1386 C CB   . ARG A 1 88  ? 3.986   19.041  -0.352  1.00 0.00 ? 88  ARG A CB   1 
ATOM 1387 C CG   . ARG A 1 88  ? 4.702   18.766  -1.679  1.00 0.00 ? 88  ARG A CG   1 
ATOM 1388 C CD   . ARG A 1 88  ? 6.001   19.569  -1.737  1.00 0.00 ? 88  ARG A CD   1 
ATOM 1389 N NE   . ARG A 1 88  ? 7.138   18.703  -1.315  1.00 0.00 ? 88  ARG A NE   1 
ATOM 1390 C CZ   . ARG A 1 88  ? 8.324   19.220  -1.139  1.00 0.00 ? 88  ARG A CZ   1 
ATOM 1391 N NH1  . ARG A 1 88  ? 8.480   20.516  -1.159  1.00 0.00 ? 88  ARG A NH1  1 
ATOM 1392 N NH2  . ARG A 1 88  ? 9.352   18.441  -0.942  1.00 0.00 ? 88  ARG A NH2  1 
ATOM 1393 H H    . ARG A 1 88  ? 2.921   16.914  -1.722  1.00 0.00 ? 88  ARG A H    1 
ATOM 1394 H HA   . ARG A 1 88  ? 4.022   17.382  1.013   1.00 0.00 ? 88  ARG A HA   1 
ATOM 1395 H HB2  . ARG A 1 88  ? 3.188   19.751  -0.513  1.00 0.00 ? 88  ARG A HB2  1 
ATOM 1396 H HB3  . ARG A 1 88  ? 4.691   19.448  0.357   1.00 0.00 ? 88  ARG A HB3  1 
ATOM 1397 H HG2  . ARG A 1 88  ? 4.930   17.713  -1.756  1.00 0.00 ? 88  ARG A HG2  1 
ATOM 1398 H HG3  . ARG A 1 88  ? 4.064   19.058  -2.500  1.00 0.00 ? 88  ARG A HG3  1 
ATOM 1399 H HD2  . ARG A 1 88  ? 6.167   19.912  -2.748  1.00 0.00 ? 88  ARG A HD2  1 
ATOM 1400 H HD3  . ARG A 1 88  ? 5.930   20.419  -1.075  1.00 0.00 ? 88  ARG A HD3  1 
ATOM 1401 H HE   . ARG A 1 88  ? 6.996   17.745  -1.169  1.00 0.00 ? 88  ARG A HE   1 
ATOM 1402 H HH11 . ARG A 1 88  ? 7.693   21.113  -1.310  1.00 0.00 ? 88  ARG A HH11 1 
ATOM 1403 H HH12 . ARG A 1 88  ? 9.389   20.912  -1.024  1.00 0.00 ? 88  ARG A HH12 1 
ATOM 1404 H HH21 . ARG A 1 88  ? 9.231   17.448  -0.926  1.00 0.00 ? 88  ARG A HH21 1 
ATOM 1405 H HH22 . ARG A 1 88  ? 10.261  18.836  -0.806  1.00 0.00 ? 88  ARG A HH22 1 
ATOM 1406 N N    . SER A 1 89  ? 1.854   18.778  1.757   1.00 0.00 ? 89  SER A N    1 
ATOM 1407 C CA   . SER A 1 89  ? 0.501   19.054  2.319   1.00 0.00 ? 89  SER A CA   1 
ATOM 1408 C C    . SER A 1 89  ? -0.182  20.178  1.535   1.00 0.00 ? 89  SER A C    1 
ATOM 1409 O O    . SER A 1 89  ? -1.274  20.014  1.028   1.00 0.00 ? 89  SER A O    1 
ATOM 1410 C CB   . SER A 1 89  ? 0.637   19.471  3.784   1.00 0.00 ? 89  SER A CB   1 
ATOM 1411 O OG   . SER A 1 89  ? -0.454  20.311  4.137   1.00 0.00 ? 89  SER A OG   1 
ATOM 1412 H H    . SER A 1 89  ? 2.647   19.182  2.167   1.00 0.00 ? 89  SER A H    1 
ATOM 1413 H HA   . SER A 1 89  ? -0.101  18.160  2.258   1.00 0.00 ? 89  SER A HA   1 
ATOM 1414 H HB2  . SER A 1 89  ? 0.628   18.595  4.412   1.00 0.00 ? 89  SER A HB2  1 
ATOM 1415 H HB3  . SER A 1 89  ? 1.571   19.999  3.921   1.00 0.00 ? 89  SER A HB3  1 
ATOM 1416 H HG   . SER A 1 89  ? -0.949  19.876  4.835   1.00 0.00 ? 89  SER A HG   1 
ATOM 1417 N N    . SER A 1 90  ? 0.440   21.322  1.441   1.00 0.00 ? 90  SER A N    1 
ATOM 1418 C CA   . SER A 1 90  ? -0.194  22.448  0.699   1.00 0.00 ? 90  SER A CA   1 
ATOM 1419 C C    . SER A 1 90  ? 0.761   22.975  -0.373  1.00 0.00 ? 90  SER A C    1 
ATOM 1420 O O    . SER A 1 90  ? 1.025   24.159  -0.454  1.00 0.00 ? 90  SER A O    1 
ATOM 1421 C CB   . SER A 1 90  ? -0.527  23.574  1.678   1.00 0.00 ? 90  SER A CB   1 
ATOM 1422 O OG   . SER A 1 90  ? -1.087  23.018  2.860   1.00 0.00 ? 90  SER A OG   1 
ATOM 1423 H H    . SER A 1 90  ? 1.317   21.441  1.863   1.00 0.00 ? 90  SER A H    1 
ATOM 1424 H HA   . SER A 1 90  ? -1.103  22.102  0.230   1.00 0.00 ? 90  SER A HA   1 
ATOM 1425 H HB2  . SER A 1 90  ? 0.371   24.112  1.931   1.00 0.00 ? 90  SER A HB2  1 
ATOM 1426 H HB3  . SER A 1 90  ? -1.233  24.253  1.217   1.00 0.00 ? 90  SER A HB3  1 
ATOM 1427 H HG   . SER A 1 90  ? -0.386  22.936  3.511   1.00 0.00 ? 90  SER A HG   1 
ATOM 1428 N N    . LEU A 1 91  ? 1.277   22.111  -1.202  1.00 0.00 ? 91  LEU A N    1 
ATOM 1429 C CA   . LEU A 1 91  ? 2.208   22.569  -2.272  1.00 0.00 ? 91  LEU A CA   1 
ATOM 1430 C C    . LEU A 1 91  ? 2.580   21.384  -3.167  1.00 0.00 ? 91  LEU A C    1 
ATOM 1431 O O    . LEU A 1 91  ? 3.730   21.000  -3.243  1.00 0.00 ? 91  LEU A O    1 
ATOM 1432 C CB   . LEU A 1 91  ? 3.472   23.158  -1.638  1.00 0.00 ? 91  LEU A CB   1 
ATOM 1433 C CG   . LEU A 1 91  ? 4.111   22.129  -0.703  1.00 0.00 ? 91  LEU A CG   1 
ATOM 1434 C CD1  . LEU A 1 91  ? 5.515   22.597  -0.317  1.00 0.00 ? 91  LEU A CD1  1 
ATOM 1435 C CD2  . LEU A 1 91  ? 3.259   21.986  0.560   1.00 0.00 ? 91  LEU A CD2  1 
ATOM 1436 H H    . LEU A 1 91  ? 1.048   21.161  -1.125  1.00 0.00 ? 91  LEU A H    1 
ATOM 1437 H HA   . LEU A 1 91  ? 1.720   23.327  -2.868  1.00 0.00 ? 91  LEU A HA   1 
ATOM 1438 H HB2  . LEU A 1 91  ? 4.173   23.423  -2.415  1.00 0.00 ? 91  LEU A HB2  1 
ATOM 1439 H HB3  . LEU A 1 91  ? 3.212   24.040  -1.072  1.00 0.00 ? 91  LEU A HB3  1 
ATOM 1440 H HG   . LEU A 1 91  ? 4.176   21.177  -1.208  1.00 0.00 ? 91  LEU A HG   1 
ATOM 1441 H HD11 . LEU A 1 91  ? 5.495   23.654  -0.098  1.00 0.00 ? 91  LEU A HD11 1 
ATOM 1442 H HD12 . LEU A 1 91  ? 5.848   22.055  0.556   1.00 0.00 ? 91  LEU A HD12 1 
ATOM 1443 H HD13 . LEU A 1 91  ? 6.194   22.411  -1.135  1.00 0.00 ? 91  LEU A HD13 1 
ATOM 1444 H HD21 . LEU A 1 91  ? 2.788   22.931  0.786   1.00 0.00 ? 91  LEU A HD21 1 
ATOM 1445 H HD22 . LEU A 1 91  ? 2.501   21.235  0.400   1.00 0.00 ? 91  LEU A HD22 1 
ATOM 1446 H HD23 . LEU A 1 91  ? 3.889   21.691  1.387   1.00 0.00 ? 91  LEU A HD23 1 
ATOM 1447 N N    . PRO A 1 92  ? 1.584   20.843  -3.817  1.00 0.00 ? 92  PRO A N    1 
ATOM 1448 C CA   . PRO A 1 92  ? 1.751   19.693  -4.725  1.00 0.00 ? 92  PRO A CA   1 
ATOM 1449 C C    . PRO A 1 92  ? 2.317   20.151  -6.072  1.00 0.00 ? 92  PRO A C    1 
ATOM 1450 O O    . PRO A 1 92  ? 2.603   21.315  -6.273  1.00 0.00 ? 92  PRO A O    1 
ATOM 1451 C CB   . PRO A 1 92  ? 0.325   19.159  -4.890  1.00 0.00 ? 92  PRO A CB   1 
ATOM 1452 C CG   . PRO A 1 92  ? -0.623  20.334  -4.550  1.00 0.00 ? 92  PRO A CG   1 
ATOM 1453 C CD   . PRO A 1 92  ? 0.194   21.330  -3.706  1.00 0.00 ? 92  PRO A CD   1 
ATOM 1454 H HA   . PRO A 1 92  ? 2.379   18.940  -4.279  1.00 0.00 ? 92  PRO A HA   1 
ATOM 1455 H HB2  . PRO A 1 92  ? 0.167   18.833  -5.909  1.00 0.00 ? 92  PRO A HB2  1 
ATOM 1456 H HB3  . PRO A 1 92  ? 0.151   18.344  -4.207  1.00 0.00 ? 92  PRO A HB3  1 
ATOM 1457 H HG2  . PRO A 1 92  ? -0.964  20.808  -5.460  1.00 0.00 ? 92  PRO A HG2  1 
ATOM 1458 H HG3  . PRO A 1 92  ? -1.466  19.978  -3.979  1.00 0.00 ? 92  PRO A HG3  1 
ATOM 1459 H HD2  . PRO A 1 92  ? 0.107   22.329  -4.112  1.00 0.00 ? 92  PRO A HD2  1 
ATOM 1460 H HD3  . PRO A 1 92  ? -0.127  21.307  -2.677  1.00 0.00 ? 92  PRO A HD3  1 
ATOM 1461 N N    . GLY A 1 93  ? 2.478   19.246  -7.000  1.00 0.00 ? 93  GLY A N    1 
ATOM 1462 C CA   . GLY A 1 93  ? 3.021   19.634  -8.332  1.00 0.00 ? 93  GLY A CA   1 
ATOM 1463 C C    . GLY A 1 93  ? 3.981   18.553  -8.834  1.00 0.00 ? 93  GLY A C    1 
ATOM 1464 O O    . GLY A 1 93  ? 4.202   18.410  -10.021 1.00 0.00 ? 93  GLY A O    1 
ATOM 1465 H H    . GLY A 1 93  ? 2.238   18.312  -6.820  1.00 0.00 ? 93  GLY A H    1 
ATOM 1466 H HA2  . GLY A 1 93  ? 2.205   19.744  -9.032  1.00 0.00 ? 93  GLY A HA2  1 
ATOM 1467 H HA3  . GLY A 1 93  ? 3.552   20.569  -8.246  1.00 0.00 ? 93  GLY A HA3  1 
ATOM 1468 N N    . PHE A 1 94  ? 4.559   17.793  -7.944  1.00 0.00 ? 94  PHE A N    1 
ATOM 1469 C CA   . PHE A 1 94  ? 5.507   16.727  -8.378  1.00 0.00 ? 94  PHE A CA   1 
ATOM 1470 C C    . PHE A 1 94  ? 4.959   15.354  -7.981  1.00 0.00 ? 94  PHE A C    1 
ATOM 1471 O O    . PHE A 1 94  ? 4.883   14.450  -8.789  1.00 0.00 ? 94  PHE A O    1 
ATOM 1472 C CB   . PHE A 1 94  ? 6.863   16.948  -7.703  1.00 0.00 ? 94  PHE A CB   1 
ATOM 1473 C CG   . PHE A 1 94  ? 7.818   17.586  -8.684  1.00 0.00 ? 94  PHE A CG   1 
ATOM 1474 C CD1  . PHE A 1 94  ? 7.328   18.401  -9.711  1.00 0.00 ? 94  PHE A CD1  1 
ATOM 1475 C CD2  . PHE A 1 94  ? 9.195   17.362  -8.565  1.00 0.00 ? 94  PHE A CD2  1 
ATOM 1476 C CE1  . PHE A 1 94  ? 8.214   18.993  -10.619 1.00 0.00 ? 94  PHE A CE1  1 
ATOM 1477 C CE2  . PHE A 1 94  ? 10.081  17.954  -9.473  1.00 0.00 ? 94  PHE A CE2  1 
ATOM 1478 C CZ   . PHE A 1 94  ? 9.590   18.769  -10.500 1.00 0.00 ? 94  PHE A CZ   1 
ATOM 1479 H H    . PHE A 1 94  ? 4.371   17.924  -6.991  1.00 0.00 ? 94  PHE A H    1 
ATOM 1480 H HA   . PHE A 1 94  ? 5.629   16.770  -9.451  1.00 0.00 ? 94  PHE A HA   1 
ATOM 1481 H HB2  . PHE A 1 94  ? 6.738   17.597  -6.849  1.00 0.00 ? 94  PHE A HB2  1 
ATOM 1482 H HB3  . PHE A 1 94  ? 7.261   15.998  -7.380  1.00 0.00 ? 94  PHE A HB3  1 
ATOM 1483 H HD1  . PHE A 1 94  ? 6.266   18.574  -9.803  1.00 0.00 ? 94  PHE A HD1  1 
ATOM 1484 H HD2  . PHE A 1 94  ? 9.573   16.734  -7.773  1.00 0.00 ? 94  PHE A HD2  1 
ATOM 1485 H HE1  . PHE A 1 94  ? 7.835   19.621  -11.412 1.00 0.00 ? 94  PHE A HE1  1 
ATOM 1486 H HE2  . PHE A 1 94  ? 11.143  17.782  -9.382  1.00 0.00 ? 94  PHE A HE2  1 
ATOM 1487 H HZ   . PHE A 1 94  ? 10.274  19.225  -11.201 1.00 0.00 ? 94  PHE A HZ   1 
ATOM 1488 N N    . TRP A 1 95  ? 4.581   15.190  -6.744  1.00 0.00 ? 95  TRP A N    1 
ATOM 1489 C CA   . TRP A 1 95  ? 4.041   13.873  -6.295  1.00 0.00 ? 95  TRP A CA   1 
ATOM 1490 C C    . TRP A 1 95  ? 5.141   12.812  -6.383  1.00 0.00 ? 95  TRP A C    1 
ATOM 1491 O O    . TRP A 1 95  ? 4.892   11.633  -6.225  1.00 0.00 ? 95  TRP A O    1 
ATOM 1492 C CB   . TRP A 1 95  ? 2.869   13.470  -7.190  1.00 0.00 ? 95  TRP A CB   1 
ATOM 1493 C CG   . TRP A 1 95  ? 1.587   13.895  -6.550  1.00 0.00 ? 95  TRP A CG   1 
ATOM 1494 C CD1  . TRP A 1 95  ? 0.819   14.928  -6.962  1.00 0.00 ? 95  TRP A CD1  1 
ATOM 1495 C CD2  . TRP A 1 95  ? 0.913   13.319  -5.393  1.00 0.00 ? 95  TRP A CD2  1 
ATOM 1496 N NE1  . TRP A 1 95  ? -0.285  15.023  -6.132  1.00 0.00 ? 95  TRP A NE1  1 
ATOM 1497 C CE2  . TRP A 1 95  ? -0.271  14.053  -5.150  1.00 0.00 ? 95  TRP A CE2  1 
ATOM 1498 C CE3  . TRP A 1 95  ? 1.213   12.241  -4.539  1.00 0.00 ? 95  TRP A CE3  1 
ATOM 1499 C CZ2  . TRP A 1 95  ? -1.128  13.730  -4.098  1.00 0.00 ? 95  TRP A CZ2  1 
ATOM 1500 C CZ3  . TRP A 1 95  ? 0.352   11.913  -3.480  1.00 0.00 ? 95  TRP A CZ3  1 
ATOM 1501 C CH2  . TRP A 1 95  ? -0.816  12.656  -3.259  1.00 0.00 ? 95  TRP A CH2  1 
ATOM 1502 H H    . TRP A 1 95  ? 4.652   15.931  -6.108  1.00 0.00 ? 95  TRP A H    1 
ATOM 1503 H HA   . TRP A 1 95  ? 3.702   13.953  -5.273  1.00 0.00 ? 95  TRP A HA   1 
ATOM 1504 H HB2  . TRP A 1 95  ? 2.967   13.951  -8.152  1.00 0.00 ? 95  TRP A HB2  1 
ATOM 1505 H HB3  . TRP A 1 95  ? 2.867   12.398  -7.321  1.00 0.00 ? 95  TRP A HB3  1 
ATOM 1506 H HD1  . TRP A 1 95  ? 1.031   15.574  -7.801  1.00 0.00 ? 95  TRP A HD1  1 
ATOM 1507 H HE1  . TRP A 1 95  ? -0.999  15.689  -6.216  1.00 0.00 ? 95  TRP A HE1  1 
ATOM 1508 H HE3  . TRP A 1 95  ? 2.110   11.663  -4.700  1.00 0.00 ? 95  TRP A HE3  1 
ATOM 1509 H HZ2  . TRP A 1 95  ? -2.027  14.305  -3.932  1.00 0.00 ? 95  TRP A HZ2  1 
ATOM 1510 H HZ3  . TRP A 1 95  ? 0.591   11.085  -2.830  1.00 0.00 ? 95  TRP A HZ3  1 
ATOM 1511 H HH2  . TRP A 1 95  ? -1.474  12.400  -2.442  1.00 0.00 ? 95  TRP A HH2  1 
ATOM 1512 N N    . SER A 1 96  ? 6.356   13.221  -6.630  1.00 0.00 ? 96  SER A N    1 
ATOM 1513 C CA   . SER A 1 96  ? 7.470   12.235  -6.724  1.00 0.00 ? 96  SER A CA   1 
ATOM 1514 C C    . SER A 1 96  ? 7.097   11.133  -7.721  1.00 0.00 ? 96  SER A C    1 
ATOM 1515 O O    . SER A 1 96  ? 5.977   11.073  -8.188  1.00 0.00 ? 96  SER A O    1 
ATOM 1516 C CB   . SER A 1 96  ? 7.717   11.613  -5.349  1.00 0.00 ? 96  SER A CB   1 
ATOM 1517 O OG   . SER A 1 96  ? 8.947   12.102  -4.828  1.00 0.00 ? 96  SER A OG   1 
ATOM 1518 H H    . SER A 1 96  ? 6.537   14.176  -6.751  1.00 0.00 ? 96  SER A H    1 
ATOM 1519 H HA   . SER A 1 96  ? 8.365   12.735  -7.059  1.00 0.00 ? 96  SER A HA   1 
ATOM 1520 H HB2  . SER A 1 96  ? 6.917   11.882  -4.681  1.00 0.00 ? 96  SER A HB2  1 
ATOM 1521 H HB3  . SER A 1 96  ? 7.758   10.536  -5.444  1.00 0.00 ? 96  SER A HB3  1 
ATOM 1522 H HG   . SER A 1 96  ? 8.756   12.585  -4.021  1.00 0.00 ? 96  SER A HG   1 
ATOM 1523 N N    . PRO A 1 97  ? 8.056   10.297  -8.014  1.00 0.00 ? 97  PRO A N    1 
ATOM 1524 C CA   . PRO A 1 97  ? 7.876   9.176   -8.952  1.00 0.00 ? 97  PRO A CA   1 
ATOM 1525 C C    . PRO A 1 97  ? 7.134   8.023   -8.270  1.00 0.00 ? 97  PRO A C    1 
ATOM 1526 O O    . PRO A 1 97  ? 7.476   7.612   -7.178  1.00 0.00 ? 97  PRO A O    1 
ATOM 1527 C CB   . PRO A 1 97  ? 9.310   8.771   -9.303  1.00 0.00 ? 97  PRO A CB   1 
ATOM 1528 C CG   . PRO A 1 97  ? 10.203  9.279   -8.144  1.00 0.00 ? 97  PRO A CG   1 
ATOM 1529 C CD   . PRO A 1 97  ? 9.410   10.393  -7.434  1.00 0.00 ? 97  PRO A CD   1 
ATOM 1530 H HA   . PRO A 1 97  ? 7.355   9.497   -9.838  1.00 0.00 ? 97  PRO A HA   1 
ATOM 1531 H HB2  . PRO A 1 97  ? 9.381   7.694   -9.385  1.00 0.00 ? 97  PRO A HB2  1 
ATOM 1532 H HB3  . PRO A 1 97  ? 9.614   9.236   -10.226 1.00 0.00 ? 97  PRO A HB3  1 
ATOM 1533 H HG2  . PRO A 1 97  ? 10.412  8.471   -7.456  1.00 0.00 ? 97  PRO A HG2  1 
ATOM 1534 H HG3  . PRO A 1 97  ? 11.125  9.682   -8.536  1.00 0.00 ? 97  PRO A HG3  1 
ATOM 1535 H HD2  . PRO A 1 97  ? 9.382   10.213  -6.367  1.00 0.00 ? 97  PRO A HD2  1 
ATOM 1536 H HD3  . PRO A 1 97  ? 9.839   11.359  -7.647  1.00 0.00 ? 97  PRO A HD3  1 
ATOM 1537 N N    . TRP A 1 98  ? 6.123   7.497   -8.904  1.00 0.00 ? 98  TRP A N    1 
ATOM 1538 C CA   . TRP A 1 98  ? 5.365   6.371   -8.290  1.00 0.00 ? 98  TRP A CA   1 
ATOM 1539 C C    . TRP A 1 98  ? 6.348   5.303   -7.806  1.00 0.00 ? 98  TRP A C    1 
ATOM 1540 O O    . TRP A 1 98  ? 6.788   4.461   -8.564  1.00 0.00 ? 98  TRP A O    1 
ATOM 1541 C CB   . TRP A 1 98  ? 4.421   5.763   -9.330  1.00 0.00 ? 98  TRP A CB   1 
ATOM 1542 C CG   . TRP A 1 98  ? 3.031   6.262   -9.092  1.00 0.00 ? 98  TRP A CG   1 
ATOM 1543 C CD1  . TRP A 1 98  ? 2.334   7.052   -9.940  1.00 0.00 ? 98  TRP A CD1  1 
ATOM 1544 C CD2  . TRP A 1 98  ? 2.162   6.021   -7.948  1.00 0.00 ? 98  TRP A CD2  1 
ATOM 1545 N NE1  . TRP A 1 98  ? 1.091   7.311   -9.389  1.00 0.00 ? 98  TRP A NE1  1 
ATOM 1546 C CE2  . TRP A 1 98  ? 0.938   6.698   -8.162  1.00 0.00 ? 98  TRP A CE2  1 
ATOM 1547 C CE3  . TRP A 1 98  ? 2.315   5.288   -6.757  1.00 0.00 ? 98  TRP A CE3  1 
ATOM 1548 C CZ2  . TRP A 1 98  ? -0.098  6.650   -7.228  1.00 0.00 ? 98  TRP A CZ2  1 
ATOM 1549 C CZ3  . TRP A 1 98  ? 1.274   5.238   -5.814  1.00 0.00 ? 98  TRP A CZ3  1 
ATOM 1550 C CH2  . TRP A 1 98  ? 0.071   5.917   -6.050  1.00 0.00 ? 98  TRP A CH2  1 
ATOM 1551 H H    . TRP A 1 98  ? 5.862   7.841   -9.784  1.00 0.00 ? 98  TRP A H    1 
ATOM 1552 H HA   . TRP A 1 98  ? 4.791   6.738   -7.453  1.00 0.00 ? 98  TRP A HA   1 
ATOM 1553 H HB2  . TRP A 1 98  ? 4.742   6.050   -10.320 1.00 0.00 ? 98  TRP A HB2  1 
ATOM 1554 H HB3  . TRP A 1 98  ? 4.435   4.686   -9.244  1.00 0.00 ? 98  TRP A HB3  1 
ATOM 1555 H HD1  . TRP A 1 98  ? 2.688   7.420   -10.892 1.00 0.00 ? 98  TRP A HD1  1 
ATOM 1556 H HE1  . TRP A 1 98  ? 0.393   7.860   -9.803  1.00 0.00 ? 98  TRP A HE1  1 
ATOM 1557 H HE3  . TRP A 1 98  ? 3.238   4.761   -6.566  1.00 0.00 ? 98  TRP A HE3  1 
ATOM 1558 H HZ2  . TRP A 1 98  ? -1.023  7.175   -7.414  1.00 0.00 ? 98  TRP A HZ2  1 
ATOM 1559 H HZ3  . TRP A 1 98  ? 1.402   4.673   -4.903  1.00 0.00 ? 98  TRP A HZ3  1 
ATOM 1560 H HH2  . TRP A 1 98  ? -0.725  5.875   -5.322  1.00 0.00 ? 98  TRP A HH2  1 
ATOM 1561 N N    . SER A 1 99  ? 6.699   5.331   -6.549  1.00 0.00 ? 99  SER A N    1 
ATOM 1562 C CA   . SER A 1 99  ? 7.655   4.320   -6.020  1.00 0.00 ? 99  SER A CA   1 
ATOM 1563 C C    . SER A 1 99  ? 7.165   2.917   -6.389  1.00 0.00 ? 99  SER A C    1 
ATOM 1564 O O    . SER A 1 99  ? 5.977   2.671   -6.445  1.00 0.00 ? 99  SER A O    1 
ATOM 1565 C CB   . SER A 1 99  ? 7.741   4.446   -4.499  1.00 0.00 ? 99  SER A CB   1 
ATOM 1566 O OG   . SER A 1 99  ? 9.053   4.855   -4.135  1.00 0.00 ? 99  SER A OG   1 
ATOM 1567 H H    . SER A 1 99  ? 6.333   6.019   -5.954  1.00 0.00 ? 99  SER A H    1 
ATOM 1568 H HA   . SER A 1 99  ? 8.630   4.487   -6.452  1.00 0.00 ? 99  SER A HA   1 
ATOM 1569 H HB2  . SER A 1 99  ? 7.033   5.181   -4.155  1.00 0.00 ? 99  SER A HB2  1 
ATOM 1570 H HB3  . SER A 1 99  ? 7.512   3.490   -4.045  1.00 0.00 ? 99  SER A HB3  1 
ATOM 1571 H HG   . SER A 1 99  ? 9.087   4.930   -3.180  1.00 0.00 ? 99  SER A HG   1 
ATOM 1572 N N    . PRO A 1 100 ? 8.103   2.040   -6.630  1.00 0.00 ? 100 PRO A N    1 
ATOM 1573 C CA   . PRO A 1 100 ? 7.812   0.646   -6.998  1.00 0.00 ? 100 PRO A CA   1 
ATOM 1574 C C    . PRO A 1 100 ? 7.426   -0.163  -5.756  1.00 0.00 ? 100 PRO A C    1 
ATOM 1575 O O    . PRO A 1 100 ? 8.183   -0.266  -4.812  1.00 0.00 ? 100 PRO A O    1 
ATOM 1576 C CB   . PRO A 1 100 ? 9.134   0.147   -7.587  1.00 0.00 ? 100 PRO A CB   1 
ATOM 1577 C CG   . PRO A 1 100 ? 10.240  1.065   -7.015  1.00 0.00 ? 100 PRO A CG   1 
ATOM 1578 C CD   . PRO A 1 100 ? 9.543   2.360   -6.555  1.00 0.00 ? 100 PRO A CD   1 
ATOM 1579 H HA   . PRO A 1 100 ? 7.034   0.600   -7.743  1.00 0.00 ? 100 PRO A HA   1 
ATOM 1580 H HB2  . PRO A 1 100 ? 9.306   -0.879  -7.291  1.00 0.00 ? 100 PRO A HB2  1 
ATOM 1581 H HB3  . PRO A 1 100 ? 9.115   0.227   -8.663  1.00 0.00 ? 100 PRO A HB3  1 
ATOM 1582 H HG2  . PRO A 1 100 ? 10.722  0.583   -6.176  1.00 0.00 ? 100 PRO A HG2  1 
ATOM 1583 H HG3  . PRO A 1 100 ? 10.965  1.294   -7.781  1.00 0.00 ? 100 PRO A HG3  1 
ATOM 1584 H HD2  . PRO A 1 100 ? 9.827   2.602   -5.541  1.00 0.00 ? 100 PRO A HD2  1 
ATOM 1585 H HD3  . PRO A 1 100 ? 9.778   3.175   -7.222  1.00 0.00 ? 100 PRO A HD3  1 
ATOM 1586 N N    . GLY A 1 101 ? 6.254   -0.736  -5.751  1.00 0.00 ? 101 GLY A N    1 
ATOM 1587 C CA   . GLY A 1 101 ? 5.823   -1.536  -4.569  1.00 0.00 ? 101 GLY A CA   1 
ATOM 1588 C C    . GLY A 1 101 ? 6.106   -3.016  -4.825  1.00 0.00 ? 101 GLY A C    1 
ATOM 1589 O O    . GLY A 1 101 ? 7.235   -3.461  -4.770  1.00 0.00 ? 101 GLY A O    1 
ATOM 1590 H H    . GLY A 1 101 ? 5.658   -0.641  -6.522  1.00 0.00 ? 101 GLY A H    1 
ATOM 1591 H HA2  . GLY A 1 101 ? 6.368   -1.208  -3.696  1.00 0.00 ? 101 GLY A HA2  1 
ATOM 1592 H HA3  . GLY A 1 101 ? 4.765   -1.398  -4.408  1.00 0.00 ? 101 GLY A HA3  1 
ATOM 1593 N N    . LEU A 1 102 ? 5.089   -3.784  -5.105  1.00 0.00 ? 102 LEU A N    1 
ATOM 1594 C CA   . LEU A 1 102 ? 5.300   -5.236  -5.364  1.00 0.00 ? 102 LEU A CA   1 
ATOM 1595 C C    . LEU A 1 102 ? 4.008   -5.851  -5.903  1.00 0.00 ? 102 LEU A C    1 
ATOM 1596 O O    . LEU A 1 102 ? 3.039   -5.164  -6.156  1.00 0.00 ? 102 LEU A O    1 
ATOM 1597 C CB   . LEU A 1 102 ? 5.692   -5.933  -4.059  1.00 0.00 ? 102 LEU A CB   1 
ATOM 1598 C CG   . LEU A 1 102 ? 4.516   -5.889  -3.082  1.00 0.00 ? 102 LEU A CG   1 
ATOM 1599 C CD1  . LEU A 1 102 ? 4.747   -6.899  -1.957  1.00 0.00 ? 102 LEU A CD1  1 
ATOM 1600 C CD2  . LEU A 1 102 ? 4.401   -4.483  -2.488  1.00 0.00 ? 102 LEU A CD2  1 
ATOM 1601 H H    . LEU A 1 102 ? 4.185   -3.405  -5.145  1.00 0.00 ? 102 LEU A H    1 
ATOM 1602 H HA   . LEU A 1 102 ? 6.090   -5.360  -6.090  1.00 0.00 ? 102 LEU A HA   1 
ATOM 1603 H HB2  . LEU A 1 102 ? 5.952   -6.962  -4.266  1.00 0.00 ? 102 LEU A HB2  1 
ATOM 1604 H HB3  . LEU A 1 102 ? 6.540   -5.428  -3.621  1.00 0.00 ? 102 LEU A HB3  1 
ATOM 1605 H HG   . LEU A 1 102 ? 3.604   -6.136  -3.607  1.00 0.00 ? 102 LEU A HG   1 
ATOM 1606 H HD11 . LEU A 1 102 ? 5.806   -7.079  -1.847  1.00 0.00 ? 102 LEU A HD11 1 
ATOM 1607 H HD12 . LEU A 1 102 ? 4.348   -6.507  -1.034  1.00 0.00 ? 102 LEU A HD12 1 
ATOM 1608 H HD13 . LEU A 1 102 ? 4.248   -7.827  -2.199  1.00 0.00 ? 102 LEU A HD13 1 
ATOM 1609 H HD21 . LEU A 1 102 ? 5.387   -4.110  -2.254  1.00 0.00 ? 102 LEU A HD21 1 
ATOM 1610 H HD22 . LEU A 1 102 ? 3.928   -3.827  -3.204  1.00 0.00 ? 102 LEU A HD22 1 
ATOM 1611 H HD23 . LEU A 1 102 ? 3.807   -4.521  -1.587  1.00 0.00 ? 102 LEU A HD23 1 
ATOM 1612 N N    . GLN A 1 103 ? 3.987   -7.145  -6.081  1.00 0.00 ? 103 GLN A N    1 
ATOM 1613 C CA   . GLN A 1 103 ? 2.757   -7.806  -6.603  1.00 0.00 ? 103 GLN A CA   1 
ATOM 1614 C C    . GLN A 1 103 ? 2.659   -9.221  -6.027  1.00 0.00 ? 103 GLN A C    1 
ATOM 1615 O O    . GLN A 1 103 ? 3.630   -9.949  -5.976  1.00 0.00 ? 103 GLN A O    1 
ATOM 1616 C CB   . GLN A 1 103 ? 2.825   -7.878  -8.130  1.00 0.00 ? 103 GLN A CB   1 
ATOM 1617 C CG   . GLN A 1 103 ? 4.207   -8.377  -8.558  1.00 0.00 ? 103 GLN A CG   1 
ATOM 1618 C CD   . GLN A 1 103 ? 4.088   -9.131  -9.884  1.00 0.00 ? 103 GLN A CD   1 
ATOM 1619 O OE1  . GLN A 1 103 ? 3.126   -9.837  -10.110 1.00 0.00 ? 103 GLN A OE1  1 
ATOM 1620 N NE2  . GLN A 1 103 ? 5.033   -9.011  -10.775 1.00 0.00 ? 103 GLN A NE2  1 
ATOM 1621 H H    . GLN A 1 103 ? 4.778   -7.681  -5.869  1.00 0.00 ? 103 GLN A H    1 
ATOM 1622 H HA   . GLN A 1 103 ? 1.889   -7.236  -6.306  1.00 0.00 ? 103 GLN A HA   1 
ATOM 1623 H HB2  . GLN A 1 103 ? 2.067   -8.559  -8.491  1.00 0.00 ? 103 GLN A HB2  1 
ATOM 1624 H HB3  . GLN A 1 103 ? 2.655   -6.896  -8.544  1.00 0.00 ? 103 GLN A HB3  1 
ATOM 1625 H HG2  . GLN A 1 103 ? 4.871   -7.534  -8.680  1.00 0.00 ? 103 GLN A HG2  1 
ATOM 1626 H HG3  . GLN A 1 103 ? 4.600   -9.040  -7.803  1.00 0.00 ? 103 GLN A HG3  1 
ATOM 1627 H HE21 . GLN A 1 103 ? 5.809   -8.441  -10.593 1.00 0.00 ? 103 GLN A HE21 1 
ATOM 1628 H HE22 . GLN A 1 103 ? 4.966   -9.490  -11.628 1.00 0.00 ? 103 GLN A HE22 1 
ATOM 1629 N N    . LEU A 1 104 ? 1.494   -9.615  -5.590  1.00 0.00 ? 104 LEU A N    1 
ATOM 1630 C CA   . LEU A 1 104 ? 1.336   -10.981 -5.015  1.00 0.00 ? 104 LEU A CA   1 
ATOM 1631 C C    . LEU A 1 104 ? -0.094  -11.470 -5.242  1.00 0.00 ? 104 LEU A C    1 
ATOM 1632 O O    . LEU A 1 104 ? -0.861  -10.867 -5.966  1.00 0.00 ? 104 LEU A O    1 
ATOM 1633 C CB   . LEU A 1 104 ? 1.624   -10.936 -3.514  1.00 0.00 ? 104 LEU A CB   1 
ATOM 1634 C CG   . LEU A 1 104 ? 2.932   -11.672 -3.220  1.00 0.00 ? 104 LEU A CG   1 
ATOM 1635 C CD1  . LEU A 1 104 ? 3.772   -10.849 -2.242  1.00 0.00 ? 104 LEU A CD1  1 
ATOM 1636 C CD2  . LEU A 1 104 ? 2.620   -13.036 -2.602  1.00 0.00 ? 104 LEU A CD2  1 
ATOM 1637 H H    . LEU A 1 104 ? 0.723   -9.011  -5.637  1.00 0.00 ? 104 LEU A H    1 
ATOM 1638 H HA   . LEU A 1 104 ? 2.028   -11.657 -5.494  1.00 0.00 ? 104 LEU A HA   1 
ATOM 1639 H HB2  . LEU A 1 104 ? 1.710   -9.907  -3.195  1.00 0.00 ? 104 LEU A HB2  1 
ATOM 1640 H HB3  . LEU A 1 104 ? 0.817   -11.413 -2.978  1.00 0.00 ? 104 LEU A HB3  1 
ATOM 1641 H HG   . LEU A 1 104 ? 3.482   -11.808 -4.141  1.00 0.00 ? 104 LEU A HG   1 
ATOM 1642 H HD11 . LEU A 1 104 ? 3.611   -9.797  -2.425  1.00 0.00 ? 104 LEU A HD11 1 
ATOM 1643 H HD12 . LEU A 1 104 ? 3.481   -11.086 -1.229  1.00 0.00 ? 104 LEU A HD12 1 
ATOM 1644 H HD13 . LEU A 1 104 ? 4.817   -11.082 -2.380  1.00 0.00 ? 104 LEU A HD13 1 
ATOM 1645 H HD21 . LEU A 1 104 ? 1.643   -13.008 -2.142  1.00 0.00 ? 104 LEU A HD21 1 
ATOM 1646 H HD22 . LEU A 1 104 ? 2.634   -13.793 -3.373  1.00 0.00 ? 104 LEU A HD22 1 
ATOM 1647 H HD23 . LEU A 1 104 ? 3.363   -13.270 -1.853  1.00 0.00 ? 104 LEU A HD23 1 
ATOM 1648 N N    . ARG A 1 105 ? -0.458  -12.558 -4.625  1.00 0.00 ? 105 ARG A N    1 
ATOM 1649 C CA   . ARG A 1 105 ? -1.840  -13.089 -4.798  1.00 0.00 ? 105 ARG A CA   1 
ATOM 1650 C C    . ARG A 1 105 ? -2.619  -12.892 -3.494  1.00 0.00 ? 105 ARG A C    1 
ATOM 1651 O O    . ARG A 1 105 ? -2.291  -13.482 -2.485  1.00 0.00 ? 105 ARG A O    1 
ATOM 1652 C CB   . ARG A 1 105 ? -1.777  -14.580 -5.136  1.00 0.00 ? 105 ARG A CB   1 
ATOM 1653 C CG   . ARG A 1 105 ? -2.083  -14.780 -6.621  1.00 0.00 ? 105 ARG A CG   1 
ATOM 1654 C CD   . ARG A 1 105 ? -0.997  -15.653 -7.252  1.00 0.00 ? 105 ARG A CD   1 
ATOM 1655 N NE   . ARG A 1 105 ? -0.636  -16.753 -6.313  1.00 0.00 ? 105 ARG A NE   1 
ATOM 1656 C CZ   . ARG A 1 105 ? 0.376   -17.533 -6.578  1.00 0.00 ? 105 ARG A CZ   1 
ATOM 1657 N NH1  . ARG A 1 105 ? 1.131   -17.296 -7.617  1.00 0.00 ? 105 ARG A NH1  1 
ATOM 1658 N NH2  . ARG A 1 105 ? 0.635   -18.551 -5.803  1.00 0.00 ? 105 ARG A NH2  1 
ATOM 1659 H H    . ARG A 1 105 ? 0.177   -13.028 -4.044  1.00 0.00 ? 105 ARG A H    1 
ATOM 1660 H HA   . ARG A 1 105 ? -2.331  -12.557 -5.600  1.00 0.00 ? 105 ARG A HA   1 
ATOM 1661 H HB2  . ARG A 1 105 ? -0.789  -14.956 -4.916  1.00 0.00 ? 105 ARG A HB2  1 
ATOM 1662 H HB3  . ARG A 1 105 ? -2.506  -15.113 -4.544  1.00 0.00 ? 105 ARG A HB3  1 
ATOM 1663 H HG2  . ARG A 1 105 ? -3.043  -15.264 -6.729  1.00 0.00 ? 105 ARG A HG2  1 
ATOM 1664 H HG3  . ARG A 1 105 ? -2.104  -13.822 -7.117  1.00 0.00 ? 105 ARG A HG3  1 
ATOM 1665 H HD2  . ARG A 1 105 ? -1.366  -16.076 -8.176  1.00 0.00 ? 105 ARG A HD2  1 
ATOM 1666 H HD3  . ARG A 1 105 ? -0.124  -15.052 -7.455  1.00 0.00 ? 105 ARG A HD3  1 
ATOM 1667 H HE   . ARG A 1 105 ? -1.159  -16.890 -5.495  1.00 0.00 ? 105 ARG A HE   1 
ATOM 1668 H HH11 . ARG A 1 105 ? 0.933   -16.517 -8.211  1.00 0.00 ? 105 ARG A HH11 1 
ATOM 1669 H HH12 . ARG A 1 105 ? 1.906   -17.895 -7.819  1.00 0.00 ? 105 ARG A HH12 1 
ATOM 1670 H HH21 . ARG A 1 105 ? 0.059   -18.732 -5.006  1.00 0.00 ? 105 ARG A HH21 1 
ATOM 1671 H HH22 . ARG A 1 105 ? 1.412   -19.148 -6.005  1.00 0.00 ? 105 ARG A HH22 1 
ATOM 1672 N N    . PRO A 1 106 ? -3.626  -12.061 -3.557  1.00 0.00 ? 106 PRO A N    1 
ATOM 1673 C CA   . PRO A 1 106 ? -4.474  -11.752 -2.393  1.00 0.00 ? 106 PRO A CA   1 
ATOM 1674 C C    . PRO A 1 106 ? -5.471  -12.884 -2.130  1.00 0.00 ? 106 PRO A C    1 
ATOM 1675 O O    . PRO A 1 106 ? -5.279  -14.006 -2.555  1.00 0.00 ? 106 PRO A O    1 
ATOM 1676 C CB   . PRO A 1 106 ? -5.200  -10.471 -2.810  1.00 0.00 ? 106 PRO A CB   1 
ATOM 1677 C CG   . PRO A 1 106 ? -5.170  -10.435 -4.355  1.00 0.00 ? 106 PRO A CG   1 
ATOM 1678 C CD   . PRO A 1 106 ? -4.014  -11.352 -4.794  1.00 0.00 ? 106 PRO A CD   1 
ATOM 1679 H HA   . PRO A 1 106 ? -3.870  -11.564 -1.520  1.00 0.00 ? 106 PRO A HA   1 
ATOM 1680 H HB2  . PRO A 1 106 ? -6.222  -10.492 -2.455  1.00 0.00 ? 106 PRO A HB2  1 
ATOM 1681 H HB3  . PRO A 1 106 ? -4.688  -9.609  -2.416  1.00 0.00 ? 106 PRO A HB3  1 
ATOM 1682 H HG2  . PRO A 1 106 ? -6.109  -10.798 -4.752  1.00 0.00 ? 106 PRO A HG2  1 
ATOM 1683 H HG3  . PRO A 1 106 ? -4.987  -9.429  -4.699  1.00 0.00 ? 106 PRO A HG3  1 
ATOM 1684 H HD2  . PRO A 1 106 ? -4.354  -12.054 -5.544  1.00 0.00 ? 106 PRO A HD2  1 
ATOM 1685 H HD3  . PRO A 1 106 ? -3.187  -10.770 -5.165  1.00 0.00 ? 106 PRO A HD3  1 
ATOM 1686 N N    . THR A 1 107 ? -6.532  -12.593 -1.427  1.00 0.00 ? 107 THR A N    1 
ATOM 1687 C CA   . THR A 1 107 ? -7.547  -13.643 -1.126  1.00 0.00 ? 107 THR A CA   1 
ATOM 1688 C C    . THR A 1 107 ? -7.758  -14.526 -2.357  1.00 0.00 ? 107 THR A C    1 
ATOM 1689 O O    . THR A 1 107 ? -7.613  -14.087 -3.482  1.00 0.00 ? 107 THR A O    1 
ATOM 1690 C CB   . THR A 1 107 ? -8.869  -12.973 -0.744  1.00 0.00 ? 107 THR A CB   1 
ATOM 1691 O OG1  . THR A 1 107 ? -9.543  -12.554 -1.922  1.00 0.00 ? 107 THR A OG1  1 
ATOM 1692 C CG2  . THR A 1 107 ? -8.589  -11.760 0.146   1.00 0.00 ? 107 THR A CG2  1 
ATOM 1693 H H    . THR A 1 107 ? -6.659  -11.682 -1.094  1.00 0.00 ? 107 THR A H    1 
ATOM 1694 H HA   . THR A 1 107 ? -7.202  -14.251 -0.304  1.00 0.00 ? 107 THR A HA   1 
ATOM 1695 H HB   . THR A 1 107 ? -9.486  -13.675 -0.205  1.00 0.00 ? 107 THR A HB   1 
ATOM 1696 H HG1  . THR A 1 107 ? -10.326 -13.100 -2.026  1.00 0.00 ? 107 THR A HG1  1 
ATOM 1697 H HG21 . THR A 1 107 ? -7.791  -11.996 0.835   1.00 0.00 ? 107 THR A HG21 1 
ATOM 1698 H HG22 . THR A 1 107 ? -8.297  -10.922 -0.470  1.00 0.00 ? 107 THR A HG22 1 
ATOM 1699 H HG23 . THR A 1 107 ? -9.479  -11.506 0.700   1.00 0.00 ? 107 THR A HG23 1 
ATOM 1700 N N    . MET A 1 108 ? -8.098  -15.769 -2.154  1.00 0.00 ? 108 MET A N    1 
ATOM 1701 C CA   . MET A 1 108 ? -8.318  -16.682 -3.312  1.00 0.00 ? 108 MET A CA   1 
ATOM 1702 C C    . MET A 1 108 ? -9.782  -16.608 -3.750  1.00 0.00 ? 108 MET A C    1 
ATOM 1703 O O    . MET A 1 108 ? -10.155 -17.112 -4.791  1.00 0.00 ? 108 MET A O    1 
ATOM 1704 C CB   . MET A 1 108 ? -7.982  -18.117 -2.899  1.00 0.00 ? 108 MET A CB   1 
ATOM 1705 C CG   . MET A 1 108 ? -6.556  -18.454 -3.339  1.00 0.00 ? 108 MET A CG   1 
ATOM 1706 S SD   . MET A 1 108 ? -6.337  -20.251 -3.351  1.00 0.00 ? 108 MET A SD   1 
ATOM 1707 C CE   . MET A 1 108 ? -5.552  -20.394 -1.727  1.00 0.00 ? 108 MET A CE   1 
ATOM 1708 H H    . MET A 1 108 ? -8.208  -16.104 -1.240  1.00 0.00 ? 108 MET A H    1 
ATOM 1709 H HA   . MET A 1 108 ? -7.681  -16.384 -4.131  1.00 0.00 ? 108 MET A HA   1 
ATOM 1710 H HB2  . MET A 1 108 ? -8.059  -18.211 -1.826  1.00 0.00 ? 108 MET A HB2  1 
ATOM 1711 H HB3  . MET A 1 108 ? -8.672  -18.799 -3.372  1.00 0.00 ? 108 MET A HB3  1 
ATOM 1712 H HG2  . MET A 1 108 ? -6.383  -18.064 -4.332  1.00 0.00 ? 108 MET A HG2  1 
ATOM 1713 H HG3  . MET A 1 108 ? -5.851  -18.010 -2.650  1.00 0.00 ? 108 MET A HG3  1 
ATOM 1714 H HE1  . MET A 1 108 ? -6.128  -19.837 -1.000  1.00 0.00 ? 108 MET A HE1  1 
ATOM 1715 H HE2  . MET A 1 108 ? -5.514  -21.430 -1.435  1.00 0.00 ? 108 MET A HE2  1 
ATOM 1716 H HE3  . MET A 1 108 ? -4.548  -19.998 -1.777  1.00 0.00 ? 108 MET A HE3  1 
ATOM 1717 N N    . LYS A 1 109 ? -10.615 -15.984 -2.963  1.00 0.00 ? 109 LYS A N    1 
ATOM 1718 C CA   . LYS A 1 109 ? -12.054 -15.879 -3.336  1.00 0.00 ? 109 LYS A CA   1 
ATOM 1719 C C    . LYS A 1 109 ? -12.301 -14.546 -4.046  1.00 0.00 ? 109 LYS A C    1 
ATOM 1720 O O    . LYS A 1 109 ? -12.215 -13.523 -3.389  1.00 0.00 ? 109 LYS A O    1 
ATOM 1721 C CB   . LYS A 1 109 ? -12.916 -15.951 -2.074  1.00 0.00 ? 109 LYS A CB   1 
ATOM 1722 C CG   . LYS A 1 109 ? -12.733 -17.317 -1.409  1.00 0.00 ? 109 LYS A CG   1 
ATOM 1723 C CD   . LYS A 1 109 ? -14.091 -17.840 -0.935  1.00 0.00 ? 109 LYS A CD   1 
ATOM 1724 C CE   . LYS A 1 109 ? -14.869 -18.395 -2.129  1.00 0.00 ? 109 LYS A CE   1 
ATOM 1725 N NZ   . LYS A 1 109 ? -16.221 -17.768 -2.174  1.00 0.00 ? 109 LYS A NZ   1 
ATOM 1726 O OXT  . LYS A 1 109 ? -12.573 -14.573 -5.236  1.00 0.00 ? 109 LYS A OXT  1 
ATOM 1727 H H    . LYS A 1 109 ? -10.296 -15.584 -2.128  1.00 0.00 ? 109 LYS A H    1 
ATOM 1728 H HA   . LYS A 1 109 ? -12.316 -16.693 -3.997  1.00 0.00 ? 109 LYS A HA   1 
ATOM 1729 H HB2  . LYS A 1 109 ? -12.614 -15.172 -1.388  1.00 0.00 ? 109 LYS A HB2  1 
ATOM 1730 H HB3  . LYS A 1 109 ? -13.954 -15.817 -2.338  1.00 0.00 ? 109 LYS A HB3  1 
ATOM 1731 H HG2  . LYS A 1 109 ? -12.307 -18.009 -2.120  1.00 0.00 ? 109 LYS A HG2  1 
ATOM 1732 H HG3  . LYS A 1 109 ? -12.071 -17.219 -0.560  1.00 0.00 ? 109 LYS A HG3  1 
ATOM 1733 H HD2  . LYS A 1 109 ? -13.940 -18.624 -0.208  1.00 0.00 ? 109 LYS A HD2  1 
ATOM 1734 H HD3  . LYS A 1 109 ? -14.650 -17.034 -0.486  1.00 0.00 ? 109 LYS A HD3  1 
ATOM 1735 H HE2  . LYS A 1 109 ? -14.337 -18.168 -3.042  1.00 0.00 ? 109 LYS A HE2  1 
ATOM 1736 H HE3  . LYS A 1 109 ? -14.971 -19.464 -2.028  1.00 0.00 ? 109 LYS A HE3  1 
ATOM 1737 H HZ1  . LYS A 1 109 ? -16.199 -16.859 -1.672  1.00 0.00 ? 109 LYS A HZ1  1 
ATOM 1738 H HZ2  . LYS A 1 109 ? -16.497 -17.608 -3.164  1.00 0.00 ? 109 LYS A HZ2  1 
ATOM 1739 H HZ3  . LYS A 1 109 ? -16.910 -18.401 -1.720  1.00 0.00 ? 109 LYS A HZ3  1 
# 
